data_2QVM
# 
_entry.id   2QVM 
# 
_audit_conform.dict_name       mmcif_pdbx.dic 
_audit_conform.dict_version    5.377 
_audit_conform.dict_location   http://mmcif.pdb.org/dictionaries/ascii/mmcif_pdbx.dic 
# 
loop_
_database_2.database_id 
_database_2.database_code 
_database_2.pdbx_database_accession 
_database_2.pdbx_DOI 
PDB   2QVM         pdb_00002qvm 10.2210/pdb2qvm/pdb 
RCSB  RCSB044111   ?            ?                   
WWPDB D_1000044111 ?            ?                   
# 
loop_
_pdbx_database_related.db_name 
_pdbx_database_related.db_id 
_pdbx_database_related.details 
_pdbx_database_related.content_type 
PDB 2DPK . unspecified 
PDB 2FWU . unspecified 
PDB 2QVK . unspecified 
# 
_pdbx_database_status.entry_id                        2QVM 
_pdbx_database_status.status_code                     REL 
_pdbx_database_status.status_code_sf                  REL 
_pdbx_database_status.deposit_site                    RCSB 
_pdbx_database_status.process_site                    RCSB 
_pdbx_database_status.recvd_initial_deposition_date   2007-08-08 
_pdbx_database_status.SG_entry                        N 
_pdbx_database_status.status_code_mr                  ? 
_pdbx_database_status.pdb_format_compatible           Y 
_pdbx_database_status.status_code_cs                  ? 
_pdbx_database_status.status_code_nmr_data            ? 
_pdbx_database_status.methods_development_category    ? 
# 
loop_
_audit_author.name 
_audit_author.pdbx_ordinal 
'Chaptal, V.'          1 
'Mercado Besserer, G.' 2 
'Abramson, J.'         3 
'Cascio, D.'           4 
# 
_citation.id                        primary 
_citation.title                     
'The second Ca2+-binding domain of the Na+ Ca2+ exchanger is essential for regulation: crystal structures and mutational analysis' 
_citation.journal_abbrev            Proc.Natl.Acad.Sci.Usa 
_citation.journal_volume            104 
_citation.page_first                18467 
_citation.page_last                 18472 
_citation.year                      2007 
_citation.journal_id_ASTM           PNASA6 
_citation.country                   US 
_citation.journal_id_ISSN           0027-8424 
_citation.journal_id_CSD            0040 
_citation.book_publisher            ? 
_citation.pdbx_database_id_PubMed   17962412 
_citation.pdbx_database_id_DOI      10.1073/pnas.0707417104 
# 
loop_
_citation_author.citation_id 
_citation_author.name 
_citation_author.ordinal 
_citation_author.identifier_ORCID 
primary 'Mercado Besserer, G.' 1 ? 
primary 'Ottolia, M.'          2 ? 
primary 'Nicoll, D.A.'         3 ? 
primary 'Chaptal, V.'          4 ? 
primary 'Cascio, D.'           5 ? 
primary 'Philipson, K.D.'      6 ? 
primary 'Abramson, J.'         7 ? 
# 
_cell.entry_id           2QVM 
_cell.length_a           86.030 
_cell.length_b           59.232 
_cell.length_c           22.592 
_cell.angle_alpha        90.00 
_cell.angle_beta         90.00 
_cell.angle_gamma        90.00 
_cell.Z_PDB              4 
_cell.pdbx_unique_axis   ? 
_cell.length_a_esd       ? 
_cell.length_b_esd       ? 
_cell.length_c_esd       ? 
_cell.angle_alpha_esd    ? 
_cell.angle_beta_esd     ? 
_cell.angle_gamma_esd    ? 
# 
_symmetry.entry_id                         2QVM 
_symmetry.space_group_name_H-M             'P 21 21 2' 
_symmetry.pdbx_full_space_group_name_H-M   ? 
_symmetry.Int_Tables_number                18 
_symmetry.cell_setting                     ? 
_symmetry.space_group_name_Hall            ? 
# 
loop_
_entity.id 
_entity.type 
_entity.src_method 
_entity.pdbx_description 
_entity.formula_weight 
_entity.pdbx_number_of_molecules 
_entity.pdbx_ec 
_entity.pdbx_mutation 
_entity.pdbx_fragment 
_entity.details 
1 polymer     man 'Sodium/calcium exchanger 1' 21648.385 1   ? ? ? ? 
2 non-polymer syn 'CALCIUM ION'                40.078    2   ? ? ? ? 
3 water       nat water                        18.015    105 ? ? ? ? 
# 
_entity_name_com.entity_id   1 
_entity_name_com.name        'CBD2; Na(+)/Ca(2+)-exchange protein 1' 
# 
_entity_poly.entity_id                      1 
_entity_poly.type                           'polypeptide(L)' 
_entity_poly.nstd_linkage                   no 
_entity_poly.nstd_monomer                   no 
_entity_poly.pdbx_seq_one_letter_code       
;GPGHAGIFTFEEPVTHVSESIGIMEVKVLRTSGARGNVIVPYKTIEGTARGGGEDFEDTCGELEFQNDEIVKTISVKVID
DEEYEKNKTFFLEIGEPRLVEMSEKKALLLNELGGFTITGKYLYGQPVFRKVHAREHPIPSTVITIAEEYDDKQPLTSKE
EEERRIAEMGRPILGEHTKLEVIIEESYEFKS
;
_entity_poly.pdbx_seq_one_letter_code_can   
;GPGHAGIFTFEEPVTHVSESIGIMEVKVLRTSGARGNVIVPYKTIEGTARGGGEDFEDTCGELEFQNDEIVKTISVKVID
DEEYEKNKTFFLEIGEPRLVEMSEKKALLLNELGGFTITGKYLYGQPVFRKVHAREHPIPSTVITIAEEYDDKQPLTSKE
EEERRIAEMGRPILGEHTKLEVIIEESYEFKS
;
_entity_poly.pdbx_strand_id                 A 
_entity_poly.pdbx_target_identifier         ? 
# 
loop_
_entity_poly_seq.entity_id 
_entity_poly_seq.num 
_entity_poly_seq.mon_id 
_entity_poly_seq.hetero 
1 1   GLY n 
1 2   PRO n 
1 3   GLY n 
1 4   HIS n 
1 5   ALA n 
1 6   GLY n 
1 7   ILE n 
1 8   PHE n 
1 9   THR n 
1 10  PHE n 
1 11  GLU n 
1 12  GLU n 
1 13  PRO n 
1 14  VAL n 
1 15  THR n 
1 16  HIS n 
1 17  VAL n 
1 18  SER n 
1 19  GLU n 
1 20  SER n 
1 21  ILE n 
1 22  GLY n 
1 23  ILE n 
1 24  MET n 
1 25  GLU n 
1 26  VAL n 
1 27  LYS n 
1 28  VAL n 
1 29  LEU n 
1 30  ARG n 
1 31  THR n 
1 32  SER n 
1 33  GLY n 
1 34  ALA n 
1 35  ARG n 
1 36  GLY n 
1 37  ASN n 
1 38  VAL n 
1 39  ILE n 
1 40  VAL n 
1 41  PRO n 
1 42  TYR n 
1 43  LYS n 
1 44  THR n 
1 45  ILE n 
1 46  GLU n 
1 47  GLY n 
1 48  THR n 
1 49  ALA n 
1 50  ARG n 
1 51  GLY n 
1 52  GLY n 
1 53  GLY n 
1 54  GLU n 
1 55  ASP n 
1 56  PHE n 
1 57  GLU n 
1 58  ASP n 
1 59  THR n 
1 60  CYS n 
1 61  GLY n 
1 62  GLU n 
1 63  LEU n 
1 64  GLU n 
1 65  PHE n 
1 66  GLN n 
1 67  ASN n 
1 68  ASP n 
1 69  GLU n 
1 70  ILE n 
1 71  VAL n 
1 72  LYS n 
1 73  THR n 
1 74  ILE n 
1 75  SER n 
1 76  VAL n 
1 77  LYS n 
1 78  VAL n 
1 79  ILE n 
1 80  ASP n 
1 81  ASP n 
1 82  GLU n 
1 83  GLU n 
1 84  TYR n 
1 85  GLU n 
1 86  LYS n 
1 87  ASN n 
1 88  LYS n 
1 89  THR n 
1 90  PHE n 
1 91  PHE n 
1 92  LEU n 
1 93  GLU n 
1 94  ILE n 
1 95  GLY n 
1 96  GLU n 
1 97  PRO n 
1 98  ARG n 
1 99  LEU n 
1 100 VAL n 
1 101 GLU n 
1 102 MET n 
1 103 SER n 
1 104 GLU n 
1 105 LYS n 
1 106 LYS n 
1 107 ALA n 
1 108 LEU n 
1 109 LEU n 
1 110 LEU n 
1 111 ASN n 
1 112 GLU n 
1 113 LEU n 
1 114 GLY n 
1 115 GLY n 
1 116 PHE n 
1 117 THR n 
1 118 ILE n 
1 119 THR n 
1 120 GLY n 
1 121 LYS n 
1 122 TYR n 
1 123 LEU n 
1 124 TYR n 
1 125 GLY n 
1 126 GLN n 
1 127 PRO n 
1 128 VAL n 
1 129 PHE n 
1 130 ARG n 
1 131 LYS n 
1 132 VAL n 
1 133 HIS n 
1 134 ALA n 
1 135 ARG n 
1 136 GLU n 
1 137 HIS n 
1 138 PRO n 
1 139 ILE n 
1 140 PRO n 
1 141 SER n 
1 142 THR n 
1 143 VAL n 
1 144 ILE n 
1 145 THR n 
1 146 ILE n 
1 147 ALA n 
1 148 GLU n 
1 149 GLU n 
1 150 TYR n 
1 151 ASP n 
1 152 ASP n 
1 153 LYS n 
1 154 GLN n 
1 155 PRO n 
1 156 LEU n 
1 157 THR n 
1 158 SER n 
1 159 LYS n 
1 160 GLU n 
1 161 GLU n 
1 162 GLU n 
1 163 GLU n 
1 164 ARG n 
1 165 ARG n 
1 166 ILE n 
1 167 ALA n 
1 168 GLU n 
1 169 MET n 
1 170 GLY n 
1 171 ARG n 
1 172 PRO n 
1 173 ILE n 
1 174 LEU n 
1 175 GLY n 
1 176 GLU n 
1 177 HIS n 
1 178 THR n 
1 179 LYS n 
1 180 LEU n 
1 181 GLU n 
1 182 VAL n 
1 183 ILE n 
1 184 ILE n 
1 185 GLU n 
1 186 GLU n 
1 187 SER n 
1 188 TYR n 
1 189 GLU n 
1 190 PHE n 
1 191 LYS n 
1 192 SER n 
# 
_entity_src_gen.entity_id                          1 
_entity_src_gen.pdbx_src_id                        1 
_entity_src_gen.pdbx_alt_source_flag               sample 
_entity_src_gen.pdbx_seq_type                      ? 
_entity_src_gen.pdbx_beg_seq_num                   ? 
_entity_src_gen.pdbx_end_seq_num                   ? 
_entity_src_gen.gene_src_common_name               dog 
_entity_src_gen.gene_src_genus                     Canis 
_entity_src_gen.pdbx_gene_src_gene                 SLC8A1 
_entity_src_gen.gene_src_species                   'Canis lupus' 
_entity_src_gen.gene_src_strain                    familiaris 
_entity_src_gen.gene_src_tissue                    ? 
_entity_src_gen.gene_src_tissue_fraction           ? 
_entity_src_gen.gene_src_details                   ? 
_entity_src_gen.pdbx_gene_src_fragment             ? 
_entity_src_gen.pdbx_gene_src_scientific_name      'Canis lupus familiaris' 
_entity_src_gen.pdbx_gene_src_ncbi_taxonomy_id     9615 
_entity_src_gen.pdbx_gene_src_variant              ? 
_entity_src_gen.pdbx_gene_src_cell_line            ? 
_entity_src_gen.pdbx_gene_src_atcc                 ? 
_entity_src_gen.pdbx_gene_src_organ                ? 
_entity_src_gen.pdbx_gene_src_organelle            ? 
_entity_src_gen.pdbx_gene_src_cell                 ? 
_entity_src_gen.pdbx_gene_src_cellular_location    ? 
_entity_src_gen.host_org_common_name               ? 
_entity_src_gen.pdbx_host_org_scientific_name      'Escherichia coli' 
_entity_src_gen.pdbx_host_org_ncbi_taxonomy_id     562 
_entity_src_gen.host_org_genus                     Escherichia 
_entity_src_gen.pdbx_host_org_gene                 ? 
_entity_src_gen.pdbx_host_org_organ                ? 
_entity_src_gen.host_org_species                   ? 
_entity_src_gen.pdbx_host_org_tissue               ? 
_entity_src_gen.pdbx_host_org_tissue_fraction      ? 
_entity_src_gen.pdbx_host_org_strain               ? 
_entity_src_gen.pdbx_host_org_variant              ? 
_entity_src_gen.pdbx_host_org_cell_line            ? 
_entity_src_gen.pdbx_host_org_atcc                 ? 
_entity_src_gen.pdbx_host_org_culture_collection   ? 
_entity_src_gen.pdbx_host_org_cell                 ? 
_entity_src_gen.pdbx_host_org_organelle            ? 
_entity_src_gen.pdbx_host_org_cellular_location    ? 
_entity_src_gen.pdbx_host_org_vector_type          plasmid 
_entity_src_gen.pdbx_host_org_vector               ? 
_entity_src_gen.host_org_details                   ? 
_entity_src_gen.expression_system_id               ? 
_entity_src_gen.plasmid_name                       pET47 
_entity_src_gen.plasmid_details                    ? 
_entity_src_gen.pdbx_description                   ? 
# 
_struct_ref.id                         1 
_struct_ref.entity_id                  1 
_struct_ref.db_name                    UNP 
_struct_ref.db_code                    NAC1_CANFA 
_struct_ref.pdbx_db_accession          P23685 
_struct_ref.pdbx_align_begin           533 
_struct_ref.pdbx_seq_one_letter_code   
;HAGIFTFEEPVTHVSESIGIMEVKVLRTSGARGNVIVPYKTIEGTARGGGEDFEDTCGELEFQNDEIVKTISVKVIDDEE
YEKNKTFFLEIGEPRLVEMSEKKALLLNELGGFTITGKYLYGQPVFRKVHAREHPIPSTVITIAEEYDDKQPLTSKEEEE
RRIAEMGRPILGEHTKLEVIIEESYEFKS
;
_struct_ref.pdbx_db_isoform            ? 
# 
_struct_ref_seq.align_id                      1 
_struct_ref_seq.ref_id                        1 
_struct_ref_seq.pdbx_PDB_id_code              2QVM 
_struct_ref_seq.pdbx_strand_id                A 
_struct_ref_seq.seq_align_beg                 4 
_struct_ref_seq.pdbx_seq_align_beg_ins_code   ? 
_struct_ref_seq.seq_align_end                 192 
_struct_ref_seq.pdbx_seq_align_end_ins_code   ? 
_struct_ref_seq.pdbx_db_accession             P23685 
_struct_ref_seq.db_align_beg                  533 
_struct_ref_seq.pdbx_db_align_beg_ins_code    ? 
_struct_ref_seq.db_align_end                  721 
_struct_ref_seq.pdbx_db_align_end_ins_code    ? 
_struct_ref_seq.pdbx_auth_seq_align_beg       501 
_struct_ref_seq.pdbx_auth_seq_align_end       654 
# 
loop_
_struct_ref_seq_dif.align_id 
_struct_ref_seq_dif.pdbx_pdb_id_code 
_struct_ref_seq_dif.mon_id 
_struct_ref_seq_dif.pdbx_pdb_strand_id 
_struct_ref_seq_dif.seq_num 
_struct_ref_seq_dif.pdbx_pdb_ins_code 
_struct_ref_seq_dif.pdbx_seq_db_name 
_struct_ref_seq_dif.pdbx_seq_db_accession_code 
_struct_ref_seq_dif.db_mon_id 
_struct_ref_seq_dif.pdbx_seq_db_seq_num 
_struct_ref_seq_dif.details 
_struct_ref_seq_dif.pdbx_auth_seq_num 
_struct_ref_seq_dif.pdbx_ordinal 
1 2QVM GLY A 1 ? UNP P23685 ? ? 'expression tag' 498 1 
1 2QVM PRO A 2 ? UNP P23685 ? ? 'expression tag' 499 2 
1 2QVM GLY A 3 ? UNP P23685 ? ? 'expression tag' 500 3 
# 
loop_
_chem_comp.id 
_chem_comp.type 
_chem_comp.mon_nstd_flag 
_chem_comp.name 
_chem_comp.pdbx_synonyms 
_chem_comp.formula 
_chem_comp.formula_weight 
ALA 'L-peptide linking' y ALANINE         ? 'C3 H7 N O2'     89.093  
ARG 'L-peptide linking' y ARGININE        ? 'C6 H15 N4 O2 1' 175.209 
ASN 'L-peptide linking' y ASPARAGINE      ? 'C4 H8 N2 O3'    132.118 
ASP 'L-peptide linking' y 'ASPARTIC ACID' ? 'C4 H7 N O4'     133.103 
CA  non-polymer         . 'CALCIUM ION'   ? 'Ca 2'           40.078  
CYS 'L-peptide linking' y CYSTEINE        ? 'C3 H7 N O2 S'   121.158 
GLN 'L-peptide linking' y GLUTAMINE       ? 'C5 H10 N2 O3'   146.144 
GLU 'L-peptide linking' y 'GLUTAMIC ACID' ? 'C5 H9 N O4'     147.129 
GLY 'peptide linking'   y GLYCINE         ? 'C2 H5 N O2'     75.067  
HIS 'L-peptide linking' y HISTIDINE       ? 'C6 H10 N3 O2 1' 156.162 
HOH non-polymer         . WATER           ? 'H2 O'           18.015  
ILE 'L-peptide linking' y ISOLEUCINE      ? 'C6 H13 N O2'    131.173 
LEU 'L-peptide linking' y LEUCINE         ? 'C6 H13 N O2'    131.173 
LYS 'L-peptide linking' y LYSINE          ? 'C6 H15 N2 O2 1' 147.195 
MET 'L-peptide linking' y METHIONINE      ? 'C5 H11 N O2 S'  149.211 
PHE 'L-peptide linking' y PHENYLALANINE   ? 'C9 H11 N O2'    165.189 
PRO 'L-peptide linking' y PROLINE         ? 'C5 H9 N O2'     115.130 
SER 'L-peptide linking' y SERINE          ? 'C3 H7 N O3'     105.093 
THR 'L-peptide linking' y THREONINE       ? 'C4 H9 N O3'     119.119 
TYR 'L-peptide linking' y TYROSINE        ? 'C9 H11 N O3'    181.189 
VAL 'L-peptide linking' y VALINE          ? 'C5 H11 N O2'    117.146 
# 
_exptl.entry_id          2QVM 
_exptl.method            'X-RAY DIFFRACTION' 
_exptl.crystals_number   1 
# 
_exptl_crystal.id                    1 
_exptl_crystal.density_meas          ? 
_exptl_crystal.density_Matthews      1.97 
_exptl_crystal.density_percent_sol   36.9 
_exptl_crystal.description           ? 
_exptl_crystal.F_000                 ? 
_exptl_crystal.preparation           ? 
# 
_exptl_crystal_grow.crystal_id      1 
_exptl_crystal_grow.method          'VAPOR DIFFUSION, HANGING DROP' 
_exptl_crystal_grow.temp            293 
_exptl_crystal_grow.temp_details    ? 
_exptl_crystal_grow.pH              6.3 
_exptl_crystal_grow.pdbx_details    
'21% (w/v) PEG-3350, 0.1 M HEPES (pH 6.3), CBD2 at 15 mg/ml, VAPOR DIFFUSION, HANGING DROP, temperature 293K' 
_exptl_crystal_grow.pdbx_pH_range   . 
# 
_diffrn.id                     1 
_diffrn.ambient_temp           100 
_diffrn.ambient_temp_details   ? 
_diffrn.crystal_id             1 
# 
_diffrn_detector.diffrn_id              1 
_diffrn_detector.detector               CCD 
_diffrn_detector.type                   'ADSC QUANTUM 315' 
_diffrn_detector.pdbx_collection_date   2007-04-27 
_diffrn_detector.details                ? 
# 
_diffrn_radiation.diffrn_id                        1 
_diffrn_radiation.wavelength_id                    1 
_diffrn_radiation.pdbx_monochromatic_or_laue_m_l   M 
_diffrn_radiation.monochromator                    ? 
_diffrn_radiation.pdbx_diffrn_protocol             'SINGLE WAVELENGTH' 
_diffrn_radiation.pdbx_scattering_type             x-ray 
# 
_diffrn_radiation_wavelength.id           1 
_diffrn_radiation_wavelength.wavelength   1.0 
_diffrn_radiation_wavelength.wt           1.0 
# 
_diffrn_source.diffrn_id                   1 
_diffrn_source.source                      SYNCHROTRON 
_diffrn_source.type                        'ALS BEAMLINE 8.2.1' 
_diffrn_source.pdbx_synchrotron_site       ALS 
_diffrn_source.pdbx_synchrotron_beamline   8.2.1 
_diffrn_source.pdbx_wavelength             ? 
_diffrn_source.pdbx_wavelength_list        1.0 
# 
_reflns.entry_id                     2QVM 
_reflns.observed_criterion_sigma_F   ? 
_reflns.observed_criterion_sigma_I   ? 
_reflns.d_resolution_high            1.703 
_reflns.d_resolution_low             48.80 
_reflns.number_all                   ? 
_reflns.number_obs                   12622 
_reflns.percent_possible_obs         99.8 
_reflns.pdbx_Rmerge_I_obs            0.069 
_reflns.pdbx_Rsym_value              ? 
_reflns.pdbx_netI_over_sigmaI        25.4 
_reflns.B_iso_Wilson_estimate        ? 
_reflns.pdbx_redundancy              12.8 
_reflns.R_free_details               ? 
_reflns.limit_h_max                  ? 
_reflns.limit_h_min                  ? 
_reflns.limit_k_max                  ? 
_reflns.limit_k_min                  ? 
_reflns.limit_l_max                  ? 
_reflns.limit_l_min                  ? 
_reflns.observed_criterion_F_max     ? 
_reflns.observed_criterion_F_min     ? 
_reflns.pdbx_chi_squared             ? 
_reflns.pdbx_scaling_rejects         ? 
_reflns.pdbx_diffrn_id               1 
_reflns.pdbx_ordinal                 1 
# 
_reflns_shell.d_res_high             1.703 
_reflns_shell.d_res_low              1.76 
_reflns_shell.percent_possible_all   98.2 
_reflns_shell.Rmerge_I_obs           0.489 
_reflns_shell.pdbx_Rsym_value        ? 
_reflns_shell.meanI_over_sigI_obs    3 
_reflns_shell.pdbx_redundancy        8.3 
_reflns_shell.percent_possible_obs   ? 
_reflns_shell.number_unique_all      ? 
_reflns_shell.number_measured_all    ? 
_reflns_shell.number_measured_obs    ? 
_reflns_shell.number_unique_obs      ? 
_reflns_shell.pdbx_chi_squared       ? 
_reflns_shell.pdbx_diffrn_id         ? 
_reflns_shell.pdbx_ordinal           1 
# 
_refine.entry_id                                 2QVM 
_refine.ls_number_reflns_obs                     12622 
_refine.ls_number_reflns_all                     ? 
_refine.pdbx_ls_sigma_I                          ? 
_refine.pdbx_ls_sigma_F                          ? 
_refine.pdbx_data_cutoff_high_absF               ? 
_refine.pdbx_data_cutoff_low_absF                ? 
_refine.pdbx_data_cutoff_high_rms_absF           ? 
_refine.ls_d_res_low                             48.80 
_refine.ls_d_res_high                            1.703 
_refine.ls_percent_reflns_obs                    99.67 
_refine.ls_R_factor_obs                          0.18635 
_refine.ls_R_factor_all                          ? 
_refine.ls_R_factor_R_work                       0.18469 
_refine.ls_R_factor_R_free                       0.21926 
_refine.ls_R_factor_R_free_error                 ? 
_refine.ls_R_factor_R_free_error_details         ? 
_refine.ls_percent_reflns_R_free                 4.9 
_refine.ls_number_reflns_R_free                  656 
_refine.ls_number_parameters                     ? 
_refine.ls_number_restraints                     ? 
_refine.occupancy_min                            ? 
_refine.occupancy_max                            ? 
_refine.correlation_coeff_Fo_to_Fc               0.954 
_refine.correlation_coeff_Fo_to_Fc_free          0.936 
_refine.B_iso_mean                               16.660 
_refine.aniso_B[1][1]                            -0.37 
_refine.aniso_B[2][2]                            0.86 
_refine.aniso_B[3][3]                            -0.48 
_refine.aniso_B[1][2]                            0.00 
_refine.aniso_B[1][3]                            0.00 
_refine.aniso_B[2][3]                            0.00 
_refine.solvent_model_details                    MASK 
_refine.solvent_model_param_ksol                 ? 
_refine.solvent_model_param_bsol                 ? 
_refine.pdbx_solvent_vdw_probe_radii             1.40 
_refine.pdbx_solvent_ion_probe_radii             0.80 
_refine.pdbx_solvent_shrinkage_radii             0.80 
_refine.pdbx_ls_cross_valid_method               THROUGHOUT 
_refine.details                                  'HYDROGENS HAVE BEEN ADDED IN THE RIDING POSITIONS' 
_refine.pdbx_starting_model                      2QVK 
_refine.pdbx_method_to_determine_struct          'MOLECULAR REPLACEMENT' 
_refine.pdbx_isotropic_thermal_model             ? 
_refine.pdbx_stereochemistry_target_values       'MAXIMUM LIKELIHOOD' 
_refine.pdbx_stereochem_target_val_spec_case     ? 
_refine.pdbx_R_Free_selection_details            RANDOM 
_refine.pdbx_overall_ESU_R                       0.113 
_refine.pdbx_overall_ESU_R_Free                  0.110 
_refine.overall_SU_ML                            0.071 
_refine.overall_SU_B                             2.138 
_refine.ls_redundancy_reflns_obs                 ? 
_refine.B_iso_min                                ? 
_refine.B_iso_max                                ? 
_refine.overall_SU_R_Cruickshank_DPI             ? 
_refine.overall_SU_R_free                        ? 
_refine.ls_wR_factor_R_free                      ? 
_refine.ls_wR_factor_R_work                      ? 
_refine.overall_FOM_free_R_set                   ? 
_refine.overall_FOM_work_R_set                   ? 
_refine.pdbx_refine_id                           'X-RAY DIFFRACTION' 
_refine.pdbx_diffrn_id                           1 
_refine.pdbx_TLS_residual_ADP_flag               ? 
_refine.pdbx_overall_phase_error                 ? 
_refine.pdbx_overall_SU_R_free_Cruickshank_DPI   ? 
_refine.pdbx_overall_SU_R_Blow_DPI               ? 
_refine.pdbx_overall_SU_R_free_Blow_DPI          ? 
# 
_refine_hist.pdbx_refine_id                   'X-RAY DIFFRACTION' 
_refine_hist.cycle_id                         LAST 
_refine_hist.pdbx_number_atoms_protein        939 
_refine_hist.pdbx_number_atoms_nucleic_acid   0 
_refine_hist.pdbx_number_atoms_ligand         2 
_refine_hist.number_atoms_solvent             105 
_refine_hist.number_atoms_total               1046 
_refine_hist.d_res_high                       1.703 
_refine_hist.d_res_low                        48.80 
# 
loop_
_refine_ls_restr.type 
_refine_ls_restr.dev_ideal 
_refine_ls_restr.dev_ideal_target 
_refine_ls_restr.weight 
_refine_ls_restr.number 
_refine_ls_restr.pdbx_refine_id 
_refine_ls_restr.pdbx_restraint_function 
r_bond_refined_d         0.014  0.022  ? 964  'X-RAY DIFFRACTION' ? 
r_angle_refined_deg      1.448  1.971  ? 1310 'X-RAY DIFFRACTION' ? 
r_dihedral_angle_1_deg   6.528  5.000  ? 127  'X-RAY DIFFRACTION' ? 
r_dihedral_angle_2_deg   33.449 25.319 ? 47   'X-RAY DIFFRACTION' ? 
r_dihedral_angle_3_deg   12.253 15.000 ? 176  'X-RAY DIFFRACTION' ? 
r_dihedral_angle_4_deg   13.454 15.000 ? 5    'X-RAY DIFFRACTION' ? 
r_chiral_restr           0.108  0.200  ? 151  'X-RAY DIFFRACTION' ? 
r_gen_planes_refined     0.005  0.020  ? 729  'X-RAY DIFFRACTION' ? 
r_nbd_refined            0.210  0.200  ? 407  'X-RAY DIFFRACTION' ? 
r_nbtor_refined          0.308  0.200  ? 662  'X-RAY DIFFRACTION' ? 
r_xyhbond_nbd_refined    0.106  0.200  ? 71   'X-RAY DIFFRACTION' ? 
r_metal_ion_refined      0.057  0.200  ? 7    'X-RAY DIFFRACTION' ? 
r_symmetry_vdw_refined   0.238  0.200  ? 40   'X-RAY DIFFRACTION' ? 
r_symmetry_hbond_refined 0.111  0.200  ? 19   'X-RAY DIFFRACTION' ? 
r_mcbond_it              1.213  1.500  ? 611  'X-RAY DIFFRACTION' ? 
r_mcangle_it             1.757  2.000  ? 972  'X-RAY DIFFRACTION' ? 
r_scbond_it              3.178  3.000  ? 387  'X-RAY DIFFRACTION' ? 
r_scangle_it             5.345  4.500  ? 332  'X-RAY DIFFRACTION' ? 
# 
_refine_ls_shell.pdbx_total_number_of_bins_used   20 
_refine_ls_shell.d_res_high                       1.703 
_refine_ls_shell.d_res_low                        1.747 
_refine_ls_shell.number_reflns_R_work             894 
_refine_ls_shell.R_factor_R_work                  0.264 
_refine_ls_shell.percent_reflns_obs               96.33 
_refine_ls_shell.R_factor_R_free                  0.331 
_refine_ls_shell.R_factor_R_free_error            ? 
_refine_ls_shell.percent_reflns_R_free            ? 
_refine_ls_shell.number_reflns_R_free             52 
_refine_ls_shell.number_reflns_all                ? 
_refine_ls_shell.R_factor_all                     ? 
_refine_ls_shell.number_reflns_obs                ? 
_refine_ls_shell.redundancy_reflns_obs            ? 
_refine_ls_shell.pdbx_refine_id                   'X-RAY DIFFRACTION' 
# 
_struct.entry_id                  2QVM 
_struct.title                     
'The second Ca2+-binding domain of the Na+-Ca2+ exchanger is essential for regulation: crystal structures and mutational analysis' 
_struct.pdbx_model_details        ? 
_struct.pdbx_CASP_flag            N 
_struct.pdbx_model_type_details   ? 
# 
_struct_keywords.entry_id        2QVM 
_struct_keywords.pdbx_keywords   'METAL BINDING PROTEIN' 
_struct_keywords.text            'calcium regulation, CBD2, NCX, calcium binding domain, METAL BINDING PROTEIN' 
# 
loop_
_struct_asym.id 
_struct_asym.pdbx_blank_PDB_chainid_flag 
_struct_asym.pdbx_modified 
_struct_asym.entity_id 
_struct_asym.details 
A N N 1 ? 
B N N 2 ? 
C N N 2 ? 
D N N 3 ? 
# 
loop_
_struct_conn.id 
_struct_conn.conn_type_id 
_struct_conn.pdbx_leaving_atom_flag 
_struct_conn.pdbx_PDB_id 
_struct_conn.ptnr1_label_asym_id 
_struct_conn.ptnr1_label_comp_id 
_struct_conn.ptnr1_label_seq_id 
_struct_conn.ptnr1_label_atom_id 
_struct_conn.pdbx_ptnr1_label_alt_id 
_struct_conn.pdbx_ptnr1_PDB_ins_code 
_struct_conn.pdbx_ptnr1_standard_comp_id 
_struct_conn.ptnr1_symmetry 
_struct_conn.ptnr2_label_asym_id 
_struct_conn.ptnr2_label_comp_id 
_struct_conn.ptnr2_label_seq_id 
_struct_conn.ptnr2_label_atom_id 
_struct_conn.pdbx_ptnr2_label_alt_id 
_struct_conn.pdbx_ptnr2_PDB_ins_code 
_struct_conn.ptnr1_auth_asym_id 
_struct_conn.ptnr1_auth_comp_id 
_struct_conn.ptnr1_auth_seq_id 
_struct_conn.ptnr2_auth_asym_id 
_struct_conn.ptnr2_auth_comp_id 
_struct_conn.ptnr2_auth_seq_id 
_struct_conn.ptnr2_symmetry 
_struct_conn.pdbx_ptnr3_label_atom_id 
_struct_conn.pdbx_ptnr3_label_seq_id 
_struct_conn.pdbx_ptnr3_label_comp_id 
_struct_conn.pdbx_ptnr3_label_asym_id 
_struct_conn.pdbx_ptnr3_label_alt_id 
_struct_conn.pdbx_ptnr3_PDB_ins_code 
_struct_conn.details 
_struct_conn.pdbx_dist_value 
_struct_conn.pdbx_value_order 
_struct_conn.pdbx_role 
metalc1  metalc ? ? D HOH .   O   ? ? ? 1_555 C CA . CA ? ? A HOH 6   A CA 1002 1_555 ? ? ? ? ? ? ? 2.519 ? ? 
metalc2  metalc ? ? D HOH .   O   ? ? ? 1_555 B CA . CA ? ? A HOH 8   A CA 1001 1_555 ? ? ? ? ? ? ? 2.442 ? ? 
metalc3  metalc ? ? D HOH .   O   ? ? ? 1_555 C CA . CA ? ? A HOH 9   A CA 1002 1_555 ? ? ? ? ? ? ? 2.492 ? ? 
metalc4  metalc ? ? D HOH .   O   ? ? ? 1_555 C CA . CA ? ? A HOH 11  A CA 1002 1_555 ? ? ? ? ? ? ? 2.378 ? ? 
metalc5  metalc ? ? D HOH .   O   ? ? ? 1_555 B CA . CA ? ? A HOH 15  A CA 1001 1_555 ? ? ? ? ? ? ? 2.411 ? ? 
metalc6  metalc ? ? D HOH .   O   ? ? ? 1_555 C CA . CA ? ? A HOH 26  A CA 1002 1_555 ? ? ? ? ? ? ? 2.496 ? ? 
metalc7  metalc ? ? D HOH .   O   ? ? ? 1_555 C CA . CA ? ? A HOH 30  A CA 1002 1_555 ? ? ? ? ? ? ? 2.379 ? ? 
metalc8  metalc ? ? A GLU 19  OE1 ? ? ? 1_555 B CA . CA ? ? A GLU 516 A CA 1001 1_555 ? ? ? ? ? ? ? 2.522 ? ? 
metalc9  metalc ? ? A GLU 19  OE2 ? ? ? 1_555 B CA . CA ? ? A GLU 516 A CA 1001 1_555 ? ? ? ? ? ? ? 2.448 ? ? 
metalc10 metalc ? ? A ASP 55  OD1 ? ? ? 1_555 C CA . CA ? ? A ASP 552 A CA 1002 1_555 ? ? ? ? ? ? ? 2.332 ? ? 
metalc11 metalc ? ? A ASP 81  OD1 ? ? ? 1_555 B CA . CA ? ? A ASP 578 A CA 1001 1_555 ? ? ? ? ? ? ? 2.387 ? ? 
metalc12 metalc ? ? A ASP 81  OD2 ? ? ? 1_555 C CA . CA ? ? A ASP 578 A CA 1002 1_555 ? ? ? ? ? ? ? 2.332 ? ? 
metalc13 metalc ? ? A GLU 83  O   ? ? ? 1_555 B CA . CA ? ? A GLU 580 A CA 1001 1_555 ? ? ? ? ? ? ? 2.365 ? ? 
metalc14 metalc ? ? A GLU 186 OE1 ? ? ? 1_555 B CA . CA ? ? A GLU 648 A CA 1001 1_555 ? ? ? ? ? ? ? 2.540 ? ? 
metalc15 metalc ? ? A GLU 186 OE2 ? ? ? 1_555 B CA . CA ? ? A GLU 648 A CA 1001 1_555 ? ? ? ? ? ? ? 2.639 ? ? 
# 
_struct_conn_type.id          metalc 
_struct_conn_type.criteria    ? 
_struct_conn_type.reference   ? 
# 
loop_
_struct_sheet.id 
_struct_sheet.type 
_struct_sheet.number_strands 
_struct_sheet.details 
A ? 4 ? 
B ? 5 ? 
C ? 5 ? 
# 
loop_
_struct_sheet_order.sheet_id 
_struct_sheet_order.range_id_1 
_struct_sheet_order.range_id_2 
_struct_sheet_order.offset 
_struct_sheet_order.sense 
A 1 2 ? anti-parallel 
A 2 3 ? anti-parallel 
A 3 4 ? parallel      
B 1 2 ? parallel      
B 2 3 ? anti-parallel 
B 3 4 ? anti-parallel 
B 4 5 ? anti-parallel 
C 1 2 ? parallel      
C 2 3 ? anti-parallel 
C 3 4 ? anti-parallel 
C 4 5 ? anti-parallel 
# 
loop_
_struct_sheet_range.sheet_id 
_struct_sheet_range.id 
_struct_sheet_range.beg_label_comp_id 
_struct_sheet_range.beg_label_asym_id 
_struct_sheet_range.beg_label_seq_id 
_struct_sheet_range.pdbx_beg_PDB_ins_code 
_struct_sheet_range.end_label_comp_id 
_struct_sheet_range.end_label_asym_id 
_struct_sheet_range.end_label_seq_id 
_struct_sheet_range.pdbx_end_PDB_ins_code 
_struct_sheet_range.beg_auth_comp_id 
_struct_sheet_range.beg_auth_asym_id 
_struct_sheet_range.beg_auth_seq_id 
_struct_sheet_range.end_auth_comp_id 
_struct_sheet_range.end_auth_asym_id 
_struct_sheet_range.end_auth_seq_id 
A 1 VAL A 71  ? LYS A 77  ? VAL A 568 LYS A 574 
A 2 ILE A 23  ? THR A 31  ? ILE A 520 THR A 528 
A 3 ILE A 7   ? PHE A 10  ? ILE A 504 PHE A 507 
A 4 ILE A 173 ? LEU A 174 ? ILE A 635 LEU A 636 
B 1 VAL A 14  ? SER A 18  ? VAL A 511 SER A 515 
B 2 LYS A 179 ? GLU A 185 ? LYS A 641 GLU A 647 
B 3 LYS A 88  ? ILE A 94  ? LYS A 585 ILE A 591 
B 4 ASN A 37  ? GLU A 46  ? ASN A 534 GLU A 543 
B 5 GLY A 61  ? PHE A 65  ? GLY A 558 PHE A 562 
C 1 VAL A 14  ? SER A 18  ? VAL A 511 SER A 515 
C 2 LYS A 179 ? GLU A 185 ? LYS A 641 GLU A 647 
C 3 LYS A 88  ? ILE A 94  ? LYS A 585 ILE A 591 
C 4 ASN A 37  ? GLU A 46  ? ASN A 534 GLU A 543 
C 5 ARG A 98  ? VAL A 100 ? ARG A 595 VAL A 597 
# 
loop_
_pdbx_struct_sheet_hbond.sheet_id 
_pdbx_struct_sheet_hbond.range_id_1 
_pdbx_struct_sheet_hbond.range_id_2 
_pdbx_struct_sheet_hbond.range_1_label_atom_id 
_pdbx_struct_sheet_hbond.range_1_label_comp_id 
_pdbx_struct_sheet_hbond.range_1_label_asym_id 
_pdbx_struct_sheet_hbond.range_1_label_seq_id 
_pdbx_struct_sheet_hbond.range_1_PDB_ins_code 
_pdbx_struct_sheet_hbond.range_1_auth_atom_id 
_pdbx_struct_sheet_hbond.range_1_auth_comp_id 
_pdbx_struct_sheet_hbond.range_1_auth_asym_id 
_pdbx_struct_sheet_hbond.range_1_auth_seq_id 
_pdbx_struct_sheet_hbond.range_2_label_atom_id 
_pdbx_struct_sheet_hbond.range_2_label_comp_id 
_pdbx_struct_sheet_hbond.range_2_label_asym_id 
_pdbx_struct_sheet_hbond.range_2_label_seq_id 
_pdbx_struct_sheet_hbond.range_2_PDB_ins_code 
_pdbx_struct_sheet_hbond.range_2_auth_atom_id 
_pdbx_struct_sheet_hbond.range_2_auth_comp_id 
_pdbx_struct_sheet_hbond.range_2_auth_asym_id 
_pdbx_struct_sheet_hbond.range_2_auth_seq_id 
A 1 2 O VAL A 76  ? O VAL A 573 N MET A 24  ? N MET A 521 
A 2 3 O LEU A 29  ? O LEU A 526 N THR A 9   ? N THR A 506 
A 3 4 N PHE A 8   ? N PHE A 505 O ILE A 173 ? O ILE A 635 
B 1 2 N VAL A 17  ? N VAL A 514 O GLU A 185 ? O GLU A 647 
B 2 3 O VAL A 182 ? O VAL A 644 N PHE A 90  ? N PHE A 587 
B 3 4 O PHE A 91  ? O PHE A 588 N ILE A 45  ? N ILE A 542 
B 4 5 N VAL A 38  ? N VAL A 535 O PHE A 65  ? O PHE A 562 
C 1 2 N VAL A 17  ? N VAL A 514 O GLU A 185 ? O GLU A 647 
C 2 3 O VAL A 182 ? O VAL A 644 N PHE A 90  ? N PHE A 587 
C 3 4 O PHE A 91  ? O PHE A 588 N ILE A 45  ? N ILE A 542 
C 4 5 N ILE A 39  ? N ILE A 536 O ARG A 98  ? O ARG A 595 
# 
loop_
_struct_site.id 
_struct_site.pdbx_evidence_code 
_struct_site.pdbx_auth_asym_id 
_struct_site.pdbx_auth_comp_id 
_struct_site.pdbx_auth_seq_id 
_struct_site.pdbx_auth_ins_code 
_struct_site.pdbx_num_residues 
_struct_site.details 
AC1 Software A CA 1001 ? 6 'BINDING SITE FOR RESIDUE CA A 1001' 
AC2 Software A CA 1002 ? 7 'BINDING SITE FOR RESIDUE CA A 1002' 
# 
loop_
_struct_site_gen.id 
_struct_site_gen.site_id 
_struct_site_gen.pdbx_num_res 
_struct_site_gen.label_comp_id 
_struct_site_gen.label_asym_id 
_struct_site_gen.label_seq_id 
_struct_site_gen.pdbx_auth_ins_code 
_struct_site_gen.auth_comp_id 
_struct_site_gen.auth_asym_id 
_struct_site_gen.auth_seq_id 
_struct_site_gen.label_atom_id 
_struct_site_gen.label_alt_id 
_struct_site_gen.symmetry 
_struct_site_gen.details 
1  AC1 6 HOH D .   ? HOH A 8   . ? 1_555 ? 
2  AC1 6 HOH D .   ? HOH A 15  . ? 1_555 ? 
3  AC1 6 GLU A 19  ? GLU A 516 . ? 1_555 ? 
4  AC1 6 ASP A 81  ? ASP A 578 . ? 1_555 ? 
5  AC1 6 GLU A 83  ? GLU A 580 . ? 1_555 ? 
6  AC1 6 GLU A 186 ? GLU A 648 . ? 1_555 ? 
7  AC2 7 HOH D .   ? HOH A 6   . ? 1_555 ? 
8  AC2 7 HOH D .   ? HOH A 9   . ? 1_555 ? 
9  AC2 7 HOH D .   ? HOH A 11  . ? 1_555 ? 
10 AC2 7 HOH D .   ? HOH A 26  . ? 1_555 ? 
11 AC2 7 HOH D .   ? HOH A 30  . ? 1_555 ? 
12 AC2 7 ASP A 55  ? ASP A 552 . ? 1_555 ? 
13 AC2 7 ASP A 81  ? ASP A 578 . ? 1_555 ? 
# 
_atom_sites.entry_id                    2QVM 
_atom_sites.fract_transf_matrix[1][1]   -0.00280940 
_atom_sites.fract_transf_matrix[1][2]   -0.00542599 
_atom_sites.fract_transf_matrix[1][3]   0.00988854 
_atom_sites.fract_transf_matrix[2][1]   -0.00902106 
_atom_sites.fract_transf_matrix[2][2]   -0.01127417 
_atom_sites.fract_transf_matrix[2][3]   -0.00874924 
_atom_sites.fract_transf_matrix[3][1]   0.03585248 
_atom_sites.fract_transf_matrix[3][2]   -0.02566384 
_atom_sites.fract_transf_matrix[3][3]   -0.00389619 
_atom_sites.fract_transf_vector[1]      0.150904 
_atom_sites.fract_transf_vector[2]      0.407757 
_atom_sites.fract_transf_vector[3]      0.432904 
# 
loop_
_atom_type.symbol 
C  
CA 
N  
O  
S  
# 
loop_
_atom_site.group_PDB 
_atom_site.id 
_atom_site.type_symbol 
_atom_site.label_atom_id 
_atom_site.label_alt_id 
_atom_site.label_comp_id 
_atom_site.label_asym_id 
_atom_site.label_entity_id 
_atom_site.label_seq_id 
_atom_site.pdbx_PDB_ins_code 
_atom_site.Cartn_x 
_atom_site.Cartn_y 
_atom_site.Cartn_z 
_atom_site.occupancy 
_atom_site.B_iso_or_equiv 
_atom_site.pdbx_formal_charge 
_atom_site.auth_seq_id 
_atom_site.auth_comp_id 
_atom_site.auth_asym_id 
_atom_site.auth_atom_id 
_atom_site.pdbx_PDB_model_num 
ATOM   1    N  N   . HIS A 1 4   ? 2.388   19.325  -14.549 1.00 25.08 ? 501  HIS A N   1 
ATOM   2    C  CA  . HIS A 1 4   ? 2.297   17.973  -15.162 1.00 23.74 ? 501  HIS A CA  1 
ATOM   3    C  C   . HIS A 1 4   ? 2.959   16.918  -14.279 1.00 20.87 ? 501  HIS A C   1 
ATOM   4    O  O   . HIS A 1 4   ? 3.528   15.948  -14.808 1.00 20.44 ? 501  HIS A O   1 
ATOM   5    C  CB  . HIS A 1 4   ? 3.018   17.992  -16.518 1.00 25.21 ? 501  HIS A CB  1 
ATOM   6    C  CG  . HIS A 1 4   ? 2.224   18.641  -17.614 1.00 30.56 ? 501  HIS A CG  1 
ATOM   7    N  ND1 . HIS A 1 4   ? 2.515   19.901  -18.100 1.00 35.19 ? 501  HIS A ND1 1 
ATOM   8    C  CD2 . HIS A 1 4   ? 1.133   18.218  -18.293 1.00 33.57 ? 501  HIS A CD2 1 
ATOM   9    C  CE1 . HIS A 1 4   ? 1.645   20.219  -19.045 1.00 35.97 ? 501  HIS A CE1 1 
ATOM   10   N  NE2 . HIS A 1 4   ? 0.789   19.218  -19.175 1.00 36.68 ? 501  HIS A NE2 1 
ATOM   11   N  N   . ALA A 1 5   ? 2.887   17.099  -12.954 1.00 17.69 ? 502  ALA A N   1 
ATOM   12   C  CA  . ALA A 1 5   ? 3.703   16.296  -12.004 1.00 15.82 ? 502  ALA A CA  1 
ATOM   13   C  C   . ALA A 1 5   ? 3.070   14.962  -11.625 1.00 14.56 ? 502  ALA A C   1 
ATOM   14   O  O   . ALA A 1 5   ? 3.763   14.036  -11.162 1.00 14.04 ? 502  ALA A O   1 
ATOM   15   C  CB  . ALA A 1 5   ? 4.003   17.100  -10.734 1.00 15.37 ? 502  ALA A CB  1 
ATOM   16   N  N   . GLY A 1 6   ? 1.764   14.886  -11.781 1.00 13.69 ? 503  GLY A N   1 
ATOM   17   C  CA  . GLY A 1 6   ? 1.047   13.589  -11.650 1.00 12.86 ? 503  GLY A CA  1 
ATOM   18   C  C   . GLY A 1 6   ? 0.006   13.568  -10.536 1.00 12.53 ? 503  GLY A C   1 
ATOM   19   O  O   . GLY A 1 6   ? 0.085   14.327  -9.544  1.00 12.22 ? 503  GLY A O   1 
ATOM   20   N  N   . ILE A 1 7   ? -0.951  12.680  -10.726 1.00 11.31 ? 504  ILE A N   1 
ATOM   21   C  CA  . ILE A 1 7   ? -2.009  12.389  -9.766  1.00 11.16 ? 504  ILE A CA  1 
ATOM   22   C  C   . ILE A 1 7   ? -1.815  10.932  -9.338  1.00 11.29 ? 504  ILE A C   1 
ATOM   23   O  O   . ILE A 1 7   ? -1.848  10.019  -10.177 1.00 11.54 ? 504  ILE A O   1 
ATOM   24   C  CB  . ILE A 1 7   ? -3.357  12.585  -10.442 1.00 12.04 ? 504  ILE A CB  1 
ATOM   25   C  CG1 . ILE A 1 7   ? -3.456  14.031  -10.944 1.00 13.18 ? 504  ILE A CG1 1 
ATOM   26   C  CG2 . ILE A 1 7   ? -4.512  12.232  -9.504  1.00 12.10 ? 504  ILE A CG2 1 
ATOM   27   C  CD1 . ILE A 1 7   ? -4.733  14.251  -11.764 1.00 15.87 ? 504  ILE A CD1 1 
ATOM   28   N  N   . PHE A 1 8   ? -1.611  10.733  -8.037  1.00 10.31 ? 505  PHE A N   1 
ATOM   29   C  CA  . PHE A 1 8   ? -1.135  9.468   -7.481  1.00 9.20  ? 505  PHE A CA  1 
ATOM   30   C  C   . PHE A 1 8   ? -2.258  8.694   -6.805  1.00 9.57  ? 505  PHE A C   1 
ATOM   31   O  O   . PHE A 1 8   ? -3.029  9.269   -6.033  1.00 10.26 ? 505  PHE A O   1 
ATOM   32   C  CB  . PHE A 1 8   ? 0.020   9.744   -6.503  1.00 9.49  ? 505  PHE A CB  1 
ATOM   33   C  CG  . PHE A 1 8   ? 1.237   10.300  -7.178  1.00 8.80  ? 505  PHE A CG  1 
ATOM   34   C  CD1 . PHE A 1 8   ? 2.250   9.423   -7.595  1.00 9.67  ? 505  PHE A CD1 1 
ATOM   35   C  CD2 . PHE A 1 8   ? 1.369   11.670  -7.468  1.00 10.79 ? 505  PHE A CD2 1 
ATOM   36   C  CE1 . PHE A 1 8   ? 3.366   9.900   -8.274  1.00 9.72  ? 505  PHE A CE1 1 
ATOM   37   C  CE2 . PHE A 1 8   ? 2.479   12.148  -8.143  1.00 10.53 ? 505  PHE A CE2 1 
ATOM   38   C  CZ  . PHE A 1 8   ? 3.489   11.249  -8.555  1.00 10.55 ? 505  PHE A CZ  1 
ATOM   39   N  N   . THR A 1 9   ? -2.319  7.392   -7.051  1.00 8.60  ? 506  THR A N   1 
ATOM   40   C  CA  . THR A 1 9   ? -3.458  6.575   -6.621  1.00 9.18  ? 506  THR A CA  1 
ATOM   41   C  C   . THR A 1 9   ? -3.069  5.101   -6.412  1.00 8.61  ? 506  THR A C   1 
ATOM   42   O  O   . THR A 1 9   ? -2.205  4.561   -7.128  1.00 8.58  ? 506  THR A O   1 
ATOM   43   C  CB  . THR A 1 9   ? -4.676  6.695   -7.608  1.00 8.57  ? 506  THR A CB  1 
ATOM   44   O  OG1 . THR A 1 9   ? -5.801  5.976   -7.101  1.00 9.09  ? 506  THR A OG1 1 
ATOM   45   C  CG2 . THR A 1 9   ? -4.336  6.121   -9.036  1.00 9.51  ? 506  THR A CG2 1 
ATOM   46   N  N   . PHE A 1 10  ? -3.697  4.462   -5.431  1.00 8.56  ? 507  PHE A N   1 
ATOM   47   C  CA  . PHE A 1 10  ? -3.752  3.000   -5.421  1.00 9.06  ? 507  PHE A CA  1 
ATOM   48   C  C   . PHE A 1 10  ? -4.584  2.479   -6.627  1.00 8.42  ? 507  PHE A C   1 
ATOM   49   O  O   . PHE A 1 10  ? -5.383  3.225   -7.262  1.00 8.13  ? 507  PHE A O   1 
ATOM   50   C  CB  . PHE A 1 10  ? -4.373  2.462   -4.101  1.00 8.70  ? 507  PHE A CB  1 
ATOM   51   C  CG  . PHE A 1 10  ? -3.515  2.674   -2.868  1.00 8.84  ? 507  PHE A CG  1 
ATOM   52   C  CD1 . PHE A 1 10  ? -2.199  2.187   -2.806  1.00 7.10  ? 507  PHE A CD1 1 
ATOM   53   C  CD2 . PHE A 1 10  ? -4.060  3.267   -1.719  1.00 9.62  ? 507  PHE A CD2 1 
ATOM   54   C  CE1 . PHE A 1 10  ? -1.422  2.374   -1.658  1.00 9.47  ? 507  PHE A CE1 1 
ATOM   55   C  CE2 . PHE A 1 10  ? -3.293  3.450   -0.550  1.00 10.24 ? 507  PHE A CE2 1 
ATOM   56   C  CZ  . PHE A 1 10  ? -1.965  2.993   -0.522  1.00 9.57  ? 507  PHE A CZ  1 
ATOM   57   N  N   . GLU A 1 11  ? -4.408  1.205   -6.952  1.00 10.44 ? 508  GLU A N   1 
ATOM   58   C  CA  . GLU A 1 11  ? -5.242  0.554   -7.972  1.00 10.64 ? 508  GLU A CA  1 
ATOM   59   C  C   . GLU A 1 11  ? -6.739  0.472   -7.625  1.00 11.36 ? 508  GLU A C   1 
ATOM   60   O  O   . GLU A 1 11  ? -7.603  0.591   -8.494  1.00 11.59 ? 508  GLU A O   1 
ATOM   61   C  CB  . GLU A 1 11  ? -4.663  -0.849  -8.281  1.00 10.63 ? 508  GLU A CB  1 
ATOM   62   C  CG  . GLU A 1 11  ? -5.408  -1.661  -9.320  1.00 10.83 ? 508  GLU A CG  1 
ATOM   63   C  CD  . GLU A 1 11  ? -5.476  -0.982  -10.698 1.00 11.43 ? 508  GLU A CD  1 
ATOM   64   O  OE1 . GLU A 1 11  ? -4.524  -0.258  -11.073 1.00 11.62 ? 508  GLU A OE1 1 
ATOM   65   O  OE2 . GLU A 1 11  ? -6.486  -1.162  -11.394 1.00 14.19 ? 508  GLU A OE2 1 
ATOM   66   N  N   . GLU A 1 12  ? -7.040  0.255   -6.351  1.00 10.45 ? 509  GLU A N   1 
ATOM   67   C  CA  . GLU A 1 12  ? -8.406  -0.005  -5.895  1.00 10.64 ? 509  GLU A CA  1 
ATOM   68   C  C   . GLU A 1 12  ? -8.434  0.275   -4.379  1.00 10.82 ? 509  GLU A C   1 
ATOM   69   O  O   . GLU A 1 12  ? -7.381  0.287   -3.753  1.00 11.37 ? 509  GLU A O   1 
ATOM   70   C  CB  . GLU A 1 12  ? -8.796  -1.441  -6.212  1.00 11.97 ? 509  GLU A CB  1 
ATOM   71   C  CG  . GLU A 1 12  ? -7.819  -2.460  -5.576  1.00 15.45 ? 509  GLU A CG  1 
ATOM   72   C  CD  . GLU A 1 12  ? -8.033  -3.856  -6.061  1.00 22.05 ? 509  GLU A CD  1 
ATOM   73   O  OE1 . GLU A 1 12  ? -8.905  -4.076  -6.929  1.00 23.89 ? 509  GLU A OE1 1 
ATOM   74   O  OE2 . GLU A 1 12  ? -7.319  -4.756  -5.559  1.00 26.40 ? 509  GLU A OE2 1 
ATOM   75   N  N   . PRO A 1 13  ? -9.624  0.539   -3.797  1.00 11.14 ? 510  PRO A N   1 
ATOM   76   C  CA  . PRO A 1 13  ? -9.662  0.820   -2.355  1.00 10.57 ? 510  PRO A CA  1 
ATOM   77   C  C   . PRO A 1 13  ? -9.764  -0.407  -1.438  1.00 10.35 ? 510  PRO A C   1 
ATOM   78   O  O   . PRO A 1 13  ? -9.596  -0.245  -0.228  1.00 11.55 ? 510  PRO A O   1 
ATOM   79   C  CB  . PRO A 1 13  ? -10.918 1.680   -2.213  1.00 11.75 ? 510  PRO A CB  1 
ATOM   80   C  CG  . PRO A 1 13  ? -11.822 1.082   -3.199  1.00 12.45 ? 510  PRO A CG  1 
ATOM   81   C  CD  . PRO A 1 13  ? -10.944 0.717   -4.415  1.00 11.51 ? 510  PRO A CD  1 
ATOM   82   N  N   . VAL A 1 14  ? -10.067 -1.589  -1.980  1.00 11.03 ? 511  VAL A N   1 
ATOM   83   C  CA  . VAL A 1 14  ? -10.143 -2.819  -1.152  1.00 11.28 ? 511  VAL A CA  1 
ATOM   84   C  C   . VAL A 1 14  ? -9.531  -4.002  -1.898  1.00 12.98 ? 511  VAL A C   1 
ATOM   85   O  O   . VAL A 1 14  ? -9.830  -4.222  -3.079  1.00 12.29 ? 511  VAL A O   1 
ATOM   86   C  CB  . VAL A 1 14  ? -11.610 -3.191  -0.771  1.00 11.86 ? 511  VAL A CB  1 
ATOM   87   C  CG1 . VAL A 1 14  ? -11.697 -4.529  -0.015  1.00 13.07 ? 511  VAL A CG1 1 
ATOM   88   C  CG2 . VAL A 1 14  ? -12.265 -2.058  0.035   1.00 11.63 ? 511  VAL A CG2 1 
ATOM   89   N  N   . THR A 1 15  ? -8.693  -4.773  -1.206  1.00 13.17 ? 512  THR A N   1 
ATOM   90   C  CA  A THR A 1 15  ? -8.117  -5.970  -1.808  0.50 13.65 ? 512  THR A CA  1 
ATOM   91   C  CA  B THR A 1 15  ? -8.078  -5.974  -1.800  0.50 13.65 ? 512  THR A CA  1 
ATOM   92   C  C   . THR A 1 15  ? -8.146  -7.153  -0.838  1.00 13.82 ? 512  THR A C   1 
ATOM   93   O  O   . THR A 1 15  ? -8.052  -6.968  0.368   1.00 14.86 ? 512  THR A O   1 
ATOM   94   C  CB  A THR A 1 15  ? -6.686  -5.721  -2.321  0.50 13.92 ? 512  THR A CB  1 
ATOM   95   C  CB  B THR A 1 15  ? -6.586  -5.774  -2.156  0.50 13.80 ? 512  THR A CB  1 
ATOM   96   O  OG1 A THR A 1 15  ? -6.246  -6.866  -3.054  0.50 12.59 ? 512  THR A OG1 1 
ATOM   97   O  OG1 B THR A 1 15  ? -5.794  -5.726  -0.961  0.50 15.97 ? 512  THR A OG1 1 
ATOM   98   C  CG2 A THR A 1 15  ? -5.706  -5.443  -1.177  0.50 15.42 ? 512  THR A CG2 1 
ATOM   99   C  CG2 B THR A 1 15  ? -6.377  -4.518  -2.965  0.50 12.24 ? 512  THR A CG2 1 
ATOM   100  N  N   . HIS A 1 16  ? -8.279  -8.355  -1.386  1.00 13.28 ? 513  HIS A N   1 
ATOM   101  C  CA  . HIS A 1 16  ? -8.279  -9.555  -0.571  1.00 13.49 ? 513  HIS A CA  1 
ATOM   102  C  C   . HIS A 1 16  ? -6.979  -10.269 -0.875  1.00 12.51 ? 513  HIS A C   1 
ATOM   103  O  O   . HIS A 1 16  ? -6.584  -10.349 -2.043  1.00 13.65 ? 513  HIS A O   1 
ATOM   104  C  CB  . HIS A 1 16  ? -9.470  -10.451 -0.926  1.00 14.47 ? 513  HIS A CB  1 
ATOM   105  C  CG  . HIS A 1 16  ? -10.800 -9.859  -0.548  1.00 17.04 ? 513  HIS A CG  1 
ATOM   106  N  ND1 . HIS A 1 16  ? -11.592 -10.383 0.448   1.00 23.18 ? 513  HIS A ND1 1 
ATOM   107  C  CD2 . HIS A 1 16  ? -11.464 -8.781  -1.027  1.00 21.63 ? 513  HIS A CD2 1 
ATOM   108  C  CE1 . HIS A 1 16  ? -12.691 -9.657  0.565   1.00 23.57 ? 513  HIS A CE1 1 
ATOM   109  N  NE2 . HIS A 1 16  ? -12.638 -8.678  -0.316  1.00 23.96 ? 513  HIS A NE2 1 
ATOM   110  N  N   . VAL A 1 17  ? -6.311  -10.779 0.161   1.00 10.99 ? 514  VAL A N   1 
ATOM   111  C  CA  . VAL A 1 17  ? -5.118  -11.602 -0.054  1.00 11.80 ? 514  VAL A CA  1 
ATOM   112  C  C   . VAL A 1 17  ? -5.187  -12.790 0.884   1.00 11.89 ? 514  VAL A C   1 
ATOM   113  O  O   . VAL A 1 17  ? -5.863  -12.738 1.898   1.00 12.02 ? 514  VAL A O   1 
ATOM   114  C  CB  . VAL A 1 17  ? -3.803  -10.835 0.241   1.00 11.13 ? 514  VAL A CB  1 
ATOM   115  C  CG1 . VAL A 1 17  ? -3.630  -9.631  -0.708  1.00 11.91 ? 514  VAL A CG1 1 
ATOM   116  C  CG2 . VAL A 1 17  ? -3.693  -10.417 1.749   1.00 11.32 ? 514  VAL A CG2 1 
ATOM   117  N  N   . SER A 1 18  ? -4.491  -13.863 0.538   1.00 11.89 ? 515  SER A N   1 
ATOM   118  C  CA  . SER A 1 18  ? -4.452  -15.027 1.412   1.00 11.92 ? 515  SER A CA  1 
ATOM   119  C  C   . SER A 1 18  ? -3.523  -14.786 2.590   1.00 11.35 ? 515  SER A C   1 
ATOM   120  O  O   . SER A 1 18  ? -2.484  -14.140 2.437   1.00 10.69 ? 515  SER A O   1 
ATOM   121  C  CB  . SER A 1 18  ? -3.960  -16.233 0.608   1.00 12.53 ? 515  SER A CB  1 
ATOM   122  O  OG  . SER A 1 18  ? -3.776  -17.373 1.437   1.00 13.84 ? 515  SER A OG  1 
ATOM   123  N  N   . GLU A 1 19  ? -3.862  -15.340 3.748   1.00 10.50 ? 516  GLU A N   1 
ATOM   124  C  CA  . GLU A 1 19  ? -2.968  -15.333 4.919   1.00 11.25 ? 516  GLU A CA  1 
ATOM   125  C  C   . GLU A 1 19  ? -1.600  -15.963 4.577   1.00 11.41 ? 516  GLU A C   1 
ATOM   126  O  O   . GLU A 1 19  ? -0.600  -15.699 5.259   1.00 11.81 ? 516  GLU A O   1 
ATOM   127  C  CB  . GLU A 1 19  ? -3.631  -16.070 6.093   1.00 11.47 ? 516  GLU A CB  1 
ATOM   128  C  CG  . GLU A 1 19  ? -2.955  -15.931 7.440   1.00 11.20 ? 516  GLU A CG  1 
ATOM   129  C  CD  . GLU A 1 19  ? -3.624  -16.791 8.522   1.00 11.98 ? 516  GLU A CD  1 
ATOM   130  O  OE1 . GLU A 1 19  ? -4.569  -17.520 8.196   1.00 12.70 ? 516  GLU A OE1 1 
ATOM   131  O  OE2 . GLU A 1 19  ? -3.201  -16.714 9.681   1.00 14.91 ? 516  GLU A OE2 1 
ATOM   132  N  N   . SER A 1 20  ? -1.570  -16.750 3.499   1.00 12.09 ? 517  SER A N   1 
ATOM   133  C  CA  A SER A 1 20  ? -0.341  -17.458 3.090   0.50 12.31 ? 517  SER A CA  1 
ATOM   134  C  CA  B SER A 1 20  ? -0.365  -17.477 3.050   0.50 12.16 ? 517  SER A CA  1 
ATOM   135  C  C   . SER A 1 20  ? 0.371   -16.778 1.908   1.00 12.61 ? 517  SER A C   1 
ATOM   136  O  O   . SER A 1 20  ? 1.266   -17.354 1.291   1.00 13.01 ? 517  SER A O   1 
ATOM   137  C  CB  A SER A 1 20  ? -0.657  -18.929 2.764   0.50 12.78 ? 517  SER A CB  1 
ATOM   138  C  CB  B SER A 1 20  ? -0.751  -18.883 2.576   0.50 12.60 ? 517  SER A CB  1 
ATOM   139  O  OG  A SER A 1 20  ? -1.448  -19.031 1.590   0.50 12.94 ? 517  SER A OG  1 
ATOM   140  O  OG  B SER A 1 20  ? -1.290  -19.651 3.623   0.50 11.70 ? 517  SER A OG  1 
ATOM   141  N  N   . ILE A 1 21  ? -0.006  -15.538 1.605   1.00 12.13 ? 518  ILE A N   1 
ATOM   142  C  CA  . ILE A 1 21  ? 0.555   -14.849 0.440   1.00 11.82 ? 518  ILE A CA  1 
ATOM   143  C  C   . ILE A 1 21  ? 2.076   -14.594 0.561   1.00 11.47 ? 518  ILE A C   1 
ATOM   144  O  O   . ILE A 1 21  ? 2.759   -14.504 -0.472  1.00 11.62 ? 518  ILE A O   1 
ATOM   145  C  CB  . ILE A 1 21  ? -0.194  -13.495 0.132   1.00 10.09 ? 518  ILE A CB  1 
ATOM   146  C  CG1 . ILE A 1 21  ? 0.227   -12.942 -1.250  1.00 13.27 ? 518  ILE A CG1 1 
ATOM   147  C  CG2 . ILE A 1 21  ? 0.017   -12.519 1.254   1.00 9.40  ? 518  ILE A CG2 1 
ATOM   148  C  CD1 . ILE A 1 21  ? -0.572  -11.700 -1.734  1.00 14.06 ? 518  ILE A CD1 1 
ATOM   149  N  N   . GLY A 1 22  ? 2.558   -14.412 1.799   1.00 9.61  ? 519  GLY A N   1 
ATOM   150  C  CA  . GLY A 1 22  ? 3.987   -14.205 2.090   1.00 11.39 ? 519  GLY A CA  1 
ATOM   151  C  C   . GLY A 1 22  ? 4.389   -12.744 1.971   1.00 9.72  ? 519  GLY A C   1 
ATOM   152  O  O   . GLY A 1 22  ? 4.609   -12.063 2.966   1.00 11.53 ? 519  GLY A O   1 
ATOM   153  N  N   . ILE A 1 23  ? 4.470   -12.290 0.723   1.00 10.14 ? 520  ILE A N   1 
ATOM   154  C  CA  . ILE A 1 23  ? 4.734   -10.895 0.418   1.00 9.96  ? 520  ILE A CA  1 
ATOM   155  C  C   . ILE A 1 23  ? 3.615   -10.365 -0.467  1.00 10.88 ? 520  ILE A C   1 
ATOM   156  O  O   . ILE A 1 23  ? 3.350   -10.921 -1.551  1.00 11.08 ? 520  ILE A O   1 
ATOM   157  C  CB  . ILE A 1 23  ? 6.073   -10.744 -0.345  1.00 10.04 ? 520  ILE A CB  1 
ATOM   158  C  CG1 . ILE A 1 23  ? 7.241   -11.393 0.440   1.00 10.71 ? 520  ILE A CG1 1 
ATOM   159  C  CG2 . ILE A 1 23  ? 6.371   -9.286  -0.630  1.00 9.75  ? 520  ILE A CG2 1 
ATOM   160  C  CD1 . ILE A 1 23  ? 7.560   -10.793 1.776   1.00 13.13 ? 520  ILE A CD1 1 
ATOM   161  N  N   . MET A 1 24  ? 2.944   -9.320  0.008   1.00 10.32 ? 521  MET A N   1 
ATOM   162  C  CA  . MET A 1 24  ? 1.904   -8.671  -0.780  1.00 12.30 ? 521  MET A CA  1 
ATOM   163  C  C   . MET A 1 24  ? 2.565   -7.468  -1.458  1.00 11.85 ? 521  MET A C   1 
ATOM   164  O  O   . MET A 1 24  ? 3.260   -6.716  -0.794  1.00 12.48 ? 521  MET A O   1 
ATOM   165  C  CB  . MET A 1 24  ? 0.787   -8.163  0.159   1.00 12.40 ? 521  MET A CB  1 
ATOM   166  C  CG  . MET A 1 24  ? -0.250  -7.349  -0.562  1.00 15.41 ? 521  MET A CG  1 
ATOM   167  S  SD  . MET A 1 24  ? -1.485  -6.712  0.619   1.00 18.26 ? 521  MET A SD  1 
ATOM   168  C  CE  . MET A 1 24  ? -0.506  -5.486  1.486   1.00 23.80 ? 521  MET A CE  1 
ATOM   169  N  N   . GLU A 1 25  ? 2.347   -7.286  -2.764  1.00 11.74 ? 522  GLU A N   1 
ATOM   170  C  CA  . GLU A 1 25  ? 2.938   -6.167  -3.488  1.00 11.44 ? 522  GLU A CA  1 
ATOM   171  C  C   . GLU A 1 25  ? 1.831   -5.209  -3.935  1.00 11.51 ? 522  GLU A C   1 
ATOM   172  O  O   . GLU A 1 25  ? 0.980   -5.585  -4.747  1.00 12.86 ? 522  GLU A O   1 
ATOM   173  C  CB  . GLU A 1 25  ? 3.753   -6.683  -4.699  1.00 11.93 ? 522  GLU A CB  1 
ATOM   174  C  CG  . GLU A 1 25  ? 5.003   -7.396  -4.257  1.00 12.27 ? 522  GLU A CG  1 
ATOM   175  C  CD  . GLU A 1 25  ? 5.797   -8.015  -5.406  1.00 13.95 ? 522  GLU A CD  1 
ATOM   176  O  OE1 . GLU A 1 25  ? 5.211   -8.234  -6.473  1.00 15.40 ? 522  GLU A OE1 1 
ATOM   177  O  OE2 . GLU A 1 25  ? 7.007   -8.316  -5.218  1.00 13.89 ? 522  GLU A OE2 1 
ATOM   178  N  N   . VAL A 1 26  ? 1.822   -4.031  -3.326  1.00 10.74 ? 523  VAL A N   1 
ATOM   179  C  CA  . VAL A 1 26  ? 0.771   -3.018  -3.517  1.00 10.80 ? 523  VAL A CA  1 
ATOM   180  C  C   . VAL A 1 26  ? 1.303   -1.963  -4.478  1.00 10.06 ? 523  VAL A C   1 
ATOM   181  O  O   . VAL A 1 26  ? 2.394   -1.435  -4.270  1.00 10.80 ? 523  VAL A O   1 
ATOM   182  C  CB  . VAL A 1 26  ? 0.462   -2.335  -2.182  1.00 10.95 ? 523  VAL A CB  1 
ATOM   183  C  CG1 . VAL A 1 26  ? -0.508  -1.178  -2.411  1.00 12.48 ? 523  VAL A CG1 1 
ATOM   184  C  CG2 . VAL A 1 26  ? -0.178  -3.349  -1.213  1.00 12.17 ? 523  VAL A CG2 1 
ATOM   185  N  N   . LYS A 1 27  ? 0.543   -1.664  -5.523  1.00 10.03 ? 524  LYS A N   1 
ATOM   186  C  CA  . LYS A 1 27  ? 1.023   -0.721  -6.545  1.00 8.96  ? 524  LYS A CA  1 
ATOM   187  C  C   . LYS A 1 27  ? 0.521   0.694   -6.254  1.00 9.43  ? 524  LYS A C   1 
ATOM   188  O  O   . LYS A 1 27  ? -0.608  0.865   -5.771  1.00 10.07 ? 524  LYS A O   1 
ATOM   189  C  CB  . LYS A 1 27  ? 0.482   -1.183  -7.889  1.00 11.18 ? 524  LYS A CB  1 
ATOM   190  C  CG  . LYS A 1 27  ? 0.862   -2.650  -8.234  1.00 10.54 ? 524  LYS A CG  1 
ATOM   191  C  CD  . LYS A 1 27  ? 2.341   -2.698  -8.601  1.00 15.81 ? 524  LYS A CD  1 
ATOM   192  C  CE  . LYS A 1 27  ? 2.777   -4.132  -8.822  1.00 19.30 ? 524  LYS A CE  1 
ATOM   193  N  NZ  . LYS A 1 27  ? 4.258   -4.173  -8.976  1.00 20.28 ? 524  LYS A NZ  1 
ATOM   194  N  N   . VAL A 1 28  ? 1.350   1.685   -6.567  1.00 8.96  ? 525  VAL A N   1 
ATOM   195  C  CA  . VAL A 1 28  ? 0.963   3.112   -6.587  1.00 9.18  ? 525  VAL A CA  1 
ATOM   196  C  C   . VAL A 1 28  ? 1.221   3.582   -8.005  1.00 9.55  ? 525  VAL A C   1 
ATOM   197  O  O   . VAL A 1 28  ? 2.328   3.406   -8.530  1.00 9.16  ? 525  VAL A O   1 
ATOM   198  C  CB  . VAL A 1 28  ? 1.730   3.938   -5.530  1.00 10.39 ? 525  VAL A CB  1 
ATOM   199  C  CG1 . VAL A 1 28  ? 1.312   5.396   -5.566  1.00 9.07  ? 525  VAL A CG1 1 
ATOM   200  C  CG2 . VAL A 1 28  ? 1.415   3.334   -4.127  1.00 10.65 ? 525  VAL A CG2 1 
ATOM   201  N  N   . LEU A 1 29  ? 0.173   4.139   -8.601  1.00 8.65  ? 526  LEU A N   1 
ATOM   202  C  CA  . LEU A 1 29  ? 0.168   4.600   -9.997  1.00 10.04 ? 526  LEU A CA  1 
ATOM   203  C  C   . LEU A 1 29  ? 0.204   6.117   -10.051 1.00 10.06 ? 526  LEU A C   1 
ATOM   204  O  O   . LEU A 1 29  ? -0.373  6.806   -9.202  1.00 9.73  ? 526  LEU A O   1 
ATOM   205  C  CB  . LEU A 1 29  ? -1.101  4.103   -10.722 1.00 9.76  ? 526  LEU A CB  1 
ATOM   206  C  CG  . LEU A 1 29  ? -1.337  2.612   -11.022 1.00 12.44 ? 526  LEU A CG  1 
ATOM   207  C  CD1 . LEU A 1 29  ? -1.711  1.848   -9.752  1.00 18.29 ? 526  LEU A CD1 1 
ATOM   208  C  CD2 . LEU A 1 29  ? -2.505  2.475   -11.997 1.00 12.90 ? 526  LEU A CD2 1 
ATOM   209  N  N   . ARG A 1 30  ? 0.887   6.627   -11.079 1.00 9.48  ? 527  ARG A N   1 
ATOM   210  C  CA  . ARG A 1 30  ? 0.942   8.063   -11.369 1.00 9.38  ? 527  ARG A CA  1 
ATOM   211  C  C   . ARG A 1 30  ? 0.201   8.288   -12.680 1.00 10.31 ? 527  ARG A C   1 
ATOM   212  O  O   . ARG A 1 30  ? 0.538   7.694   -13.682 1.00 9.70  ? 527  ARG A O   1 
ATOM   213  C  CB  . ARG A 1 30  ? 2.405   8.453   -11.507 1.00 10.56 ? 527  ARG A CB  1 
ATOM   214  C  CG  . ARG A 1 30  ? 2.681   9.938   -11.763 1.00 9.08  ? 527  ARG A CG  1 
ATOM   215  C  CD  . ARG A 1 30  ? 4.202   10.059  -11.902 1.00 11.11 ? 527  ARG A CD  1 
ATOM   216  N  NE  . ARG A 1 30  ? 4.722   11.426  -11.768 1.00 12.32 ? 527  ARG A NE  1 
ATOM   217  C  CZ  . ARG A 1 30  ? 6.016   11.731  -11.805 1.00 11.56 ? 527  ARG A CZ  1 
ATOM   218  N  NH1 . ARG A 1 30  ? 6.920   10.766  -12.005 1.00 11.83 ? 527  ARG A NH1 1 
ATOM   219  N  NH2 . ARG A 1 30  ? 6.419   12.996  -11.679 1.00 12.05 ? 527  ARG A NH2 1 
ATOM   220  N  N   . THR A 1 31  ? -0.799  9.162   -12.661 1.00 10.51 ? 528  THR A N   1 
ATOM   221  C  CA  . THR A 1 31  ? -1.640  9.402   -13.834 1.00 12.20 ? 528  THR A CA  1 
ATOM   222  C  C   . THR A 1 31  ? -1.617  10.885  -14.192 1.00 13.19 ? 528  THR A C   1 
ATOM   223  O  O   . THR A 1 31  ? -1.257  11.729  -13.358 1.00 12.09 ? 528  THR A O   1 
ATOM   224  C  CB  . THR A 1 31  ? -3.117  8.966   -13.560 1.00 12.31 ? 528  THR A CB  1 
ATOM   225  O  OG1 . THR A 1 31  ? -3.706  9.771   -12.523 1.00 15.38 ? 528  THR A OG1 1 
ATOM   226  C  CG2 . THR A 1 31  ? -3.209  7.460   -13.151 1.00 12.99 ? 528  THR A CG2 1 
ATOM   227  N  N   . SER A 1 32  ? -1.990  11.195  -15.436 1.00 13.77 ? 529  SER A N   1 
ATOM   228  C  CA  . SER A 1 32  ? -2.079  12.588  -15.912 1.00 16.04 ? 529  SER A CA  1 
ATOM   229  C  C   . SER A 1 32  ? -0.812  13.426  -15.840 1.00 16.91 ? 529  SER A C   1 
ATOM   230  O  O   . SER A 1 32  ? -0.891  14.655  -15.679 1.00 18.85 ? 529  SER A O   1 
ATOM   231  C  CB  . SER A 1 32  ? -3.235  13.326  -15.218 1.00 15.85 ? 529  SER A CB  1 
ATOM   232  O  OG  . SER A 1 32  ? -4.465  12.764  -15.645 1.00 18.01 ? 529  SER A OG  1 
ATOM   233  N  N   . GLY A 1 33  ? 0.356   12.806  -15.930 1.00 15.88 ? 530  GLY A N   1 
ATOM   234  C  CA  . GLY A 1 33  ? 1.587   13.586  -15.968 1.00 16.24 ? 530  GLY A CA  1 
ATOM   235  C  C   . GLY A 1 33  ? 2.691   12.920  -15.179 1.00 16.39 ? 530  GLY A C   1 
ATOM   236  O  O   . GLY A 1 33  ? 2.465   12.458  -14.035 1.00 15.18 ? 530  GLY A O   1 
ATOM   237  N  N   . ALA A 1 34  ? 3.882   12.868  -15.778 1.00 15.78 ? 531  ALA A N   1 
ATOM   238  C  CA  . ALA A 1 34  ? 5.014   12.201  -15.139 1.00 16.71 ? 531  ALA A CA  1 
ATOM   239  C  C   . ALA A 1 34  ? 6.265   13.068  -15.099 1.00 17.33 ? 531  ALA A C   1 
ATOM   240  O  O   . ALA A 1 34  ? 7.390   12.555  -15.053 1.00 16.37 ? 531  ALA A O   1 
ATOM   241  C  CB  . ALA A 1 34  ? 5.283   10.834  -15.790 1.00 16.80 ? 531  ALA A CB  1 
ATOM   242  N  N   . ARG A 1 35  ? 6.067   14.387  -15.088 1.00 17.77 ? 532  ARG A N   1 
ATOM   243  C  CA  . ARG A 1 35  ? 7.193   15.301  -15.048 1.00 20.77 ? 532  ARG A CA  1 
ATOM   244  C  C   . ARG A 1 35  ? 7.715   15.543  -13.627 1.00 19.31 ? 532  ARG A C   1 
ATOM   245  O  O   . ARG A 1 35  ? 6.973   15.968  -12.719 1.00 19.29 ? 532  ARG A O   1 
ATOM   246  C  CB  . ARG A 1 35  ? 6.905   16.639  -15.753 1.00 20.60 ? 532  ARG A CB  1 
ATOM   247  C  CG  . ARG A 1 35  ? 8.194   17.490  -15.821 1.00 24.72 ? 532  ARG A CG  1 
ATOM   248  C  CD  . ARG A 1 35  ? 8.080   18.762  -16.646 1.00 27.01 ? 532  ARG A CD  1 
ATOM   249  N  NE  . ARG A 1 35  ? 7.313   19.810  -15.966 1.00 37.97 ? 532  ARG A NE  1 
ATOM   250  C  CZ  . ARG A 1 35  ? 7.139   21.041  -16.450 1.00 41.76 ? 532  ARG A CZ  1 
ATOM   251  N  NH1 . ARG A 1 35  ? 7.680   21.382  -17.618 1.00 42.94 ? 532  ARG A NH1 1 
ATOM   252  N  NH2 . ARG A 1 35  ? 6.417   21.932  -15.769 1.00 42.75 ? 532  ARG A NH2 1 
ATOM   253  N  N   . GLY A 1 36  ? 9.003   15.276  -13.472 1.00 19.03 ? 533  GLY A N   1 
ATOM   254  C  CA  . GLY A 1 36  ? 9.720   15.630  -12.267 1.00 18.27 ? 533  GLY A CA  1 
ATOM   255  C  C   . GLY A 1 36  ? 9.810   14.489  -11.268 1.00 17.60 ? 533  GLY A C   1 
ATOM   256  O  O   . GLY A 1 36  ? 9.195   13.426  -11.464 1.00 17.26 ? 533  GLY A O   1 
ATOM   257  N  N   . ASN A 1 37  ? 10.583  14.729  -10.208 1.00 17.14 ? 534  ASN A N   1 
ATOM   258  C  CA  . ASN A 1 37  ? 10.796  13.779  -9.125  1.00 17.71 ? 534  ASN A CA  1 
ATOM   259  C  C   . ASN A 1 37  ? 9.823   14.087  -8.015  1.00 16.30 ? 534  ASN A C   1 
ATOM   260  O  O   . ASN A 1 37  ? 9.779   15.221  -7.526  1.00 16.24 ? 534  ASN A O   1 
ATOM   261  C  CB  . ASN A 1 37  ? 12.232  13.872  -8.584  1.00 18.37 ? 534  ASN A CB  1 
ATOM   262  C  CG  . ASN A 1 37  ? 13.202  12.954  -9.321  1.00 22.73 ? 534  ASN A CG  1 
ATOM   263  O  OD1 . ASN A 1 37  ? 13.245  12.927  -10.557 1.00 26.44 ? 534  ASN A OD1 1 
ATOM   264  N  ND2 . ASN A 1 37  ? 13.984  12.187  -8.558  1.00 27.33 ? 534  ASN A ND2 1 
ATOM   265  N  N   . VAL A 1 38  ? 9.067   13.072  -7.587  1.00 15.19 ? 535  VAL A N   1 
ATOM   266  C  CA  . VAL A 1 38  ? 7.978   13.272  -6.618  1.00 14.21 ? 535  VAL A CA  1 
ATOM   267  C  C   . VAL A 1 38  ? 8.083   12.240  -5.499  1.00 13.91 ? 535  VAL A C   1 
ATOM   268  O  O   . VAL A 1 38  ? 8.261   11.059  -5.766  1.00 13.49 ? 535  VAL A O   1 
ATOM   269  C  CB  . VAL A 1 38  ? 6.575   13.139  -7.280  1.00 14.52 ? 535  VAL A CB  1 
ATOM   270  C  CG1 . VAL A 1 38  ? 5.445   13.272  -6.235  1.00 13.43 ? 535  VAL A CG1 1 
ATOM   271  C  CG2 . VAL A 1 38  ? 6.402   14.170  -8.396  1.00 13.17 ? 535  VAL A CG2 1 
ATOM   272  N  N   . ILE A 1 39  ? 7.993   12.726  -4.263  1.00 12.64 ? 536  ILE A N   1 
ATOM   273  C  CA  . ILE A 1 39  ? 7.991   11.873  -3.070  1.00 13.20 ? 536  ILE A CA  1 
ATOM   274  C  C   . ILE A 1 39  ? 6.546   11.634  -2.659  1.00 12.38 ? 536  ILE A C   1 
ATOM   275  O  O   . ILE A 1 39  ? 5.771   12.578  -2.527  1.00 12.02 ? 536  ILE A O   1 
ATOM   276  C  CB  . ILE A 1 39  ? 8.749   12.565  -1.896  1.00 13.32 ? 536  ILE A CB  1 
ATOM   277  C  CG1 . ILE A 1 39  ? 10.236  12.662  -2.204  1.00 16.69 ? 536  ILE A CG1 1 
ATOM   278  C  CG2 . ILE A 1 39  ? 8.548   11.814  -0.553  1.00 15.22 ? 536  ILE A CG2 1 
ATOM   279  C  CD1 . ILE A 1 39  ? 10.838  11.391  -2.558  1.00 22.43 ? 536  ILE A CD1 1 
ATOM   280  N  N   . VAL A 1 40  ? 6.212   10.373  -2.400  1.00 11.41 ? 537  VAL A N   1 
ATOM   281  C  CA  . VAL A 1 40  ? 4.874   9.995   -1.985  1.00 11.21 ? 537  VAL A CA  1 
ATOM   282  C  C   . VAL A 1 40  ? 4.974   9.192   -0.693  1.00 10.97 ? 537  VAL A C   1 
ATOM   283  O  O   . VAL A 1 40  ? 5.415   8.029   -0.706  1.00 9.89  ? 537  VAL A O   1 
ATOM   284  C  CB  . VAL A 1 40  ? 4.146   9.157   -3.056  1.00 11.74 ? 537  VAL A CB  1 
ATOM   285  C  CG1 . VAL A 1 40  ? 2.711   8.870   -2.609  1.00 12.57 ? 537  VAL A CG1 1 
ATOM   286  C  CG2 . VAL A 1 40  ? 4.144   9.898   -4.359  1.00 13.40 ? 537  VAL A CG2 1 
ATOM   287  N  N   . PRO A 1 41  ? 4.537   9.796   0.426   1.00 10.91 ? 538  PRO A N   1 
ATOM   288  C  CA  . PRO A 1 41  ? 4.583   9.067   1.694   1.00 10.44 ? 538  PRO A CA  1 
ATOM   289  C  C   . PRO A 1 41  ? 3.584   7.883   1.703   1.00 10.29 ? 538  PRO A C   1 
ATOM   290  O  O   . PRO A 1 41  ? 2.527   7.921   1.067   1.00 9.42  ? 538  PRO A O   1 
ATOM   291  C  CB  . PRO A 1 41  ? 4.145   10.118  2.729   1.00 10.75 ? 538  PRO A CB  1 
ATOM   292  C  CG  . PRO A 1 41  ? 4.284   11.497  2.031   1.00 12.67 ? 538  PRO A CG  1 
ATOM   293  C  CD  . PRO A 1 41  ? 3.965   11.150  0.583   1.00 12.04 ? 538  PRO A CD  1 
ATOM   294  N  N   . TYR A 1 42  ? 3.916   6.823   2.434   1.00 9.83  ? 539  TYR A N   1 
ATOM   295  C  CA  . TYR A 1 42  ? 2.966   5.743   2.632   1.00 9.95  ? 539  TYR A CA  1 
ATOM   296  C  C   . TYR A 1 42  ? 3.131   5.155   4.039   1.00 9.92  ? 539  TYR A C   1 
ATOM   297  O  O   . TYR A 1 42  ? 4.208   5.251   4.669   1.00 10.71 ? 539  TYR A O   1 
ATOM   298  C  CB  . TYR A 1 42  ? 3.093   4.632   1.576   1.00 10.53 ? 539  TYR A CB  1 
ATOM   299  C  CG  . TYR A 1 42  ? 4.438   3.929   1.626   1.00 10.90 ? 539  TYR A CG  1 
ATOM   300  C  CD1 . TYR A 1 42  ? 5.518   4.411   0.905   1.00 10.77 ? 539  TYR A CD1 1 
ATOM   301  C  CD2 . TYR A 1 42  ? 4.638   2.791   2.437   1.00 14.01 ? 539  TYR A CD2 1 
ATOM   302  C  CE1 . TYR A 1 42  ? 6.787   3.781   0.958   1.00 11.63 ? 539  TYR A CE1 1 
ATOM   303  C  CE2 . TYR A 1 42  ? 5.885   2.158   2.492   1.00 12.83 ? 539  TYR A CE2 1 
ATOM   304  C  CZ  . TYR A 1 42  ? 6.943   2.656   1.740   1.00 13.17 ? 539  TYR A CZ  1 
ATOM   305  O  OH  . TYR A 1 42  ? 8.186   2.038   1.783   1.00 15.01 ? 539  TYR A OH  1 
ATOM   306  N  N   . LYS A 1 43  ? 2.047   4.565   4.525   1.00 9.25  ? 540  LYS A N   1 
ATOM   307  C  CA  . LYS A 1 43  ? 2.131   3.837   5.777   1.00 9.38  ? 540  LYS A CA  1 
ATOM   308  C  C   . LYS A 1 43  ? 1.073   2.763   5.900   1.00 9.67  ? 540  LYS A C   1 
ATOM   309  O  O   . LYS A 1 43  ? 0.006   2.846   5.293   1.00 9.81  ? 540  LYS A O   1 
ATOM   310  C  CB  . LYS A 1 43  ? 2.018   4.780   6.983   1.00 9.22  ? 540  LYS A CB  1 
ATOM   311  C  CG  . LYS A 1 43  ? 0.649   5.375   7.168   1.00 11.93 ? 540  LYS A CG  1 
ATOM   312  C  CD  . LYS A 1 43  ? 0.646   6.333   8.370   1.00 17.60 ? 540  LYS A CD  1 
ATOM   313  C  CE  . LYS A 1 43  ? -0.703  7.001   8.486   1.00 21.76 ? 540  LYS A CE  1 
ATOM   314  N  NZ  . LYS A 1 43  ? -0.717  7.881   9.697   1.00 27.66 ? 540  LYS A NZ  1 
ATOM   315  N  N   . THR A 1 44  ? 1.384   1.747   6.711   1.00 9.76  ? 541  THR A N   1 
ATOM   316  C  CA  . THR A 1 44  ? 0.400   0.737   7.091   1.00 9.39  ? 541  THR A CA  1 
ATOM   317  C  C   . THR A 1 44  ? -0.248  1.197   8.389   1.00 10.00 ? 541  THR A C   1 
ATOM   318  O  O   . THR A 1 44  ? 0.397   1.908   9.195   1.00 11.12 ? 541  THR A O   1 
ATOM   319  C  CB  . THR A 1 44  ? 1.068   -0.647  7.316   1.00 9.39  ? 541  THR A CB  1 
ATOM   320  O  OG1 . THR A 1 44  ? 2.195   -0.474  8.187   1.00 10.23 ? 541  THR A OG1 1 
ATOM   321  C  CG2 . THR A 1 44  ? 1.515   -1.231  5.980   1.00 10.24 ? 541  THR A CG2 1 
ATOM   322  N  N   . ILE A 1 45  ? -1.498  0.784   8.598   1.00 10.64 ? 542  ILE A N   1 
ATOM   323  C  CA  . ILE A 1 45  ? -2.268  1.076   9.815   1.00 11.75 ? 542  ILE A CA  1 
ATOM   324  C  C   . ILE A 1 45  ? -2.982  -0.226  10.195  1.00 11.55 ? 542  ILE A C   1 
ATOM   325  O  O   . ILE A 1 45  ? -3.636  -0.873  9.356   1.00 10.94 ? 542  ILE A O   1 
ATOM   326  C  CB  . ILE A 1 45  ? -3.346  2.171   9.595   1.00 12.12 ? 542  ILE A CB  1 
ATOM   327  C  CG1 . ILE A 1 45  ? -2.725  3.491   9.159   1.00 13.25 ? 542  ILE A CG1 1 
ATOM   328  C  CG2 . ILE A 1 45  ? -4.209  2.381   10.864  1.00 15.12 ? 542  ILE A CG2 1 
ATOM   329  C  CD1 . ILE A 1 45  ? -2.961  3.799   7.718   1.00 21.67 ? 542  ILE A CD1 1 
ATOM   330  N  N   . GLU A 1 46  ? -2.894  -0.609  11.470  1.00 12.80 ? 543  GLU A N   1 
ATOM   331  C  CA  . GLU A 1 46  ? -3.619  -1.804  11.924  1.00 13.11 ? 543  GLU A CA  1 
ATOM   332  C  C   . GLU A 1 46  ? -5.121  -1.679  11.801  1.00 13.14 ? 543  GLU A C   1 
ATOM   333  O  O   . GLU A 1 46  ? -5.663  -0.596  11.973  1.00 12.65 ? 543  GLU A O   1 
ATOM   334  C  CB  . GLU A 1 46  ? -3.334  -2.093  13.395  1.00 13.69 ? 543  GLU A CB  1 
ATOM   335  C  CG  . GLU A 1 46  ? -1.974  -2.560  13.647  1.00 17.48 ? 543  GLU A CG  1 
ATOM   336  C  CD  . GLU A 1 46  ? -1.760  -2.820  15.143  1.00 22.53 ? 543  GLU A CD  1 
ATOM   337  O  OE1 . GLU A 1 46  ? -2.563  -2.327  15.984  1.00 28.11 ? 543  GLU A OE1 1 
ATOM   338  O  OE2 . GLU A 1 46  ? -0.782  -3.488  15.462  1.00 23.05 ? 543  GLU A OE2 1 
ATOM   339  N  N   . GLY A 1 47  ? -5.765  -2.808  11.500  1.00 12.23 ? 544  GLY A N   1 
ATOM   340  C  CA  . GLY A 1 47  ? -7.217  -3.002  11.625  1.00 13.63 ? 544  GLY A CA  1 
ATOM   341  C  C   . GLY A 1 47  ? -7.429  -4.061  12.705  1.00 14.53 ? 544  GLY A C   1 
ATOM   342  O  O   . GLY A 1 47  ? -6.941  -3.896  13.837  1.00 15.97 ? 544  GLY A O   1 
ATOM   343  N  N   . THR A 1 48  ? -8.123  -5.150  12.366  1.00 12.88 ? 545  THR A N   1 
ATOM   344  C  CA  . THR A 1 48  ? -8.201  -6.308  13.268  1.00 13.32 ? 545  THR A CA  1 
ATOM   345  C  C   . THR A 1 48  ? -6.939  -7.188  13.148  1.00 13.42 ? 545  THR A C   1 
ATOM   346  O  O   . THR A 1 48  ? -6.647  -8.020  14.020  1.00 14.69 ? 545  THR A O   1 
ATOM   347  C  CB  . THR A 1 48  ? -9.447  -7.134  13.023  1.00 14.20 ? 545  THR A CB  1 
ATOM   348  O  OG1 . THR A 1 48  ? -9.479  -7.577  11.660  1.00 13.17 ? 545  THR A OG1 1 
ATOM   349  C  CG2 . THR A 1 48  ? -10.707 -6.317  13.315  1.00 14.85 ? 545  THR A CG2 1 
ATOM   350  N  N   . ALA A 1 49  ? -6.205  -7.026  12.046  1.00 12.98 ? 546  ALA A N   1 
ATOM   351  C  CA  . ALA A 1 49  ? -4.881  -7.617  11.920  1.00 12.79 ? 546  ALA A CA  1 
ATOM   352  C  C   . ALA A 1 49  ? -3.874  -6.740  12.627  1.00 14.26 ? 546  ALA A C   1 
ATOM   353  O  O   . ALA A 1 49  ? -3.889  -5.510  12.478  1.00 14.43 ? 546  ALA A O   1 
ATOM   354  C  CB  . ALA A 1 49  ? -4.480  -7.804  10.436  1.00 12.24 ? 546  ALA A CB  1 
ATOM   355  N  N   . ARG A 1 50  ? -2.992  -7.381  13.399  1.00 14.15 ? 547  ARG A N   1 
ATOM   356  C  CA  . ARG A 1 50  ? -1.997  -6.686  14.207  1.00 15.79 ? 547  ARG A CA  1 
ATOM   357  C  C   . ARG A 1 50  ? -0.699  -6.559  13.450  1.00 14.83 ? 547  ARG A C   1 
ATOM   358  O  O   . ARG A 1 50  ? -0.238  -7.516  12.804  1.00 14.05 ? 547  ARG A O   1 
ATOM   359  C  CB  . ARG A 1 50  ? -1.713  -7.428  15.529  1.00 16.95 ? 547  ARG A CB  1 
ATOM   360  C  CG  . ARG A 1 50  ? -2.957  -7.918  16.269  1.00 22.78 ? 547  ARG A CG  1 
ATOM   361  C  CD  . ARG A 1 50  ? -3.989  -6.832  16.480  1.00 31.45 ? 547  ARG A CD  1 
ATOM   362  N  NE  . ARG A 1 50  ? -3.502  -5.778  17.362  1.00 37.70 ? 547  ARG A NE  1 
ATOM   363  C  CZ  . ARG A 1 50  ? -4.203  -4.697  17.688  1.00 41.10 ? 547  ARG A CZ  1 
ATOM   364  N  NH1 . ARG A 1 50  ? -5.429  -4.522  17.193  1.00 42.41 ? 547  ARG A NH1 1 
ATOM   365  N  NH2 . ARG A 1 50  ? -3.672  -3.782  18.500  1.00 41.62 ? 547  ARG A NH2 1 
ATOM   366  N  N   . GLY A 1 51  ? -0.102  -5.381  13.586  1.00 15.07 ? 548  GLY A N   1 
ATOM   367  C  CA  . GLY A 1 51  ? 1.196   -5.091  13.019  1.00 14.30 ? 548  GLY A CA  1 
ATOM   368  C  C   . GLY A 1 51  ? 2.344   -5.545  13.910  1.00 15.12 ? 548  GLY A C   1 
ATOM   369  O  O   . GLY A 1 51  ? 2.239   -6.533  14.671  1.00 14.94 ? 548  GLY A O   1 
ATOM   370  N  N   . GLY A 1 52  ? 3.467   -4.841  13.782  1.00 14.94 ? 549  GLY A N   1 
ATOM   371  C  CA  . GLY A 1 52  ? 4.671   -5.149  14.556  1.00 16.88 ? 549  GLY A CA  1 
ATOM   372  C  C   . GLY A 1 52  ? 5.195   -6.558  14.319  1.00 17.52 ? 549  GLY A C   1 
ATOM   373  O  O   . GLY A 1 52  ? 5.953   -7.096  15.135  1.00 18.62 ? 549  GLY A O   1 
ATOM   374  N  N   . GLY A 1 53  ? 4.794   -7.162  13.205  1.00 16.67 ? 550  GLY A N   1 
ATOM   375  C  CA  . GLY A 1 53  ? 5.272   -8.483  12.832  1.00 17.17 ? 550  GLY A CA  1 
ATOM   376  C  C   . GLY A 1 53  ? 4.387   -9.615  13.314  1.00 16.51 ? 550  GLY A C   1 
ATOM   377  O  O   . GLY A 1 53  ? 4.754   -10.771 13.188  1.00 17.82 ? 550  GLY A O   1 
ATOM   378  N  N   . GLU A 1 54  ? 3.231   -9.288  13.889  1.00 16.35 ? 551  GLU A N   1 
ATOM   379  C  CA  A GLU A 1 54  ? 2.304   -10.306 14.349  0.50 15.96 ? 551  GLU A CA  1 
ATOM   380  C  CA  B GLU A 1 54  ? 2.313   -10.317 14.348  0.50 15.97 ? 551  GLU A CA  1 
ATOM   381  C  C   . GLU A 1 54  ? 1.571   -10.932 13.152  1.00 15.23 ? 551  GLU A C   1 
ATOM   382  O  O   . GLU A 1 54  ? 1.872   -12.052 12.777  1.00 15.40 ? 551  GLU A O   1 
ATOM   383  C  CB  A GLU A 1 54  ? 1.341   -9.740  15.396  0.50 16.02 ? 551  GLU A CB  1 
ATOM   384  C  CB  B GLU A 1 54  ? 1.359   -9.790  15.418  0.50 16.06 ? 551  GLU A CB  1 
ATOM   385  C  CG  A GLU A 1 54  ? 0.448   -10.798 16.040  0.50 18.79 ? 551  GLU A CG  1 
ATOM   386  C  CG  B GLU A 1 54  ? 0.364   -10.851 15.884  0.50 18.77 ? 551  GLU A CG  1 
ATOM   387  C  CD  A GLU A 1 54  ? 1.248   -11.914 16.690  0.50 20.94 ? 551  GLU A CD  1 
ATOM   388  C  CD  B GLU A 1 54  ? -0.517  -10.400 17.027  0.50 21.94 ? 551  GLU A CD  1 
ATOM   389  O  OE1 A GLU A 1 54  ? 2.174   -11.610 17.471  0.50 23.38 ? 551  GLU A OE1 1 
ATOM   390  O  OE1 B GLU A 1 54  ? -0.230  -9.342  17.644  0.50 22.93 ? 551  GLU A OE1 1 
ATOM   391  O  OE2 A GLU A 1 54  ? 0.959   -13.095 16.414  0.50 23.61 ? 551  GLU A OE2 1 
ATOM   392  O  OE2 B GLU A 1 54  ? -1.502  -11.122 17.314  0.50 23.90 ? 551  GLU A OE2 1 
ATOM   393  N  N   . ASP A 1 55  ? 0.631   -10.178 12.550  1.00 13.18 ? 552  ASP A N   1 
ATOM   394  C  CA  . ASP A 1 55  ? -0.103  -10.601 11.330  1.00 11.20 ? 552  ASP A CA  1 
ATOM   395  C  C   . ASP A 1 55  ? 0.507   -9.999  10.072  1.00 10.61 ? 552  ASP A C   1 
ATOM   396  O  O   . ASP A 1 55  ? 0.353   -10.543 8.964   1.00 10.02 ? 552  ASP A O   1 
ATOM   397  C  CB  . ASP A 1 55  ? -1.585  -10.207 11.408  1.00 11.30 ? 552  ASP A CB  1 
ATOM   398  C  CG  . ASP A 1 55  ? -2.282  -10.868 12.586  1.00 13.35 ? 552  ASP A CG  1 
ATOM   399  O  OD1 . ASP A 1 55  ? -1.961  -12.051 12.842  1.00 14.33 ? 552  ASP A OD1 1 
ATOM   400  O  OD2 . ASP A 1 55  ? -3.067  -10.192 13.287  1.00 13.49 ? 552  ASP A OD2 1 
ATOM   401  N  N   . PHE A 1 56  ? 1.166   -8.857  10.251  1.00 10.57 ? 553  PHE A N   1 
ATOM   402  C  CA  . PHE A 1 56  ? 1.911   -8.234  9.153   1.00 9.73  ? 553  PHE A CA  1 
ATOM   403  C  C   . PHE A 1 56  ? 3.039   -7.380  9.716   1.00 10.38 ? 553  PHE A C   1 
ATOM   404  O  O   . PHE A 1 56  ? 3.028   -6.991  10.903  1.00 9.71  ? 553  PHE A O   1 
ATOM   405  C  CB  . PHE A 1 56  ? 0.963   -7.404  8.247   1.00 9.72  ? 553  PHE A CB  1 
ATOM   406  C  CG  . PHE A 1 56  ? 0.453   -6.147  8.895   1.00 8.92  ? 553  PHE A CG  1 
ATOM   407  C  CD1 . PHE A 1 56  ? -0.689  -6.165  9.685   1.00 12.54 ? 553  PHE A CD1 1 
ATOM   408  C  CD2 . PHE A 1 56  ? 1.146   -4.948  8.748   1.00 9.40  ? 553  PHE A CD2 1 
ATOM   409  C  CE1 . PHE A 1 56  ? -1.160  -4.981  10.304  1.00 10.06 ? 553  PHE A CE1 1 
ATOM   410  C  CE2 . PHE A 1 56  ? 0.705   -3.765  9.365   1.00 8.94  ? 553  PHE A CE2 1 
ATOM   411  C  CZ  . PHE A 1 56  ? -0.452  -3.789  10.140  1.00 8.78  ? 553  PHE A CZ  1 
ATOM   412  N  N   . GLU A 1 57  ? 4.000   -7.051  8.845   1.00 10.65 ? 554  GLU A N   1 
ATOM   413  C  CA  . GLU A 1 57  ? 5.103   -6.195  9.232   1.00 12.01 ? 554  GLU A CA  1 
ATOM   414  C  C   . GLU A 1 57  ? 4.767   -4.733  8.935   1.00 12.65 ? 554  GLU A C   1 
ATOM   415  O  O   . GLU A 1 57  ? 4.383   -4.428  7.795   1.00 11.72 ? 554  GLU A O   1 
ATOM   416  C  CB  . GLU A 1 57  ? 6.347   -6.615  8.459   1.00 12.80 ? 554  GLU A CB  1 
ATOM   417  C  CG  . GLU A 1 57  ? 7.545   -5.771  8.789   1.00 15.76 ? 554  GLU A CG  1 
ATOM   418  C  CD  . GLU A 1 57  ? 8.782   -6.206  8.066   1.00 22.56 ? 554  GLU A CD  1 
ATOM   419  O  OE1 . GLU A 1 57  ? 8.709   -6.455  6.841   1.00 21.20 ? 554  GLU A OE1 1 
ATOM   420  O  OE2 . GLU A 1 57  ? 9.837   -6.303  8.740   1.00 26.34 ? 554  GLU A OE2 1 
ATOM   421  N  N   . ASP A 1 58  ? 4.912   -3.856  9.936   1.00 11.74 ? 555  ASP A N   1 
ATOM   422  C  CA  . ASP A 1 58  ? 4.728   -2.398  9.726   1.00 11.86 ? 555  ASP A CA  1 
ATOM   423  C  C   . ASP A 1 58  ? 5.607   -1.955  8.565   1.00 11.84 ? 555  ASP A C   1 
ATOM   424  O  O   . ASP A 1 58  ? 6.811   -2.282  8.491   1.00 11.32 ? 555  ASP A O   1 
ATOM   425  C  CB  . ASP A 1 58  ? 5.073   -1.558  10.959  1.00 13.35 ? 555  ASP A CB  1 
ATOM   426  C  CG  . ASP A 1 58  ? 4.323   -1.967  12.202  1.00 15.74 ? 555  ASP A CG  1 
ATOM   427  O  OD1 . ASP A 1 58  ? 3.161   -2.410  12.145  1.00 15.47 ? 555  ASP A OD1 1 
ATOM   428  O  OD2 . ASP A 1 58  ? 4.937   -1.772  13.291  1.00 24.85 ? 555  ASP A OD2 1 
ATOM   429  N  N   . THR A 1 59  ? 4.999   -1.224  7.636   1.00 11.09 ? 556  THR A N   1 
ATOM   430  C  CA  . THR A 1 59  ? 5.703   -0.828  6.434   1.00 12.83 ? 556  THR A CA  1 
ATOM   431  C  C   . THR A 1 59  ? 5.346   0.638   6.141   1.00 13.15 ? 556  THR A C   1 
ATOM   432  O  O   . THR A 1 59  ? 4.234   0.938   5.685   1.00 13.67 ? 556  THR A O   1 
ATOM   433  C  CB  . THR A 1 59  ? 5.280   -1.751  5.248   1.00 12.98 ? 556  THR A CB  1 
ATOM   434  O  OG1 . THR A 1 59  ? 5.429   -3.127  5.641   1.00 14.12 ? 556  THR A OG1 1 
ATOM   435  C  CG2 . THR A 1 59  ? 6.126   -1.513  4.030   1.00 13.68 ? 556  THR A CG2 1 
ATOM   436  N  N   . CYS A 1 60  ? 6.285   1.528   6.409   1.00 14.13 ? 557  CYS A N   1 
ATOM   437  C  CA  A CYS A 1 60  ? 6.039   2.943   6.166   0.50 15.03 ? 557  CYS A CA  1 
ATOM   438  C  CA  B CYS A 1 60  ? 6.051   2.961   6.241   0.50 14.66 ? 557  CYS A CA  1 
ATOM   439  C  C   . CYS A 1 60  ? 7.286   3.629   5.647   1.00 15.06 ? 557  CYS A C   1 
ATOM   440  O  O   . CYS A 1 60  ? 8.425   3.145   5.837   1.00 16.01 ? 557  CYS A O   1 
ATOM   441  C  CB  A CYS A 1 60  ? 5.598   3.620   7.451   0.50 15.34 ? 557  CYS A CB  1 
ATOM   442  C  CB  B CYS A 1 60  ? 5.682   3.618   7.589   0.50 14.89 ? 557  CYS A CB  1 
ATOM   443  S  SG  A CYS A 1 60  ? 6.996   3.821   8.519   0.50 20.90 ? 557  CYS A SG  1 
ATOM   444  S  SG  B CYS A 1 60  ? 4.442   2.754   8.620   0.50 18.19 ? 557  CYS A SG  1 
ATOM   445  N  N   . GLY A 1 61  ? 7.089   4.748   4.960   1.00 13.93 ? 558  GLY A N   1 
ATOM   446  C  CA  . GLY A 1 61  ? 8.218   5.475   4.363   1.00 14.03 ? 558  GLY A CA  1 
ATOM   447  C  C   . GLY A 1 61  ? 7.777   6.316   3.196   1.00 15.26 ? 558  GLY A C   1 
ATOM   448  O  O   . GLY A 1 61  ? 6.669   6.851   3.214   1.00 13.48 ? 558  GLY A O   1 
ATOM   449  N  N   . GLU A 1 62  ? 8.628   6.423   2.180   1.00 14.95 ? 559  GLU A N   1 
ATOM   450  C  CA  . GLU A 1 62  ? 8.226   7.217   1.032   1.00 17.85 ? 559  GLU A CA  1 
ATOM   451  C  C   . GLU A 1 62  ? 8.659   6.549   -0.241  1.00 16.28 ? 559  GLU A C   1 
ATOM   452  O  O   . GLU A 1 62  ? 9.677   5.867   -0.256  1.00 17.57 ? 559  GLU A O   1 
ATOM   453  C  CB  . GLU A 1 62  ? 8.789   8.633   1.135   1.00 17.91 ? 559  GLU A CB  1 
ATOM   454  C  CG  . GLU A 1 62  ? 10.304  8.690   1.146   1.00 21.12 ? 559  GLU A CG  1 
ATOM   455  C  CD  . GLU A 1 62  ? 10.878  10.066  1.507   1.00 23.67 ? 559  GLU A CD  1 
ATOM   456  O  OE1 . GLU A 1 62  ? 10.469  10.657  2.531   1.00 30.38 ? 559  GLU A OE1 1 
ATOM   457  O  OE2 . GLU A 1 62  ? 11.768  10.554  0.757   1.00 27.03 ? 559  GLU A OE2 1 
ATOM   458  N  N   . LEU A 1 63  ? 7.865   6.725   -1.291  1.00 15.09 ? 560  LEU A N   1 
ATOM   459  C  CA  . LEU A 1 63  ? 8.196   6.277   -2.636  1.00 15.41 ? 560  LEU A CA  1 
ATOM   460  C  C   . LEU A 1 63  ? 8.725   7.498   -3.369  1.00 16.60 ? 560  LEU A C   1 
ATOM   461  O  O   . LEU A 1 63  ? 8.112   8.545   -3.289  1.00 17.07 ? 560  LEU A O   1 
ATOM   462  C  CB  . LEU A 1 63  ? 6.949   5.780   -3.352  1.00 15.43 ? 560  LEU A CB  1 
ATOM   463  C  CG  . LEU A 1 63  ? 6.300   4.492   -2.827  1.00 15.80 ? 560  LEU A CG  1 
ATOM   464  C  CD1 . LEU A 1 63  ? 4.977   4.225   -3.536  1.00 15.35 ? 560  LEU A CD1 1 
ATOM   465  C  CD2 . LEU A 1 63  ? 7.287   3.314   -2.963  1.00 16.74 ? 560  LEU A CD2 1 
ATOM   466  N  N   . GLU A 1 64  ? 9.839   7.367   -4.084  1.00 16.31 ? 561  GLU A N   1 
ATOM   467  C  CA  . GLU A 1 64  ? 10.306  8.468   -4.919  1.00 17.98 ? 561  GLU A CA  1 
ATOM   468  C  C   . GLU A 1 64  ? 10.108  8.103   -6.373  1.00 16.91 ? 561  GLU A C   1 
ATOM   469  O  O   . GLU A 1 64  ? 10.790  7.216   -6.885  1.00 18.23 ? 561  GLU A O   1 
ATOM   470  C  CB  . GLU A 1 64  ? 11.779  8.806   -4.665  1.00 17.42 ? 561  GLU A CB  1 
ATOM   471  C  CG  . GLU A 1 64  ? 12.243  10.020  -5.518  1.00 20.39 ? 561  GLU A CG  1 
ATOM   472  C  CD  . GLU A 1 64  ? 13.608  10.613  -5.118  1.00 23.86 ? 561  GLU A CD  1 
ATOM   473  O  OE1 . GLU A 1 64  ? 14.094  10.376  -3.983  1.00 30.03 ? 561  GLU A OE1 1 
ATOM   474  O  OE2 . GLU A 1 64  ? 14.176  11.351  -5.961  1.00 31.96 ? 561  GLU A OE2 1 
ATOM   475  N  N   . PHE A 1 65  ? 9.180   8.775   -7.040  1.00 15.52 ? 562  PHE A N   1 
ATOM   476  C  CA  . PHE A 1 65  ? 8.992   8.595   -8.472  1.00 15.21 ? 562  PHE A CA  1 
ATOM   477  C  C   . PHE A 1 65  ? 9.957   9.510   -9.218  1.00 16.32 ? 562  PHE A C   1 
ATOM   478  O  O   . PHE A 1 65  ? 9.996   10.708  -8.940  1.00 17.54 ? 562  PHE A O   1 
ATOM   479  C  CB  . PHE A 1 65  ? 7.565   8.958   -8.872  1.00 14.08 ? 562  PHE A CB  1 
ATOM   480  C  CG  . PHE A 1 65  ? 6.531   7.995   -8.408  1.00 12.46 ? 562  PHE A CG  1 
ATOM   481  C  CD1 . PHE A 1 65  ? 5.914   7.158   -9.321  1.00 11.00 ? 562  PHE A CD1 1 
ATOM   482  C  CD2 . PHE A 1 65  ? 6.125   7.955   -7.061  1.00 11.39 ? 562  PHE A CD2 1 
ATOM   483  C  CE1 . PHE A 1 65  ? 4.906   6.268   -8.953  1.00 11.19 ? 562  PHE A CE1 1 
ATOM   484  C  CE2 . PHE A 1 65  ? 5.128   7.048   -6.660  1.00 10.06 ? 562  PHE A CE2 1 
ATOM   485  C  CZ  . PHE A 1 65  ? 4.499   6.210   -7.607  1.00 10.88 ? 562  PHE A CZ  1 
ATOM   486  N  N   . GLN A 1 66  ? 10.742  8.939   -10.130 1.00 17.23 ? 563  GLN A N   1 
ATOM   487  C  CA  . GLN A 1 66  ? 11.622  9.701   -11.011 1.00 18.32 ? 563  GLN A CA  1 
ATOM   488  C  C   . GLN A 1 66  ? 10.826  10.330  -12.151 1.00 18.33 ? 563  GLN A C   1 
ATOM   489  O  O   . GLN A 1 66  ? 9.697   9.913   -12.441 1.00 16.33 ? 563  GLN A O   1 
ATOM   490  C  CB  . GLN A 1 66  ? 12.649  8.746   -11.634 1.00 19.07 ? 563  GLN A CB  1 
ATOM   491  C  CG  . GLN A 1 66  ? 13.432  7.893   -10.635 1.00 23.71 ? 563  GLN A CG  1 
ATOM   492  C  CD  . GLN A 1 66  ? 14.617  8.620   -10.053 1.00 31.22 ? 563  GLN A CD  1 
ATOM   493  O  OE1 . GLN A 1 66  ? 14.791  8.659   -8.830  1.00 34.31 ? 563  GLN A OE1 1 
ATOM   494  N  NE2 . GLN A 1 66  ? 15.454  9.203   -10.928 1.00 33.22 ? 563  GLN A NE2 1 
ATOM   495  N  N   . ASN A 1 67  ? 11.428  11.309  -12.826 1.00 18.39 ? 564  ASN A N   1 
ATOM   496  C  CA  . ASN A 1 67  ? 10.850  11.806  -14.067 1.00 19.60 ? 564  ASN A CA  1 
ATOM   497  C  C   . ASN A 1 67  ? 10.480  10.632  -14.990 1.00 18.29 ? 564  ASN A C   1 
ATOM   498  O  O   . ASN A 1 67  ? 11.294  9.730   -15.187 1.00 19.87 ? 564  ASN A O   1 
ATOM   499  C  CB  . ASN A 1 67  ? 11.856  12.742  -14.765 1.00 20.01 ? 564  ASN A CB  1 
ATOM   500  C  CG  . ASN A 1 67  ? 11.245  13.484  -15.910 1.00 22.54 ? 564  ASN A CG  1 
ATOM   501  O  OD1 . ASN A 1 67  ? 10.454  14.393  -15.713 1.00 23.52 ? 564  ASN A OD1 1 
ATOM   502  N  ND2 . ASN A 1 67  ? 11.612  13.101  -17.135 1.00 26.36 ? 564  ASN A ND2 1 
ATOM   503  N  N   . ASP A 1 68  ? 9.245   10.617  -15.496 1.00 18.02 ? 565  ASP A N   1 
ATOM   504  C  CA  . ASP A 1 68  ? 8.730   9.591   -16.434 1.00 17.70 ? 565  ASP A CA  1 
ATOM   505  C  C   . ASP A 1 68  ? 8.450   8.202   -15.823 1.00 16.30 ? 565  ASP A C   1 
ATOM   506  O  O   . ASP A 1 68  ? 8.115   7.250   -16.553 1.00 16.23 ? 565  ASP A O   1 
ATOM   507  C  CB  . ASP A 1 68  ? 9.662   9.445   -17.655 1.00 19.50 ? 565  ASP A CB  1 
ATOM   508  C  CG  . ASP A 1 68  ? 9.382   10.471  -18.736 1.00 24.07 ? 565  ASP A CG  1 
ATOM   509  O  OD1 . ASP A 1 68  ? 8.370   11.216  -18.664 1.00 29.00 ? 565  ASP A OD1 1 
ATOM   510  O  OD2 . ASP A 1 68  ? 10.170  10.501  -19.707 1.00 30.93 ? 565  ASP A OD2 1 
ATOM   511  N  N   . GLU A 1 69  ? 8.609   8.097   -14.507 1.00 14.00 ? 566  GLU A N   1 
ATOM   512  C  CA  . GLU A 1 69  ? 8.304   6.857   -13.759 1.00 14.02 ? 566  GLU A CA  1 
ATOM   513  C  C   . GLU A 1 69  ? 6.852   6.942   -13.358 1.00 12.37 ? 566  GLU A C   1 
ATOM   514  O  O   . GLU A 1 69  ? 6.468   7.953   -12.756 1.00 12.20 ? 566  GLU A O   1 
ATOM   515  C  CB  . GLU A 1 69  ? 9.187   6.736   -12.512 1.00 14.36 ? 566  GLU A CB  1 
ATOM   516  C  CG  . GLU A 1 69  ? 9.163   5.350   -11.836 1.00 16.76 ? 566  GLU A CG  1 
ATOM   517  C  CD  . GLU A 1 69  ? 10.145  5.208   -10.655 1.00 17.23 ? 566  GLU A CD  1 
ATOM   518  O  OE1 . GLU A 1 69  ? 10.765  6.212   -10.230 1.00 19.64 ? 566  GLU A OE1 1 
ATOM   519  O  OE2 . GLU A 1 69  ? 10.299  4.061   -10.147 1.00 22.22 ? 566  GLU A OE2 1 
ATOM   520  N  N   . ILE A 1 70  ? 6.057   5.919   -13.689 1.00 10.83 ? 567  ILE A N   1 
ATOM   521  C  CA  . ILE A 1 70  ? 4.626   5.964   -13.443 1.00 10.15 ? 567  ILE A CA  1 
ATOM   522  C  C   . ILE A 1 70  ? 4.018   4.881   -12.540 1.00 9.55  ? 567  ILE A C   1 
ATOM   523  O  O   . ILE A 1 70  ? 2.823   4.936   -12.247 1.00 9.22  ? 567  ILE A O   1 
ATOM   524  C  CB  . ILE A 1 70  ? 3.807   6.090   -14.734 1.00 11.04 ? 567  ILE A CB  1 
ATOM   525  C  CG1 . ILE A 1 70  ? 3.999   4.854   -15.634 1.00 13.20 ? 567  ILE A CG1 1 
ATOM   526  C  CG2 . ILE A 1 70  ? 4.173   7.400   -15.429 1.00 11.30 ? 567  ILE A CG2 1 
ATOM   527  C  CD1 . ILE A 1 70  ? 2.965   4.698   -16.708 1.00 19.17 ? 567  ILE A CD1 1 
ATOM   528  N  N   . VAL A 1 71  ? 4.806   3.892   -12.126 1.00 9.59  ? 568  VAL A N   1 
ATOM   529  C  CA  A VAL A 1 71  ? 4.295   2.862   -11.213 0.50 9.30  ? 568  VAL A CA  1 
ATOM   530  C  CA  B VAL A 1 71  ? 4.299   2.860   -11.224 0.50 9.19  ? 568  VAL A CA  1 
ATOM   531  C  C   . VAL A 1 71  ? 5.405   2.448   -10.248 1.00 10.07 ? 568  VAL A C   1 
ATOM   532  O  O   . VAL A 1 71  ? 6.573   2.296   -10.646 1.00 11.42 ? 568  VAL A O   1 
ATOM   533  C  CB  A VAL A 1 71  ? 3.709   1.619   -11.963 0.50 9.39  ? 568  VAL A CB  1 
ATOM   534  C  CB  B VAL A 1 71  ? 3.721   1.647   -12.016 0.50 9.26  ? 568  VAL A CB  1 
ATOM   535  C  CG1 A VAL A 1 71  ? 3.240   0.523   -10.972 0.50 10.33 ? 568  VAL A CG1 1 
ATOM   536  C  CG1 B VAL A 1 71  ? 4.806   0.975   -12.885 0.50 7.86  ? 568  VAL A CG1 1 
ATOM   537  C  CG2 A VAL A 1 71  ? 2.562   2.014   -12.899 0.50 8.77  ? 568  VAL A CG2 1 
ATOM   538  C  CG2 B VAL A 1 71  ? 3.017   0.633   -11.082 0.50 10.41 ? 568  VAL A CG2 1 
ATOM   539  N  N   . LYS A 1 72  ? 5.041   2.289   -8.983  1.00 8.70  ? 569  LYS A N   1 
ATOM   540  C  CA  . LYS A 1 72  ? 5.955   1.813   -7.956  1.00 9.89  ? 569  LYS A CA  1 
ATOM   541  C  C   . LYS A 1 72  ? 5.228   0.804   -7.085  1.00 9.66  ? 569  LYS A C   1 
ATOM   542  O  O   . LYS A 1 72  ? 3.994   0.669   -7.136  1.00 9.73  ? 569  LYS A O   1 
ATOM   543  C  CB  . LYS A 1 72  ? 6.419   2.969   -7.076  1.00 10.40 ? 569  LYS A CB  1 
ATOM   544  C  CG  . LYS A 1 72  ? 7.122   4.083   -7.817  1.00 15.70 ? 569  LYS A CG  1 
ATOM   545  C  CD  . LYS A 1 72  ? 8.524   3.785   -8.017  1.00 21.77 ? 569  LYS A CD  1 
ATOM   546  C  CE  . LYS A 1 72  ? 9.371   4.301   -6.862  1.00 23.10 ? 569  LYS A CE  1 
ATOM   547  N  NZ  . LYS A 1 72  ? 10.785  4.291   -7.375  1.00 22.71 ? 569  LYS A NZ  1 
ATOM   548  N  N   . THR A 1 73  ? 6.020   0.066   -6.315  1.00 9.49  ? 570  THR A N   1 
ATOM   549  C  CA  . THR A 1 73  ? 5.500   -1.054  -5.534  1.00 9.64  ? 570  THR A CA  1 
ATOM   550  C  C   . THR A 1 73  ? 5.891   -0.881  -4.055  1.00 9.80  ? 570  THR A C   1 
ATOM   551  O  O   . THR A 1 73  ? 7.053   -0.572  -3.747  1.00 10.14 ? 570  THR A O   1 
ATOM   552  C  CB  . THR A 1 73  ? 6.117   -2.381  -6.094  1.00 10.74 ? 570  THR A CB  1 
ATOM   553  O  OG1 . THR A 1 73  ? 5.727   -2.534  -7.471  1.00 12.94 ? 570  THR A OG1 1 
ATOM   554  C  CG2 . THR A 1 73  ? 5.654   -3.573  -5.312  1.00 11.14 ? 570  THR A CG2 1 
ATOM   555  N  N   . ILE A 1 74  ? 4.927   -1.127  -3.163  1.00 8.16  ? 571  ILE A N   1 
ATOM   556  C  CA  . ILE A 1 74  ? 5.202   -1.275  -1.714  1.00 9.08  ? 571  ILE A CA  1 
ATOM   557  C  C   . ILE A 1 74  ? 5.030   -2.784  -1.385  1.00 8.96  ? 571  ILE A C   1 
ATOM   558  O  O   . ILE A 1 74  ? 3.975   -3.346  -1.655  1.00 9.43  ? 571  ILE A O   1 
ATOM   559  C  CB  . ILE A 1 74  ? 4.183   -0.463  -0.891  1.00 9.66  ? 571  ILE A CB  1 
ATOM   560  C  CG1 . ILE A 1 74  ? 4.259   1.022   -1.256  1.00 10.87 ? 571  ILE A CG1 1 
ATOM   561  C  CG2 . ILE A 1 74  ? 4.397   -0.680  0.617   1.00 11.31 ? 571  ILE A CG2 1 
ATOM   562  C  CD1 . ILE A 1 74  ? 3.032   1.813   -0.842  1.00 12.20 ? 571  ILE A CD1 1 
ATOM   563  N  N   . SER A 1 75  ? 6.066   -3.401  -0.826  1.00 9.19  ? 572  SER A N   1 
ATOM   564  C  CA  . SER A 1 75  ? 6.041   -4.833  -0.497  1.00 9.81  ? 572  SER A CA  1 
ATOM   565  C  C   . SER A 1 75  ? 5.794   -4.950  1.000   1.00 9.81  ? 572  SER A C   1 
ATOM   566  O  O   . SER A 1 75  ? 6.534   -4.368  1.784   1.00 10.09 ? 572  SER A O   1 
ATOM   567  C  CB  . SER A 1 75  ? 7.375   -5.490  -0.880  1.00 10.59 ? 572  SER A CB  1 
ATOM   568  O  OG  . SER A 1 75  ? 7.442   -5.661  -2.290  1.00 15.52 ? 572  SER A OG  1 
ATOM   569  N  N   . VAL A 1 76  ? 4.729   -5.653  1.372   1.00 9.97  ? 573  VAL A N   1 
ATOM   570  C  CA  . VAL A 1 76  ? 4.353   -5.831  2.779   1.00 9.44  ? 573  VAL A CA  1 
ATOM   571  C  C   . VAL A 1 76  ? 4.426   -7.325  3.104   1.00 9.50  ? 573  VAL A C   1 
ATOM   572  O  O   . VAL A 1 76  ? 3.820   -8.158  2.406   1.00 10.05 ? 573  VAL A O   1 
ATOM   573  C  CB  . VAL A 1 76  ? 2.898   -5.325  3.062   1.00 8.69  ? 573  VAL A CB  1 
ATOM   574  C  CG1 . VAL A 1 76  ? 2.526   -5.484  4.537   1.00 11.44 ? 573  VAL A CG1 1 
ATOM   575  C  CG2 . VAL A 1 76  ? 2.738   -3.870  2.613   1.00 11.47 ? 573  VAL A CG2 1 
ATOM   576  N  N   . LYS A 1 77  ? 5.144   -7.646  4.176   1.00 9.97  ? 574  LYS A N   1 
ATOM   577  C  CA  . LYS A 1 77  ? 5.220   -9.031  4.657   1.00 10.59 ? 574  LYS A CA  1 
ATOM   578  C  C   . LYS A 1 77  ? 3.946   -9.346  5.446   1.00 10.63 ? 574  LYS A C   1 
ATOM   579  O  O   . LYS A 1 77  ? 3.609   -8.666  6.453   1.00 10.50 ? 574  LYS A O   1 
ATOM   580  C  CB  . LYS A 1 77  ? 6.430   -9.228  5.591   1.00 11.45 ? 574  LYS A CB  1 
ATOM   581  C  CG  . LYS A 1 77  ? 7.796   -9.134  4.953   1.00 16.76 ? 574  LYS A CG  1 
ATOM   582  C  CD  . LYS A 1 77  ? 8.823   -9.971  5.779   1.00 22.03 ? 574  LYS A CD  1 
ATOM   583  C  CE  . LYS A 1 77  ? 9.238   -9.271  7.029   1.00 24.01 ? 574  LYS A CE  1 
ATOM   584  N  NZ  . LYS A 1 77  ? 10.087  -10.010 8.026   1.00 23.32 ? 574  LYS A NZ  1 
ATOM   585  N  N   . VAL A 1 78  ? 3.271   -10.396 5.013   1.00 9.99  ? 575  VAL A N   1 
ATOM   586  C  CA  . VAL A 1 78  ? 2.050   -10.901 5.661   1.00 10.95 ? 575  VAL A CA  1 
ATOM   587  C  C   . VAL A 1 78  ? 2.430   -12.248 6.305   1.00 11.93 ? 575  VAL A C   1 
ATOM   588  O  O   . VAL A 1 78  ? 3.007   -13.123 5.632   1.00 12.38 ? 575  VAL A O   1 
ATOM   589  C  CB  . VAL A 1 78  ? 0.926   -11.093 4.617   1.00 12.19 ? 575  VAL A CB  1 
ATOM   590  C  CG1 . VAL A 1 78  ? -0.313  -11.718 5.276   1.00 13.57 ? 575  VAL A CG1 1 
ATOM   591  C  CG2 . VAL A 1 78  ? 0.579   -9.754  3.979   1.00 12.03 ? 575  VAL A CG2 1 
ATOM   592  N  N   . ILE A 1 79  ? 2.136   -12.381 7.600   1.00 11.77 ? 576  ILE A N   1 
ATOM   593  C  CA  . ILE A 1 79  ? 2.695   -13.449 8.416   1.00 13.31 ? 576  ILE A CA  1 
ATOM   594  C  C   . ILE A 1 79  ? 1.652   -14.545 8.629   1.00 14.04 ? 576  ILE A C   1 
ATOM   595  O  O   . ILE A 1 79  ? 0.597   -14.290 9.228   1.00 14.24 ? 576  ILE A O   1 
ATOM   596  C  CB  . ILE A 1 79  ? 3.185   -12.912 9.784   1.00 13.44 ? 576  ILE A CB  1 
ATOM   597  C  CG1 . ILE A 1 79  ? 4.192   -11.732 9.626   1.00 14.79 ? 576  ILE A CG1 1 
ATOM   598  C  CG2 . ILE A 1 79  ? 3.708   -14.091 10.654  1.00 15.69 ? 576  ILE A CG2 1 
ATOM   599  C  CD1 . ILE A 1 79  ? 5.377   -12.049 8.821   1.00 18.80 ? 576  ILE A CD1 1 
ATOM   600  N  N   . ASP A 1 80  ? 1.940   -15.748 8.126   1.00 14.12 ? 577  ASP A N   1 
ATOM   601  C  CA  . ASP A 1 80  ? 0.999   -16.871 8.218   1.00 15.65 ? 577  ASP A CA  1 
ATOM   602  C  C   . ASP A 1 80  ? 1.102   -17.455 9.636   1.00 15.95 ? 577  ASP A C   1 
ATOM   603  O  O   . ASP A 1 80  ? 2.076   -17.188 10.348  1.00 18.35 ? 577  ASP A O   1 
ATOM   604  C  CB  . ASP A 1 80  ? 1.328   -17.910 7.138   1.00 15.11 ? 577  ASP A CB  1 
ATOM   605  C  CG  . ASP A 1 80  ? 0.150   -18.787 6.782   1.00 17.20 ? 577  ASP A CG  1 
ATOM   606  O  OD1 . ASP A 1 80  ? -0.939  -18.660 7.407   1.00 18.29 ? 577  ASP A OD1 1 
ATOM   607  O  OD2 . ASP A 1 80  ? 0.315   -19.612 5.861   1.00 18.57 ? 577  ASP A OD2 1 
ATOM   608  N  N   . ASP A 1 81  ? 0.095   -18.191 10.091  1.00 15.59 ? 578  ASP A N   1 
ATOM   609  C  CA  . ASP A 1 81  ? 0.182   -18.829 11.399  1.00 15.63 ? 578  ASP A CA  1 
ATOM   610  C  C   . ASP A 1 81  ? -0.475  -20.203 11.377  1.00 15.77 ? 578  ASP A C   1 
ATOM   611  O  O   . ASP A 1 81  ? -0.835  -20.693 10.312  1.00 14.64 ? 578  ASP A O   1 
ATOM   612  C  CB  . ASP A 1 81  ? -0.409  -17.939 12.508  1.00 15.11 ? 578  ASP A CB  1 
ATOM   613  C  CG  . ASP A 1 81  ? -1.909  -17.706 12.357  1.00 15.15 ? 578  ASP A CG  1 
ATOM   614  O  OD1 . ASP A 1 81  ? -2.617  -18.563 11.772  1.00 13.97 ? 578  ASP A OD1 1 
ATOM   615  O  OD2 . ASP A 1 81  ? -2.393  -16.674 12.880  1.00 14.98 ? 578  ASP A OD2 1 
ATOM   616  N  N   . GLU A 1 82  ? -0.607  -20.815 12.558  1.00 17.39 ? 579  GLU A N   1 
ATOM   617  C  CA  . GLU A 1 82  ? -1.208  -22.148 12.665  1.00 19.06 ? 579  GLU A CA  1 
ATOM   618  C  C   . GLU A 1 82  ? -2.548  -22.153 13.395  1.00 19.47 ? 579  GLU A C   1 
ATOM   619  O  O   . GLU A 1 82  ? -3.004  -23.218 13.850  1.00 20.72 ? 579  GLU A O   1 
ATOM   620  C  CB  . GLU A 1 82  ? -0.246  -23.115 13.363  1.00 19.82 ? 579  GLU A CB  1 
ATOM   621  C  CG  . GLU A 1 82  ? 1.013   -23.393 12.566  1.00 25.40 ? 579  GLU A CG  1 
ATOM   622  C  CD  . GLU A 1 82  ? 1.936   -24.340 13.294  1.00 32.26 ? 579  GLU A CD  1 
ATOM   623  O  OE1 . GLU A 1 82  ? 1.531   -25.507 13.478  1.00 37.65 ? 579  GLU A OE1 1 
ATOM   624  O  OE2 . GLU A 1 82  ? 3.052   -23.924 13.679  1.00 36.65 ? 579  GLU A OE2 1 
ATOM   625  N  N   . GLU A 1 83  ? -3.179  -20.985 13.498  1.00 18.35 ? 580  GLU A N   1 
ATOM   626  C  CA  . GLU A 1 83  ? -4.450  -20.827 14.175  1.00 18.28 ? 580  GLU A CA  1 
ATOM   627  C  C   . GLU A 1 83  ? -5.573  -20.655 13.172  1.00 17.55 ? 580  GLU A C   1 
ATOM   628  O  O   . GLU A 1 83  ? -5.366  -20.119 12.088  1.00 16.07 ? 580  GLU A O   1 
ATOM   629  C  CB  . GLU A 1 83  ? -4.432  -19.586 15.085  1.00 19.34 ? 580  GLU A CB  1 
ATOM   630  C  CG  . GLU A 1 83  ? -3.237  -19.503 16.082  1.00 24.39 ? 580  GLU A CG  1 
ATOM   631  C  CD  . GLU A 1 83  ? -3.123  -20.714 17.020  1.00 31.80 ? 580  GLU A CD  1 
ATOM   632  O  OE1 . GLU A 1 83  ? -4.176  -21.256 17.453  1.00 33.65 ? 580  GLU A OE1 1 
ATOM   633  O  OE2 . GLU A 1 83  ? -1.971  -21.119 17.326  1.00 35.09 ? 580  GLU A OE2 1 
ATOM   634  N  N   . TYR A 1 84  ? -6.768  -21.106 13.547  1.00 16.36 ? 581  TYR A N   1 
ATOM   635  C  CA  . TYR A 1 84  ? -7.960  -20.915 12.745  1.00 16.56 ? 581  TYR A CA  1 
ATOM   636  C  C   . TYR A 1 84  ? -8.765  -19.730 13.303  1.00 17.80 ? 581  TYR A C   1 
ATOM   637  O  O   . TYR A 1 84  ? -9.330  -19.803 14.405  1.00 17.58 ? 581  TYR A O   1 
ATOM   638  C  CB  . TYR A 1 84  ? -8.844  -22.183 12.762  1.00 15.92 ? 581  TYR A CB  1 
ATOM   639  C  CG  . TYR A 1 84  ? -8.316  -23.437 12.060  1.00 14.44 ? 581  TYR A CG  1 
ATOM   640  C  CD1 . TYR A 1 84  ? -7.092  -23.457 11.376  1.00 12.91 ? 581  TYR A CD1 1 
ATOM   641  C  CD2 . TYR A 1 84  ? -9.082  -24.606 12.050  1.00 13.83 ? 581  TYR A CD2 1 
ATOM   642  C  CE1 . TYR A 1 84  ? -6.632  -24.621 10.733  1.00 13.48 ? 581  TYR A CE1 1 
ATOM   643  C  CE2 . TYR A 1 84  ? -8.642  -25.762 11.381  1.00 13.41 ? 581  TYR A CE2 1 
ATOM   644  C  CZ  . TYR A 1 84  ? -7.394  -25.764 10.738  1.00 14.38 ? 581  TYR A CZ  1 
ATOM   645  O  OH  . TYR A 1 84  ? -6.928  -26.906 10.095  1.00 14.35 ? 581  TYR A OH  1 
ATOM   646  N  N   . GLU A 1 85  ? -8.826  -18.637 12.551  1.00 17.77 ? 582  GLU A N   1 
ATOM   647  C  CA  . GLU A 1 85  ? -9.503  -17.413 13.021  1.00 19.58 ? 582  GLU A CA  1 
ATOM   648  C  C   . GLU A 1 85  ? -10.331 -16.785 11.918  1.00 18.93 ? 582  GLU A C   1 
ATOM   649  O  O   . GLU A 1 85  ? -10.306 -17.234 10.767  1.00 19.18 ? 582  GLU A O   1 
ATOM   650  C  CB  . GLU A 1 85  ? -8.468  -16.428 13.594  1.00 19.43 ? 582  GLU A CB  1 
ATOM   651  C  CG  . GLU A 1 85  ? -7.665  -17.048 14.721  1.00 20.68 ? 582  GLU A CG  1 
ATOM   652  C  CD  . GLU A 1 85  ? -6.474  -16.229 15.195  1.00 23.55 ? 582  GLU A CD  1 
ATOM   653  O  OE1 . GLU A 1 85  ? -5.902  -15.458 14.421  1.00 25.50 ? 582  GLU A OE1 1 
ATOM   654  O  OE2 . GLU A 1 85  ? -6.079  -16.392 16.374  1.00 30.94 ? 582  GLU A OE2 1 
ATOM   655  N  N   . LYS A 1 86  ? -11.085 -15.747 12.252  1.00 18.54 ? 583  LYS A N   1 
ATOM   656  C  CA  . LYS A 1 86  ? -11.803 -14.999 11.232  1.00 18.63 ? 583  LYS A CA  1 
ATOM   657  C  C   . LYS A 1 86  ? -10.827 -14.198 10.358  1.00 16.98 ? 583  LYS A C   1 
ATOM   658  O  O   . LYS A 1 86  ? -9.659  -14.028 10.737  1.00 15.83 ? 583  LYS A O   1 
ATOM   659  C  CB  . LYS A 1 86  ? -12.790 -14.045 11.891  1.00 19.70 ? 583  LYS A CB  1 
ATOM   660  C  CG  . LYS A 1 86  ? -13.908 -14.767 12.610  1.00 23.66 ? 583  LYS A CG  1 
ATOM   661  C  CD  . LYS A 1 86  ? -14.349 -13.978 13.828  1.00 30.13 ? 583  LYS A CD  1 
ATOM   662  C  CE  . LYS A 1 86  ? -15.395 -14.771 14.607  1.00 32.14 ? 583  LYS A CE  1 
ATOM   663  N  NZ  . LYS A 1 86  ? -16.656 -14.900 13.794  1.00 35.46 ? 583  LYS A NZ  1 
ATOM   664  N  N   . ASN A 1 87  ? -11.313 -13.739 9.198   1.00 15.09 ? 584  ASN A N   1 
ATOM   665  C  CA  . ASN A 1 87  ? -10.529 -12.868 8.309   1.00 14.64 ? 584  ASN A CA  1 
ATOM   666  C  C   . ASN A 1 87  ? -10.219 -11.588 9.038   1.00 14.50 ? 584  ASN A C   1 
ATOM   667  O  O   . ASN A 1 87  ? -11.028 -11.111 9.855   1.00 15.85 ? 584  ASN A O   1 
ATOM   668  C  CB  . ASN A 1 87  ? -11.277 -12.575 7.011   1.00 14.35 ? 584  ASN A CB  1 
ATOM   669  C  CG  . ASN A 1 87  ? -11.466 -13.822 6.149   1.00 16.28 ? 584  ASN A CG  1 
ATOM   670  O  OD1 . ASN A 1 87  ? -10.899 -14.895 6.426   1.00 15.12 ? 584  ASN A OD1 1 
ATOM   671  N  ND2 . ASN A 1 87  ? -12.256 -13.686 5.096   1.00 17.45 ? 584  ASN A ND2 1 
ATOM   672  N  N   . LYS A 1 88  ? -9.042  -11.031 8.775   1.00 13.82 ? 585  LYS A N   1 
ATOM   673  C  CA  . LYS A 1 88  ? -8.592  -9.859  9.518   1.00 13.76 ? 585  LYS A CA  1 
ATOM   674  C  C   . LYS A 1 88  ? -8.276  -8.743  8.561   1.00 12.58 ? 585  LYS A C   1 
ATOM   675  O  O   . LYS A 1 88  ? -8.037  -9.014  7.390   1.00 13.81 ? 585  LYS A O   1 
ATOM   676  C  CB  . LYS A 1 88  ? -7.387  -10.223 10.359  1.00 15.16 ? 585  LYS A CB  1 
ATOM   677  C  CG  . LYS A 1 88  ? -7.822  -11.102 11.568  1.00 16.56 ? 585  LYS A CG  1 
ATOM   678  C  CD  . LYS A 1 88  ? -6.630  -11.437 12.372  1.00 23.02 ? 585  LYS A CD  1 
ATOM   679  C  CE  . LYS A 1 88  ? -6.945  -12.597 13.279  1.00 22.75 ? 585  LYS A CE  1 
ATOM   680  N  NZ  . LYS A 1 88  ? -5.691  -12.911 14.010  1.00 27.44 ? 585  LYS A NZ  1 
ATOM   681  N  N   . THR A 1 89  ? -8.270  -7.512  9.052   1.00 11.45 ? 586  THR A N   1 
ATOM   682  C  CA  . THR A 1 89  ? -8.075  -6.347  8.166   1.00 11.00 ? 586  THR A CA  1 
ATOM   683  C  C   . THR A 1 89  ? -6.876  -5.481  8.571   1.00 10.30 ? 586  THR A C   1 
ATOM   684  O  O   . THR A 1 89  ? -6.538  -5.348  9.762   1.00 8.61  ? 586  THR A O   1 
ATOM   685  C  CB  . THR A 1 89  ? -9.304  -5.423  8.226   1.00 11.90 ? 586  THR A CB  1 
ATOM   686  O  OG1 . THR A 1 89  ? -9.452  -4.918  9.563   1.00 12.88 ? 586  THR A OG1 1 
ATOM   687  C  CG2 . THR A 1 89  ? -10.551 -6.157  7.788   1.00 12.94 ? 586  THR A CG2 1 
ATOM   688  N  N   . PHE A 1 90  ? -6.227  -4.869  7.586   1.00 9.10  ? 587  PHE A N   1 
ATOM   689  C  CA  . PHE A 1 90  ? -5.367  -3.711  7.870   1.00 9.70  ? 587  PHE A CA  1 
ATOM   690  C  C   . PHE A 1 90  ? -5.471  -2.725  6.714   1.00 9.78  ? 587  PHE A C   1 
ATOM   691  O  O   . PHE A 1 90  ? -6.201  -2.998  5.753   1.00 9.30  ? 587  PHE A O   1 
ATOM   692  C  CB  . PHE A 1 90  ? -3.913  -4.087  8.204   1.00 9.85  ? 587  PHE A CB  1 
ATOM   693  C  CG  . PHE A 1 90  ? -3.130  -4.681  7.056   1.00 9.20  ? 587  PHE A CG  1 
ATOM   694  C  CD1 . PHE A 1 90  ? -3.306  -6.019  6.676   1.00 9.59  ? 587  PHE A CD1 1 
ATOM   695  C  CD2 . PHE A 1 90  ? -2.153  -3.907  6.406   1.00 9.33  ? 587  PHE A CD2 1 
ATOM   696  C  CE1 . PHE A 1 90  ? -2.520  -6.576  5.597   1.00 11.05 ? 587  PHE A CE1 1 
ATOM   697  C  CE2 . PHE A 1 90  ? -1.384  -4.446  5.356   1.00 13.21 ? 587  PHE A CE2 1 
ATOM   698  C  CZ  . PHE A 1 90  ? -1.554  -5.774  4.965   1.00 9.96  ? 587  PHE A CZ  1 
ATOM   699  N  N   . PHE A 1 91  ? -4.770  -1.604  6.817   1.00 9.71  ? 588  PHE A N   1 
ATOM   700  C  CA  . PHE A 1 91  ? -4.898  -0.534  5.827   1.00 9.63  ? 588  PHE A CA  1 
ATOM   701  C  C   . PHE A 1 91  ? -3.550  -0.049  5.358   1.00 10.03 ? 588  PHE A C   1 
ATOM   702  O  O   . PHE A 1 91  ? -2.571  -0.152  6.086   1.00 9.24  ? 588  PHE A O   1 
ATOM   703  C  CB  . PHE A 1 91  ? -5.700  0.633   6.414   1.00 9.65  ? 588  PHE A CB  1 
ATOM   704  C  CG  . PHE A 1 91  ? -7.056  0.234   6.896   1.00 10.52 ? 588  PHE A CG  1 
ATOM   705  C  CD1 . PHE A 1 91  ? -8.153  0.301   6.048   1.00 12.73 ? 588  PHE A CD1 1 
ATOM   706  C  CD2 . PHE A 1 91  ? -7.228  -0.248  8.192   1.00 13.58 ? 588  PHE A CD2 1 
ATOM   707  C  CE1 . PHE A 1 91  ? -9.423  -0.093  6.484   1.00 12.65 ? 588  PHE A CE1 1 
ATOM   708  C  CE2 . PHE A 1 91  ? -8.483  -0.661  8.633   1.00 13.41 ? 588  PHE A CE2 1 
ATOM   709  C  CZ  . PHE A 1 91  ? -9.591  -0.586  7.767   1.00 12.81 ? 588  PHE A CZ  1 
ATOM   710  N  N   . LEU A 1 92  ? -3.509  0.472   4.133   1.00 9.31  ? 589  LEU A N   1 
ATOM   711  C  CA  . LEU A 1 92  ? -2.398  1.298   3.685   1.00 10.41 ? 589  LEU A CA  1 
ATOM   712  C  C   . LEU A 1 92  ? -2.946  2.642   3.268   1.00 10.29 ? 589  LEU A C   1 
ATOM   713  O  O   . LEU A 1 92  ? -4.108  2.722   2.790   1.00 12.24 ? 589  LEU A O   1 
ATOM   714  C  CB  . LEU A 1 92  ? -1.684  0.687   2.493   1.00 11.98 ? 589  LEU A CB  1 
ATOM   715  C  CG  . LEU A 1 92  ? -0.701  -0.415  2.819   1.00 16.67 ? 589  LEU A CG  1 
ATOM   716  C  CD1 . LEU A 1 92  ? -1.396  -1.750  2.720   1.00 19.97 ? 589  LEU A CD1 1 
ATOM   717  C  CD2 . LEU A 1 92  ? 0.404   -0.282  1.809   1.00 20.48 ? 589  LEU A CD2 1 
ATOM   718  N  N   . GLU A 1 93  ? -2.139  3.678   3.465   1.00 10.37 ? 590  GLU A N   1 
ATOM   719  C  CA  . GLU A 1 93  ? -2.539  5.034   3.045   1.00 10.63 ? 590  GLU A CA  1 
ATOM   720  C  C   . GLU A 1 93  ? -1.390  5.678   2.343   1.00 10.77 ? 590  GLU A C   1 
ATOM   721  O  O   . GLU A 1 93  ? -0.227  5.492   2.751   1.00 10.10 ? 590  GLU A O   1 
ATOM   722  C  CB  . GLU A 1 93  ? -2.949  5.902   4.220   1.00 11.00 ? 590  GLU A CB  1 
ATOM   723  C  CG  . GLU A 1 93  ? -4.186  5.422   4.897   1.00 18.79 ? 590  GLU A CG  1 
ATOM   724  C  CD  . GLU A 1 93  ? -4.711  6.397   5.956   1.00 26.69 ? 590  GLU A CD  1 
ATOM   725  O  OE1 . GLU A 1 93  ? -4.034  7.432   6.253   1.00 28.89 ? 590  GLU A OE1 1 
ATOM   726  O  OE2 . GLU A 1 93  ? -5.801  6.083   6.494   1.00 30.73 ? 590  GLU A OE2 1 
ATOM   727  N  N   . ILE A 1 94  ? -1.688  6.451   1.290   1.00 10.03 ? 591  ILE A N   1 
ATOM   728  C  CA  . ILE A 1 94  ? -0.677  7.318   0.740   1.00 9.58  ? 591  ILE A CA  1 
ATOM   729  C  C   . ILE A 1 94  ? -0.919  8.766   1.166   1.00 9.86  ? 591  ILE A C   1 
ATOM   730  O  O   . ILE A 1 94  ? -2.088  9.196   1.310   1.00 11.11 ? 591  ILE A O   1 
ATOM   731  C  CB  . ILE A 1 94  ? -0.543  7.227   -0.805  1.00 9.91  ? 591  ILE A CB  1 
ATOM   732  C  CG1 . ILE A 1 94  ? -1.931  7.178   -1.464  1.00 10.10 ? 591  ILE A CG1 1 
ATOM   733  C  CG2 . ILE A 1 94  ? 0.300   6.032   -1.178  1.00 9.65  ? 591  ILE A CG2 1 
ATOM   734  C  CD1 . ILE A 1 94  ? -1.875  7.157   -2.996  1.00 9.75  ? 591  ILE A CD1 1 
ATOM   735  N  N   . GLY A 1 95  ? 0.170   9.504   1.372   1.00 10.43 ? 592  GLY A N   1 
ATOM   736  C  CA  . GLY A 1 95  ? 0.124   10.878  1.881   1.00 11.76 ? 592  GLY A CA  1 
ATOM   737  C  C   . GLY A 1 95  ? 0.344   11.910  0.799   1.00 11.88 ? 592  GLY A C   1 
ATOM   738  O  O   . GLY A 1 95  ? 0.520   11.549  -0.382  1.00 11.33 ? 592  GLY A O   1 
ATOM   739  N  N   . GLU A 1 96  ? 0.359   13.186  1.204   1.00 12.63 ? 593  GLU A N   1 
ATOM   740  C  CA  . GLU A 1 96  ? 0.498   14.290  0.255   1.00 14.34 ? 593  GLU A CA  1 
ATOM   741  C  C   . GLU A 1 96  ? 1.811   14.186  -0.540  1.00 12.23 ? 593  GLU A C   1 
ATOM   742  O  O   . GLU A 1 96  ? 2.894   14.265  0.027   1.00 11.78 ? 593  GLU A O   1 
ATOM   743  C  CB  . GLU A 1 96  ? 0.419   15.636  0.977   1.00 13.87 ? 593  GLU A CB  1 
ATOM   744  C  CG  . GLU A 1 96  ? 0.924   16.855  0.182   1.00 19.31 ? 593  GLU A CG  1 
ATOM   745  C  CD  . GLU A 1 96  ? 0.895   18.144  1.018   1.00 20.56 ? 593  GLU A CD  1 
ATOM   746  O  OE1 . GLU A 1 96  ? -0.205  18.481  1.513   1.00 28.77 ? 593  GLU A OE1 1 
ATOM   747  O  OE2 . GLU A 1 96  ? 1.951   18.816  1.191   1.00 27.07 ? 593  GLU A OE2 1 
ATOM   748  N  N   . PRO A 1 97  ? 1.709   14.018  -1.867  1.00 12.43 ? 594  PRO A N   1 
ATOM   749  C  CA  . PRO A 1 97  ? 2.934   14.020  -2.700  1.00 12.93 ? 594  PRO A CA  1 
ATOM   750  C  C   . PRO A 1 97  ? 3.638   15.389  -2.747  1.00 14.22 ? 594  PRO A C   1 
ATOM   751  O  O   . PRO A 1 97  ? 2.964   16.436  -2.693  1.00 14.51 ? 594  PRO A O   1 
ATOM   752  C  CB  . PRO A 1 97  ? 2.423   13.661  -4.103  1.00 13.19 ? 594  PRO A CB  1 
ATOM   753  C  CG  . PRO A 1 97  ? 0.966   13.883  -4.093  1.00 15.02 ? 594  PRO A CG  1 
ATOM   754  C  CD  . PRO A 1 97  ? 0.477   13.793  -2.652  1.00 12.16 ? 594  PRO A CD  1 
ATOM   755  N  N   . ARG A 1 98  ? 4.961   15.376  -2.875  1.00 14.36 ? 595  ARG A N   1 
ATOM   756  C  CA  . ARG A 1 98  ? 5.726   16.622  -2.992  1.00 16.73 ? 595  ARG A CA  1 
ATOM   757  C  C   . ARG A 1 98  ? 6.842   16.539  -4.018  1.00 17.41 ? 595  ARG A C   1 
ATOM   758  O  O   . ARG A 1 98  ? 7.497   15.515  -4.131  1.00 16.31 ? 595  ARG A O   1 
ATOM   759  C  CB  . ARG A 1 98  ? 6.234   17.041  -1.603  1.00 16.47 ? 595  ARG A CB  1 
ATOM   760  C  CG  . ARG A 1 98  ? 5.192   17.942  -0.966  1.00 22.15 ? 595  ARG A CG  1 
ATOM   761  C  CD  . ARG A 1 98  ? 4.962   17.763  0.493   1.00 28.04 ? 595  ARG A CD  1 
ATOM   762  N  NE  . ARG A 1 98  ? 6.048   18.325  1.263   1.00 31.07 ? 595  ARG A NE  1 
ATOM   763  C  CZ  . ARG A 1 98  ? 5.944   18.768  2.518   1.00 28.85 ? 595  ARG A CZ  1 
ATOM   764  N  NH1 . ARG A 1 98  ? 7.017   19.245  3.094   1.00 29.85 ? 595  ARG A NH1 1 
ATOM   765  N  NH2 . ARG A 1 98  ? 4.791   18.749  3.180   1.00 28.22 ? 595  ARG A NH2 1 
ATOM   766  N  N   . LEU A 1 99  ? 7.004   17.601  -4.814  1.00 19.13 ? 596  LEU A N   1 
ATOM   767  C  CA  . LEU A 1 99  ? 8.111   17.688  -5.753  1.00 20.95 ? 596  LEU A CA  1 
ATOM   768  C  C   . LEU A 1 99  ? 9.410   17.834  -4.998  1.00 22.24 ? 596  LEU A C   1 
ATOM   769  O  O   . LEU A 1 99  ? 9.473   18.513  -3.966  1.00 22.79 ? 596  LEU A O   1 
ATOM   770  C  CB  . LEU A 1 99  ? 7.956   18.896  -6.697  1.00 20.85 ? 596  LEU A CB  1 
ATOM   771  C  CG  . LEU A 1 99  ? 7.264   18.580  -8.028  1.00 22.59 ? 596  LEU A CG  1 
ATOM   772  C  CD1 . LEU A 1 99  ? 6.886   19.873  -8.713  1.00 26.03 ? 596  LEU A CD1 1 
ATOM   773  C  CD2 . LEU A 1 99  ? 8.152   17.741  -8.940  1.00 21.02 ? 596  LEU A CD2 1 
ATOM   774  N  N   . VAL A 1 100 ? 10.448  17.227  -5.545  1.00 23.51 ? 597  VAL A N   1 
ATOM   775  C  CA  . VAL A 1 100 ? 11.770  17.279  -4.965  1.00 25.65 ? 597  VAL A CA  1 
ATOM   776  C  C   . VAL A 1 100 ? 12.746  17.942  -5.943  1.00 26.32 ? 597  VAL A C   1 
ATOM   777  O  O   . VAL A 1 100 ? 12.751  17.620  -7.147  1.00 27.55 ? 597  VAL A O   1 
ATOM   778  C  CB  . VAL A 1 100 ? 12.237  15.866  -4.626  1.00 26.10 ? 597  VAL A CB  1 
ATOM   779  C  CG1 . VAL A 1 100 ? 13.748  15.818  -4.505  1.00 27.77 ? 597  VAL A CG1 1 
ATOM   780  C  CG2 . VAL A 1 100 ? 11.588  15.420  -3.337  1.00 27.30 ? 597  VAL A CG2 1 
ATOM   781  N  N   . GLY A 1 170 ? 0.517   23.037  -10.621 1.00 33.01 ? 632  GLY A N   1 
ATOM   782  C  CA  . GLY A 1 170 ? 1.717   22.327  -11.066 1.00 32.08 ? 632  GLY A CA  1 
ATOM   783  C  C   . GLY A 1 170 ? 2.095   21.221  -10.097 1.00 31.02 ? 632  GLY A C   1 
ATOM   784  O  O   . GLY A 1 170 ? 2.753   20.241  -10.470 1.00 32.77 ? 632  GLY A O   1 
ATOM   785  N  N   . ARG A 1 171 ? 1.671   21.381  -8.849  1.00 29.21 ? 633  ARG A N   1 
ATOM   786  C  CA  . ARG A 1 171 ? 1.982   20.434  -7.793  1.00 26.09 ? 633  ARG A CA  1 
ATOM   787  C  C   . ARG A 1 171 ? 1.414   19.030  -8.087  1.00 21.99 ? 633  ARG A C   1 
ATOM   788  O  O   . ARG A 1 171 ? 0.317   18.901  -8.626  1.00 20.84 ? 633  ARG A O   1 
ATOM   789  C  CB  . ARG A 1 171 ? 1.441   20.963  -6.453  1.00 27.60 ? 633  ARG A CB  1 
ATOM   790  C  CG  . ARG A 1 171 ? 2.171   22.236  -5.942  1.00 32.45 ? 633  ARG A CG  1 
ATOM   791  C  CD  . ARG A 1 171 ? 3.525   21.864  -5.295  1.00 41.74 ? 633  ARG A CD  1 
ATOM   792  N  NE  . ARG A 1 171 ? 4.642   22.775  -5.597  1.00 46.70 ? 633  ARG A NE  1 
ATOM   793  C  CZ  . ARG A 1 171 ? 5.305   22.817  -6.759  1.00 49.59 ? 633  ARG A CZ  1 
ATOM   794  N  NH1 . ARG A 1 171 ? 4.959   22.022  -7.768  1.00 51.02 ? 633  ARG A NH1 1 
ATOM   795  N  NH2 . ARG A 1 171 ? 6.308   23.676  -6.924  1.00 51.02 ? 633  ARG A NH2 1 
ATOM   796  N  N   . PRO A 1 172 ? 2.163   17.977  -7.715  1.00 18.86 ? 634  PRO A N   1 
ATOM   797  C  CA  . PRO A 1 172 ? 1.564   16.638  -7.750  1.00 16.59 ? 634  PRO A CA  1 
ATOM   798  C  C   . PRO A 1 172 ? 0.475   16.567  -6.688  1.00 15.80 ? 634  PRO A C   1 
ATOM   799  O  O   . PRO A 1 172 ? 0.543   17.283  -5.672  1.00 14.89 ? 634  PRO A O   1 
ATOM   800  C  CB  . PRO A 1 172 ? 2.720   15.717  -7.346  1.00 16.78 ? 634  PRO A CB  1 
ATOM   801  C  CG  . PRO A 1 172 ? 3.666   16.599  -6.575  1.00 17.06 ? 634  PRO A CG  1 
ATOM   802  C  CD  . PRO A 1 172 ? 3.532   17.971  -7.182  1.00 17.61 ? 634  PRO A CD  1 
ATOM   803  N  N   . ILE A 1 173 ? -0.509  15.706  -6.909  1.00 13.10 ? 635  ILE A N   1 
ATOM   804  C  CA  . ILE A 1 173 ? -1.634  15.568  -5.994  1.00 13.09 ? 635  ILE A CA  1 
ATOM   805  C  C   . ILE A 1 173 ? -2.097  14.120  -5.851  1.00 11.89 ? 635  ILE A C   1 
ATOM   806  O  O   . ILE A 1 173 ? -1.720  13.259  -6.646  1.00 11.33 ? 635  ILE A O   1 
ATOM   807  C  CB  . ILE A 1 173 ? -2.838  16.414  -6.457  1.00 13.20 ? 635  ILE A CB  1 
ATOM   808  C  CG1 . ILE A 1 173 ? -3.359  15.942  -7.806  1.00 15.84 ? 635  ILE A CG1 1 
ATOM   809  C  CG2 . ILE A 1 173 ? -2.450  17.882  -6.545  1.00 14.31 ? 635  ILE A CG2 1 
ATOM   810  C  CD1 . ILE A 1 173 ? -4.797  16.350  -8.095  1.00 17.90 ? 635  ILE A CD1 1 
ATOM   811  N  N   . LEU A 1 174 ? -2.927  13.866  -4.841  1.00 11.80 ? 636  LEU A N   1 
ATOM   812  C  CA  . LEU A 1 174 ? -3.575  12.563  -4.693  1.00 11.77 ? 636  LEU A CA  1 
ATOM   813  C  C   . LEU A 1 174 ? -4.787  12.404  -5.604  1.00 12.68 ? 636  LEU A C   1 
ATOM   814  O  O   . LEU A 1 174 ? -5.545  13.380  -5.860  1.00 13.64 ? 636  LEU A O   1 
ATOM   815  C  CB  . LEU A 1 174 ? -3.943  12.299  -3.227  1.00 11.43 ? 636  LEU A CB  1 
ATOM   816  C  CG  . LEU A 1 174 ? -2.749  12.143  -2.275  1.00 13.36 ? 636  LEU A CG  1 
ATOM   817  C  CD1 . LEU A 1 174 ? -3.269  11.980  -0.851  1.00 14.36 ? 636  LEU A CD1 1 
ATOM   818  C  CD2 . LEU A 1 174 ? -1.889  10.929  -2.685  1.00 11.96 ? 636  LEU A CD2 1 
ATOM   819  N  N   . GLY A 1 175 ? -4.949  11.180  -6.108  1.00 11.74 ? 637  GLY A N   1 
ATOM   820  C  CA  . GLY A 1 175 ? -6.052  10.768  -6.966  1.00 11.68 ? 637  GLY A CA  1 
ATOM   821  C  C   . GLY A 1 175 ? -7.167  10.055  -6.235  1.00 12.32 ? 637  GLY A C   1 
ATOM   822  O  O   . GLY A 1 175 ? -7.434  10.350  -5.072  1.00 13.18 ? 637  GLY A O   1 
ATOM   823  N  N   . GLU A 1 176 ? -7.821  9.112   -6.926  1.00 13.09 ? 638  GLU A N   1 
ATOM   824  C  CA  . GLU A 1 176 ? -9.090  8.534   -6.474  1.00 15.08 ? 638  GLU A CA  1 
ATOM   825  C  C   . GLU A 1 176 ? -8.930  7.662   -5.254  1.00 13.75 ? 638  GLU A C   1 
ATOM   826  O  O   . GLU A 1 176 ? -9.727  7.734   -4.352  1.00 14.18 ? 638  GLU A O   1 
ATOM   827  C  CB  . GLU A 1 176 ? -9.745  7.696   -7.583  1.00 15.80 ? 638  GLU A CB  1 
ATOM   828  C  CG  . GLU A 1 176 ? -9.893  8.446   -8.911  1.00 19.89 ? 638  GLU A CG  1 
ATOM   829  C  CD  . GLU A 1 176 ? -10.765 7.711   -9.908  1.00 22.08 ? 638  GLU A CD  1 
ATOM   830  O  OE1 . GLU A 1 176 ? -10.684 6.447   -9.988  1.00 29.32 ? 638  GLU A OE1 1 
ATOM   831  O  OE2 . GLU A 1 176 ? -11.516 8.406   -10.628 1.00 29.62 ? 638  GLU A OE2 1 
ATOM   832  N  N   . HIS A 1 177 ? -7.905  6.811   -5.228  1.00 11.02 ? 639  HIS A N   1 
ATOM   833  C  CA  . HIS A 1 177 ? -7.869  5.785   -4.183  1.00 10.72 ? 639  HIS A CA  1 
ATOM   834  C  C   . HIS A 1 177 ? -6.648  6.081   -3.322  1.00 10.76 ? 639  HIS A C   1 
ATOM   835  O  O   . HIS A 1 177 ? -5.526  5.817   -3.732  1.00 10.79 ? 639  HIS A O   1 
ATOM   836  C  CB  . HIS A 1 177 ? -7.799  4.375   -4.815  1.00 10.11 ? 639  HIS A CB  1 
ATOM   837  C  CG  . HIS A 1 177 ? -8.863  4.107   -5.840  1.00 12.80 ? 639  HIS A CG  1 
ATOM   838  N  ND1 . HIS A 1 177 ? -10.216 4.264   -5.587  1.00 11.71 ? 639  HIS A ND1 1 
ATOM   839  C  CD2 . HIS A 1 177 ? -8.767  3.719   -7.135  1.00 11.78 ? 639  HIS A CD2 1 
ATOM   840  C  CE1 . HIS A 1 177 ? -10.901 3.962   -6.674  1.00 13.23 ? 639  HIS A CE1 1 
ATOM   841  N  NE2 . HIS A 1 177 ? -10.046 3.638   -7.631  1.00 13.92 ? 639  HIS A NE2 1 
ATOM   842  N  N   . THR A 1 178 ? -6.868  6.601   -2.110  1.00 10.36 ? 640  THR A N   1 
ATOM   843  C  CA  . THR A 1 178 ? -5.746  7.023   -1.271  1.00 10.07 ? 640  THR A CA  1 
ATOM   844  C  C   . THR A 1 178 ? -5.691  6.201   0.026   1.00 10.11 ? 640  THR A C   1 
ATOM   845  O  O   . THR A 1 178 ? -4.730  6.333   0.778   1.00 10.42 ? 640  THR A O   1 
ATOM   846  C  CB  . THR A 1 178 ? -5.811  8.489   -0.880  1.00 10.78 ? 640  THR A CB  1 
ATOM   847  O  OG1 . THR A 1 178 ? -7.036  8.747   -0.173  1.00 12.36 ? 640  THR A OG1 1 
ATOM   848  C  CG2 . THR A 1 178 ? -5.746  9.397   -2.126  1.00 12.38 ? 640  THR A CG2 1 
ATOM   849  N  N   . LYS A 1 179 ? -6.735  5.426   0.283   1.00 9.51  ? 641  LYS A N   1 
ATOM   850  C  CA  . LYS A 1 179 ? -6.782  4.494   1.416   1.00 10.72 ? 641  LYS A CA  1 
ATOM   851  C  C   . LYS A 1 179 ? -7.154  3.123   0.849   1.00 10.69 ? 641  LYS A C   1 
ATOM   852  O  O   . LYS A 1 179 ? -8.115  2.981   0.049   1.00 10.95 ? 641  LYS A O   1 
ATOM   853  C  CB  . LYS A 1 179 ? -7.835  4.937   2.445   1.00 9.25  ? 641  LYS A CB  1 
ATOM   854  C  CG  . LYS A 1 179 ? -7.631  6.351   2.928   1.00 12.85 ? 641  LYS A CG  1 
ATOM   855  C  CD  . LYS A 1 179 ? -8.678  6.744   3.982   1.00 15.51 ? 641  LYS A CD  1 
ATOM   856  C  CE  . LYS A 1 179 ? -8.524  8.216   4.333   1.00 18.85 ? 641  LYS A CE  1 
ATOM   857  N  NZ  . LYS A 1 179 ? -9.366  8.576   5.510   1.00 23.00 ? 641  LYS A NZ  1 
ATOM   858  N  N   . LEU A 1 180 ? -6.426  2.105   1.304   1.00 9.98  ? 642  LEU A N   1 
ATOM   859  C  CA  . LEU A 1 180 ? -6.627  0.752   0.853   1.00 10.79 ? 642  LEU A CA  1 
ATOM   860  C  C   . LEU A 1 180 ? -6.889  -0.137  2.063   1.00 10.93 ? 642  LEU A C   1 
ATOM   861  O  O   . LEU A 1 180 ? -6.076  -0.146  3.011   1.00 11.26 ? 642  LEU A O   1 
ATOM   862  C  CB  . LEU A 1 180 ? -5.366  0.248   0.100   1.00 10.79 ? 642  LEU A CB  1 
ATOM   863  C  CG  . LEU A 1 180 ? -5.307  -1.240  -0.203  1.00 11.48 ? 642  LEU A CG  1 
ATOM   864  C  CD1 . LEU A 1 180 ? -6.381  -1.657  -1.202  1.00 13.79 ? 642  LEU A CD1 1 
ATOM   865  C  CD2 . LEU A 1 180 ? -3.914  -1.516  -0.796  1.00 11.71 ? 642  LEU A CD2 1 
ATOM   866  N  N   . GLU A 1 181 ? -8.015  -0.841  2.053   1.00 9.82  ? 643  GLU A N   1 
ATOM   867  C  CA  A GLU A 1 181 ? -8.250  -1.875  3.053   0.50 10.22 ? 643  GLU A CA  1 
ATOM   868  C  CA  B GLU A 1 181 ? -8.268  -1.878  3.053   0.50 10.76 ? 643  GLU A CA  1 
ATOM   869  C  C   . GLU A 1 181 ? -7.787  -3.204  2.496   1.00 10.62 ? 643  GLU A C   1 
ATOM   870  O  O   . GLU A 1 181 ? -8.161  -3.589  1.385   1.00 10.46 ? 643  GLU A O   1 
ATOM   871  C  CB  A GLU A 1 181 ? -9.722  -1.969  3.436   0.50 10.98 ? 643  GLU A CB  1 
ATOM   872  C  CB  B GLU A 1 181 ? -9.753  -1.991  3.407   0.50 11.17 ? 643  GLU A CB  1 
ATOM   873  C  CG  A GLU A 1 181 ? -9.994  -3.136  4.391   0.50 11.72 ? 643  GLU A CG  1 
ATOM   874  C  CG  B GLU A 1 181 ? -9.980  -2.989  4.552   0.50 11.97 ? 643  GLU A CG  1 
ATOM   875  C  CD  A GLU A 1 181 ? -11.343 -3.051  5.062   0.50 14.22 ? 643  GLU A CD  1 
ATOM   876  C  CD  B GLU A 1 181 ? -11.430 -3.425  4.745   0.50 13.21 ? 643  GLU A CD  1 
ATOM   877  O  OE1 A GLU A 1 181 ? -11.753 -1.914  5.374   0.50 12.47 ? 643  GLU A OE1 1 
ATOM   878  O  OE1 B GLU A 1 181 ? -12.119 -3.779  3.758   0.50 11.73 ? 643  GLU A OE1 1 
ATOM   879  O  OE2 A GLU A 1 181 ? -11.983 -4.119  5.273   0.50 11.56 ? 643  GLU A OE2 1 
ATOM   880  O  OE2 B GLU A 1 181 ? -11.864 -3.439  5.918   0.50 17.20 ? 643  GLU A OE2 1 
ATOM   881  N  N   . VAL A 1 182 ? -6.971  -3.898  3.278   1.00 10.15 ? 644  VAL A N   1 
ATOM   882  C  CA  . VAL A 1 182 ? -6.517  -5.245  2.921   1.00 9.50  ? 644  VAL A CA  1 
ATOM   883  C  C   . VAL A 1 182 ? -7.254  -6.226  3.828   1.00 9.58  ? 644  VAL A C   1 
ATOM   884  O  O   . VAL A 1 182 ? -7.203  -6.086  5.064   1.00 10.28 ? 644  VAL A O   1 
ATOM   885  C  CB  . VAL A 1 182 ? -5.015  -5.393  3.147   1.00 8.62  ? 644  VAL A CB  1 
ATOM   886  C  CG1 . VAL A 1 182 ? -4.574  -6.829  2.771   1.00 9.70  ? 644  VAL A CG1 1 
ATOM   887  C  CG2 . VAL A 1 182 ? -4.229  -4.329  2.350   1.00 9.98  ? 644  VAL A CG2 1 
ATOM   888  N  N   . ILE A 1 183 ? -7.963  -7.168  3.219   1.00 10.08 ? 645  ILE A N   1 
ATOM   889  C  CA  . ILE A 1 183 ? -8.617  -8.240  3.953   1.00 9.96  ? 645  ILE A CA  1 
ATOM   890  C  C   . ILE A 1 183 ? -7.752  -9.495  3.824   1.00 10.41 ? 645  ILE A C   1 
ATOM   891  O  O   . ILE A 1 183 ? -7.542  -10.006 2.710   1.00 10.46 ? 645  ILE A O   1 
ATOM   892  C  CB  . ILE A 1 183 ? -10.041 -8.503  3.433   1.00 11.67 ? 645  ILE A CB  1 
ATOM   893  C  CG1 . ILE A 1 183 ? -10.911 -7.261  3.695   1.00 12.19 ? 645  ILE A CG1 1 
ATOM   894  C  CG2 . ILE A 1 183 ? -10.612 -9.742  4.144   1.00 11.80 ? 645  ILE A CG2 1 
ATOM   895  C  CD1 . ILE A 1 183 ? -12.162 -7.174  2.852   1.00 18.88 ? 645  ILE A CD1 1 
ATOM   896  N  N   . ILE A 1 184 ? -7.206  -9.951  4.946   1.00 10.12 ? 646  ILE A N   1 
ATOM   897  C  CA  . ILE A 1 184 ? -6.372  -11.171 4.949   1.00 10.21 ? 646  ILE A CA  1 
ATOM   898  C  C   . ILE A 1 184 ? -7.279  -12.392 5.205   1.00 10.45 ? 646  ILE A C   1 
ATOM   899  O  O   . ILE A 1 184 ? -7.871  -12.553 6.312   1.00 11.05 ? 646  ILE A O   1 
ATOM   900  C  CB  . ILE A 1 184 ? -5.244  -11.118 6.019   1.00 9.60  ? 646  ILE A CB  1 
ATOM   901  C  CG1 . ILE A 1 184 ? -4.454  -9.789  5.991   1.00 9.86  ? 646  ILE A CG1 1 
ATOM   902  C  CG2 . ILE A 1 184 ? -4.289  -12.339 5.855   1.00 11.06 ? 646  ILE A CG2 1 
ATOM   903  C  CD1 . ILE A 1 184 ? -3.446  -9.627  7.134   1.00 11.25 ? 646  ILE A CD1 1 
ATOM   904  N  N   . GLU A 1 185 ? -7.413  -13.222 4.194   1.00 10.53 ? 647  GLU A N   1 
ATOM   905  C  CA  . GLU A 1 185 ? -8.285  -14.400 4.276   1.00 13.08 ? 647  GLU A CA  1 
ATOM   906  C  C   . GLU A 1 185 ? -7.587  -15.579 4.956   1.00 12.43 ? 647  GLU A C   1 
ATOM   907  O  O   . GLU A 1 185 ? -6.548  -16.062 4.489   1.00 11.32 ? 647  GLU A O   1 
ATOM   908  C  CB  . GLU A 1 185 ? -8.736  -14.793 2.877   1.00 13.92 ? 647  GLU A CB  1 
ATOM   909  C  CG  . GLU A 1 185 ? -9.624  -13.681 2.235   1.00 15.74 ? 647  GLU A CG  1 
ATOM   910  C  CD  . GLU A 1 185 ? -9.973  -13.919 0.770   1.00 19.87 ? 647  GLU A CD  1 
ATOM   911  O  OE1 . GLU A 1 185 ? -9.159  -14.527 0.009   1.00 27.55 ? 647  GLU A OE1 1 
ATOM   912  O  OE2 . GLU A 1 185 ? -11.085 -13.476 0.378   1.00 25.26 ? 647  GLU A OE2 1 
ATOM   913  N  N   . GLU A 1 186 ? -8.210  -16.056 6.030   1.00 12.27 ? 648  GLU A N   1 
ATOM   914  C  CA  . GLU A 1 186 ? -7.704  -17.208 6.795   1.00 12.51 ? 648  GLU A CA  1 
ATOM   915  C  C   . GLU A 1 186 ? -7.302  -18.364 5.854   1.00 12.65 ? 648  GLU A C   1 
ATOM   916  O  O   . GLU A 1 186 ? -8.054  -18.715 4.948   1.00 13.04 ? 648  GLU A O   1 
ATOM   917  C  CB  . GLU A 1 186 ? -8.812  -17.636 7.772   1.00 13.52 ? 648  GLU A CB  1 
ATOM   918  C  CG  . GLU A 1 186 ? -8.533  -18.965 8.462   1.00 13.59 ? 648  GLU A CG  1 
ATOM   919  C  CD  . GLU A 1 186 ? -7.288  -18.932 9.310   1.00 10.87 ? 648  GLU A CD  1 
ATOM   920  O  OE1 . GLU A 1 186 ? -7.123  -18.036 10.189  1.00 12.85 ? 648  GLU A OE1 1 
ATOM   921  O  OE2 . GLU A 1 186 ? -6.438  -19.840 9.113   1.00 14.60 ? 648  GLU A OE2 1 
ATOM   922  N  N   . SER A 1 187 ? -6.107  -18.918 6.044   1.00 11.97 ? 649  SER A N   1 
ATOM   923  C  CA  . SER A 1 187 ? -5.587  -19.947 5.143   1.00 13.97 ? 649  SER A CA  1 
ATOM   924  C  C   . SER A 1 187 ? -5.832  -21.369 5.649   1.00 13.86 ? 649  SER A C   1 
ATOM   925  O  O   . SER A 1 187 ? -5.715  -22.319 4.886   1.00 14.28 ? 649  SER A O   1 
ATOM   926  C  CB  . SER A 1 187 ? -4.074  -19.748 4.942   1.00 13.05 ? 649  SER A CB  1 
ATOM   927  O  OG  . SER A 1 187 ? -3.394  -19.892 6.182   1.00 16.73 ? 649  SER A OG  1 
ATOM   928  N  N   . TYR A 1 188 ? -6.172  -21.496 6.933   1.00 14.46 ? 650  TYR A N   1 
ATOM   929  C  CA  . TYR A 1 188 ? -6.339  -22.806 7.609   1.00 16.75 ? 650  TYR A CA  1 
ATOM   930  C  C   . TYR A 1 188 ? -5.100  -23.713 7.446   1.00 18.72 ? 650  TYR A C   1 
ATOM   931  O  O   . TYR A 1 188 ? -3.972  -23.216 7.446   1.00 19.71 ? 650  TYR A O   1 
ATOM   932  C  CB  . TYR A 1 188 ? -7.625  -23.522 7.176   1.00 15.81 ? 650  TYR A CB  1 
ATOM   933  C  CG  . TYR A 1 188 ? -8.866  -22.713 7.395   1.00 15.62 ? 650  TYR A CG  1 
ATOM   934  C  CD1 . TYR A 1 188 ? -9.460  -22.635 8.653   1.00 15.47 ? 650  TYR A CD1 1 
ATOM   935  C  CD2 . TYR A 1 188 ? -9.455  -22.030 6.334   1.00 12.30 ? 650  TYR A CD2 1 
ATOM   936  C  CE1 . TYR A 1 188 ? -10.611 -21.882 8.847   1.00 15.64 ? 650  TYR A CE1 1 
ATOM   937  C  CE2 . TYR A 1 188 ? -10.600 -21.254 6.526   1.00 17.24 ? 650  TYR A CE2 1 
ATOM   938  C  CZ  . TYR A 1 188 ? -11.171 -21.205 7.779   1.00 15.74 ? 650  TYR A CZ  1 
ATOM   939  O  OH  . TYR A 1 188 ? -12.316 -20.455 7.947   1.00 20.38 ? 650  TYR A OH  1 
HETATM 940  CA CA  . CA  B 2 .   ? -4.648  -18.503 10.518  1.00 12.57 ? 1001 CA  A CA  1 
HETATM 941  CA CA  . CA  C 2 .   ? -1.965  -14.382 12.903  1.00 14.89 ? 1002 CA  A CA  1 
HETATM 942  O  O   . HOH D 3 .   ? -1.741  -12.370 8.495   1.00 10.69 ? 1    HOH A O   1 
HETATM 943  O  O   . HOH D 3 .   ? 6.833   -5.470  5.197   1.00 14.29 ? 2    HOH A O   1 
HETATM 944  O  O   . HOH D 3 .   ? 1.942   -15.418 4.383   1.00 11.73 ? 3    HOH A O   1 
HETATM 945  O  O   . HOH D 3 .   ? -9.505  5.206   -1.137  1.00 11.88 ? 4    HOH A O   1 
HETATM 946  O  O   . HOH D 3 .   ? -3.610  -14.075 -2.151  1.00 18.24 ? 5    HOH A O   1 
HETATM 947  O  O   . HOH D 3 .   ? -4.230  -14.009 11.866  1.00 13.14 ? 6    HOH A O   1 
HETATM 948  O  O   . HOH D 3 .   ? 6.759   -4.567  12.100  1.00 14.84 ? 7    HOH A O   1 
HETATM 949  O  O   . HOH D 3 .   ? -5.083  -16.822 12.235  1.00 15.36 ? 8    HOH A O   1 
HETATM 950  O  O   . HOH D 3 .   ? -1.657  -14.802 10.466  1.00 15.79 ? 9    HOH A O   1 
HETATM 951  O  O   . HOH D 3 .   ? -7.235  -15.278 10.218  1.00 15.66 ? 10   HOH A O   1 
HETATM 952  O  O   . HOH D 3 .   ? 0.346   -14.304 12.347  1.00 21.10 ? 11   HOH A O   1 
HETATM 953  O  O   . HOH D 3 .   ? -4.187  -12.398 9.668   1.00 13.23 ? 12   HOH A O   1 
HETATM 954  O  O   . HOH D 3 .   ? 1.562   -0.606  10.908  1.00 17.10 ? 13   HOH A O   1 
HETATM 955  O  O   . HOH D 3 .   ? -2.779  -0.523  -5.558  1.00 14.01 ? 14   HOH A O   1 
HETATM 956  O  O   . HOH D 3 .   ? -3.401  -20.225 9.380   1.00 15.38 ? 15   HOH A O   1 
HETATM 957  O  O   . HOH D 3 .   ? 8.865   -4.173  -3.902  1.00 20.48 ? 16   HOH A O   1 
HETATM 958  O  O   . HOH D 3 .   ? 0.760   -9.202  -4.244  1.00 19.14 ? 17   HOH A O   1 
HETATM 959  O  O   . HOH D 3 .   ? -6.521  3.484   -9.837  1.00 17.91 ? 18   HOH A O   1 
HETATM 960  O  O   . HOH D 3 .   ? -14.429 -4.157  6.318   1.00 18.14 ? 19   HOH A O   1 
HETATM 961  O  O   . HOH D 3 .   ? -1.937  -3.129  -6.088  1.00 15.64 ? 20   HOH A O   1 
HETATM 962  O  O   . HOH D 3 .   ? -6.192  -18.026 2.385   1.00 23.43 ? 21   HOH A O   1 
HETATM 963  O  O   . HOH D 3 .   ? -11.669 -2.634  -4.599  1.00 20.20 ? 22   HOH A O   1 
HETATM 964  O  O   . HOH D 3 .   ? 2.423   -15.635 -2.802  1.00 26.86 ? 23   HOH A O   1 
HETATM 965  O  O   . HOH D 3 .   ? -13.499 10.059  -9.814  1.00 31.05 ? 24   HOH A O   1 
HETATM 966  O  O   . HOH D 3 .   ? 5.160   19.807  -4.252  1.00 23.48 ? 25   HOH A O   1 
HETATM 967  O  O   . HOH D 3 .   ? -3.492  -14.274 14.875  1.00 18.52 ? 26   HOH A O   1 
HETATM 968  O  O   . HOH D 3 .   ? 8.864   0.432   -6.694  1.00 24.34 ? 27   HOH A O   1 
HETATM 969  O  O   . HOH D 3 .   ? 0.363   -20.029 15.119  1.00 22.11 ? 28   HOH A O   1 
HETATM 970  O  O   . HOH D 3 .   ? -6.218  -13.940 8.234   1.00 18.86 ? 29   HOH A O   1 
HETATM 971  O  O   . HOH D 3 .   ? -0.900  -14.482 15.028  1.00 30.12 ? 30   HOH A O   1 
HETATM 972  O  O   . HOH D 3 .   ? -0.446  16.267  -13.126 1.00 24.77 ? 31   HOH A O   1 
HETATM 973  O  O   . HOH D 3 .   ? -8.036  11.933  -2.927  1.00 24.04 ? 32   HOH A O   1 
HETATM 974  O  O   . HOH D 3 .   ? 8.442   -6.742  12.418  1.00 29.03 ? 33   HOH A O   1 
HETATM 975  O  O   . HOH D 3 .   ? -6.666  8.708   -9.581  1.00 22.70 ? 34   HOH A O   1 
HETATM 976  O  O   . HOH D 3 .   ? 7.147   3.261   -14.651 1.00 23.85 ? 35   HOH A O   1 
HETATM 977  O  O   . HOH D 3 .   ? -11.639 -3.303  10.244  1.00 27.14 ? 36   HOH A O   1 
HETATM 978  O  O   . HOH D 3 .   ? -11.261 -3.197  -7.615  1.00 31.07 ? 37   HOH A O   1 
HETATM 979  O  O   . HOH D 3 .   ? -3.544  15.972  -2.876  1.00 20.53 ? 38   HOH A O   1 
HETATM 980  O  O   . HOH D 3 .   ? 2.821   -19.691 4.364   1.00 31.33 ? 39   HOH A O   1 
HETATM 981  O  O   . HOH D 3 .   ? 4.483   -16.164 6.854   1.00 24.17 ? 40   HOH A O   1 
HETATM 982  O  O   . HOH D 3 .   ? 11.397  5.040   -3.688  1.00 25.22 ? 41   HOH A O   1 
HETATM 983  O  O   . HOH D 3 .   ? -14.091 -14.409 8.462   1.00 28.42 ? 42   HOH A O   1 
HETATM 984  O  O   . HOH D 3 .   ? -7.573  6.065   -10.489 1.00 24.72 ? 43   HOH A O   1 
HETATM 985  O  O   . HOH D 3 .   ? 6.629   6.410   -18.803 1.00 29.65 ? 44   HOH A O   1 
HETATM 986  O  O   . HOH D 3 .   ? 0.357   3.550   11.266  1.00 31.53 ? 45   HOH A O   1 
HETATM 987  O  O   . HOH D 3 .   ? 2.565   18.975  -3.430  1.00 33.27 ? 46   HOH A O   1 
HETATM 988  O  O   . HOH D 3 .   ? -5.795  10.858  -13.869 1.00 27.74 ? 47   HOH A O   1 
HETATM 989  O  O   . HOH D 3 .   ? -9.538  -8.548  -4.111  1.00 31.48 ? 48   HOH A O   1 
HETATM 990  O  O   . HOH D 3 .   ? 10.697  -11.951 9.601   1.00 25.52 ? 49   HOH A O   1 
HETATM 991  O  O   . HOH D 3 .   ? 7.667   -1.131  -9.182  1.00 30.93 ? 50   HOH A O   1 
HETATM 992  O  O   . HOH D 3 .   ? 11.209  5.075   2.713   1.00 25.57 ? 51   HOH A O   1 
HETATM 993  O  O   . HOH D 3 .   ? -8.021  13.835  -6.885  1.00 26.72 ? 52   HOH A O   1 
HETATM 994  O  O   . HOH D 3 .   ? -2.306  15.213  -18.376 1.00 31.94 ? 53   HOH A O   1 
HETATM 995  O  O   . HOH D 3 .   ? 9.248   1.709   -11.097 1.00 24.15 ? 54   HOH A O   1 
HETATM 996  O  O   . HOH D 3 .   ? 0.691   -6.426  -7.366  1.00 30.40 ? 55   HOH A O   1 
HETATM 997  O  O   . HOH D 3 .   ? 8.563   -1.953  -0.212  1.00 22.16 ? 56   HOH A O   1 
HETATM 998  O  O   . HOH D 3 .   ? -1.933  -8.714  -3.839  1.00 39.14 ? 57   HOH A O   1 
HETATM 999  O  O   . HOH D 3 .   ? -11.783 -8.551  10.970  1.00 31.43 ? 58   HOH A O   1 
HETATM 1000 O  O   . HOH D 3 .   ? 7.177   -11.269 12.081  1.00 31.24 ? 59   HOH A O   1 
HETATM 1001 O  O   . HOH D 3 .   ? 6.905   18.737  -12.712 1.00 33.70 ? 60   HOH A O   1 
HETATM 1002 O  O   . HOH D 3 .   ? 4.097   -13.603 14.278  1.00 36.11 ? 61   HOH A O   1 
HETATM 1003 O  O   . HOH D 3 .   ? -7.925  -5.781  -8.797  1.00 30.61 ? 62   HOH A O   1 
HETATM 1004 O  O   . HOH D 3 .   ? -4.146  -24.669 4.277   1.00 25.47 ? 63   HOH A O   1 
HETATM 1005 O  O   . HOH D 3 .   ? 8.127   -8.839  10.445  1.00 26.27 ? 64   HOH A O   1 
HETATM 1006 O  O   . HOH D 3 .   ? -2.815  -3.950  -8.468  1.00 32.36 ? 65   HOH A O   1 
HETATM 1007 O  O   . HOH D 3 .   ? 2.509   -11.313 -4.136  1.00 37.33 ? 66   HOH A O   1 
HETATM 1008 O  O   . HOH D 3 .   ? -2.362  -24.211 2.267   1.00 37.44 ? 67   HOH A O   1 
HETATM 1009 O  O   . HOH D 3 .   ? -1.709  -16.149 -2.412  1.00 33.63 ? 68   HOH A O   1 
HETATM 1010 O  O   . HOH D 3 .   ? -12.468 -17.847 6.232   1.00 35.32 ? 69   HOH A O   1 
HETATM 1011 O  O   . HOH D 3 .   ? -2.653  15.713  -0.102  1.00 31.12 ? 70   HOH A O   1 
HETATM 1012 O  O   . HOH D 3 .   ? -6.962  -22.404 16.295  1.00 35.80 ? 71   HOH A O   1 
HETATM 1013 O  O   . HOH D 3 .   ? 8.395   -12.974 10.084  1.00 43.08 ? 72   HOH A O   1 
HETATM 1014 O  O   . HOH D 3 .   ? -6.926  9.765   2.170   1.00 30.25 ? 73   HOH A O   1 
HETATM 1015 O  O   . HOH D 3 .   ? 12.314  2.445   -6.230  1.00 34.69 ? 74   HOH A O   1 
HETATM 1016 O  O   . HOH D 3 .   ? 9.949   2.921   0.194   1.00 30.15 ? 75   HOH A O   1 
HETATM 1017 O  O   . HOH D 3 .   ? -14.000 -11.302 5.036   1.00 29.50 ? 76   HOH A O   1 
HETATM 1018 O  O   . HOH D 3 .   ? -1.381  1.029   13.368  1.00 30.02 ? 77   HOH A O   1 
HETATM 1019 O  O   . HOH D 3 .   ? 1.508   -6.793  17.337  1.00 34.28 ? 78   HOH A O   1 
HETATM 1020 O  O   . HOH D 3 .   ? -11.313 -15.229 15.177  1.00 37.07 ? 79   HOH A O   1 
HETATM 1021 O  O   . HOH D 3 .   ? -12.795 -0.775  7.452   1.00 27.48 ? 80   HOH A O   1 
HETATM 1022 O  O   . HOH D 3 .   ? 9.207   -2.497  6.829   1.00 34.56 ? 81   HOH A O   1 
HETATM 1023 O  O   . HOH D 3 .   ? 9.834   2.402   -13.510 1.00 36.19 ? 82   HOH A O   1 
HETATM 1024 O  O   . HOH D 3 .   ? 3.411   -10.541 -6.520  1.00 31.73 ? 83   HOH A O   1 
HETATM 1025 O  O   . HOH D 3 .   ? 11.516  17.498  -9.752  1.00 29.35 ? 84   HOH A O   1 
HETATM 1026 O  O   . HOH D 3 .   ? 8.360   -0.755  1.911   1.00 40.89 ? 85   HOH A O   1 
HETATM 1027 O  O   . HOH D 3 .   ? 10.678  1.988   4.248   1.00 45.82 ? 86   HOH A O   1 
HETATM 1028 O  O   . HOH D 3 .   ? 15.531  19.366  -5.842  1.00 42.52 ? 87   HOH A O   1 
HETATM 1029 O  O   . HOH D 3 .   ? 4.888   7.184   6.468   1.00 34.82 ? 88   HOH A O   1 
HETATM 1030 O  O   . HOH D 3 .   ? -6.213  -21.524 1.825   1.00 38.55 ? 89   HOH A O   1 
HETATM 1031 O  O   . HOH D 3 .   ? -11.977 -20.545 13.639  1.00 48.82 ? 90   HOH A O   1 
HETATM 1032 O  O   . HOH D 3 .   ? 9.314   0.106   6.167   1.00 34.62 ? 91   HOH A O   1 
HETATM 1033 O  O   . HOH D 3 .   ? 1.218   -1.755  14.316  1.00 37.75 ? 92   HOH A O   1 
HETATM 1034 O  O   . HOH D 3 .   ? -13.882 -18.069 14.284  1.00 43.57 ? 93   HOH A O   1 
HETATM 1035 O  O   . HOH D 3 .   ? -12.318 -16.026 3.367   1.00 37.16 ? 94   HOH A O   1 
HETATM 1036 O  O   . HOH D 3 .   ? -6.195  14.870  -15.140 1.00 50.07 ? 95   HOH A O   1 
HETATM 1037 O  O   . HOH D 3 .   ? -2.338  -5.295  -4.365  1.00 38.04 ? 96   HOH A O   1 
HETATM 1038 O  O   . HOH D 3 .   ? 8.555   0.736   8.546   1.00 45.95 ? 97   HOH A O   1 
HETATM 1039 O  O   . HOH D 3 .   ? 16.250  16.675  -6.781  1.00 45.87 ? 98   HOH A O   1 
HETATM 1040 O  O   . HOH D 3 .   ? -6.377  -15.268 -2.580  1.00 42.53 ? 99   HOH A O   1 
HETATM 1041 O  O   . HOH D 3 .   ? 3.830   -18.020 0.631   1.00 34.24 ? 100  HOH A O   1 
HETATM 1042 O  O   . HOH D 3 .   ? -4.866  -10.523 15.014  1.00 34.49 ? 101  HOH A O   1 
HETATM 1043 O  O   . HOH D 3 .   ? -3.745  8.689   8.621   1.00 39.93 ? 102  HOH A O   1 
HETATM 1044 O  O   . HOH D 3 .   ? -0.367  19.327  -15.899 1.00 40.11 ? 103  HOH A O   1 
HETATM 1045 O  O   . HOH D 3 .   ? -7.224  13.092  -0.611  1.00 32.86 ? 104  HOH A O   1 
HETATM 1046 O  O   . HOH D 3 .   ? -7.696  -8.497  -8.827  1.00 38.89 ? 105  HOH A O   1 
# 
loop_
_pdbx_poly_seq_scheme.asym_id 
_pdbx_poly_seq_scheme.entity_id 
_pdbx_poly_seq_scheme.seq_id 
_pdbx_poly_seq_scheme.mon_id 
_pdbx_poly_seq_scheme.ndb_seq_num 
_pdbx_poly_seq_scheme.pdb_seq_num 
_pdbx_poly_seq_scheme.auth_seq_num 
_pdbx_poly_seq_scheme.pdb_mon_id 
_pdbx_poly_seq_scheme.auth_mon_id 
_pdbx_poly_seq_scheme.pdb_strand_id 
_pdbx_poly_seq_scheme.pdb_ins_code 
_pdbx_poly_seq_scheme.hetero 
A 1 1   GLY 1   498 ?   ?   ?   A . n 
A 1 2   PRO 2   499 ?   ?   ?   A . n 
A 1 3   GLY 3   500 ?   ?   ?   A . n 
A 1 4   HIS 4   501 501 HIS HIS A . n 
A 1 5   ALA 5   502 502 ALA ALA A . n 
A 1 6   GLY 6   503 503 GLY GLY A . n 
A 1 7   ILE 7   504 504 ILE ILE A . n 
A 1 8   PHE 8   505 505 PHE PHE A . n 
A 1 9   THR 9   506 506 THR THR A . n 
A 1 10  PHE 10  507 507 PHE PHE A . n 
A 1 11  GLU 11  508 508 GLU GLU A . n 
A 1 12  GLU 12  509 509 GLU GLU A . n 
A 1 13  PRO 13  510 510 PRO PRO A . n 
A 1 14  VAL 14  511 511 VAL VAL A . n 
A 1 15  THR 15  512 512 THR THR A . n 
A 1 16  HIS 16  513 513 HIS HIS A . n 
A 1 17  VAL 17  514 514 VAL VAL A . n 
A 1 18  SER 18  515 515 SER SER A . n 
A 1 19  GLU 19  516 516 GLU GLU A . n 
A 1 20  SER 20  517 517 SER SER A . n 
A 1 21  ILE 21  518 518 ILE ILE A . n 
A 1 22  GLY 22  519 519 GLY GLY A . n 
A 1 23  ILE 23  520 520 ILE ILE A . n 
A 1 24  MET 24  521 521 MET MET A . n 
A 1 25  GLU 25  522 522 GLU GLU A . n 
A 1 26  VAL 26  523 523 VAL VAL A . n 
A 1 27  LYS 27  524 524 LYS LYS A . n 
A 1 28  VAL 28  525 525 VAL VAL A . n 
A 1 29  LEU 29  526 526 LEU LEU A . n 
A 1 30  ARG 30  527 527 ARG ARG A . n 
A 1 31  THR 31  528 528 THR THR A . n 
A 1 32  SER 32  529 529 SER SER A . n 
A 1 33  GLY 33  530 530 GLY GLY A . n 
A 1 34  ALA 34  531 531 ALA ALA A . n 
A 1 35  ARG 35  532 532 ARG ARG A . n 
A 1 36  GLY 36  533 533 GLY GLY A . n 
A 1 37  ASN 37  534 534 ASN ASN A . n 
A 1 38  VAL 38  535 535 VAL VAL A . n 
A 1 39  ILE 39  536 536 ILE ILE A . n 
A 1 40  VAL 40  537 537 VAL VAL A . n 
A 1 41  PRO 41  538 538 PRO PRO A . n 
A 1 42  TYR 42  539 539 TYR TYR A . n 
A 1 43  LYS 43  540 540 LYS LYS A . n 
A 1 44  THR 44  541 541 THR THR A . n 
A 1 45  ILE 45  542 542 ILE ILE A . n 
A 1 46  GLU 46  543 543 GLU GLU A . n 
A 1 47  GLY 47  544 544 GLY GLY A . n 
A 1 48  THR 48  545 545 THR THR A . n 
A 1 49  ALA 49  546 546 ALA ALA A . n 
A 1 50  ARG 50  547 547 ARG ARG A . n 
A 1 51  GLY 51  548 548 GLY GLY A . n 
A 1 52  GLY 52  549 549 GLY GLY A . n 
A 1 53  GLY 53  550 550 GLY GLY A . n 
A 1 54  GLU 54  551 551 GLU GLU A . n 
A 1 55  ASP 55  552 552 ASP ASP A . n 
A 1 56  PHE 56  553 553 PHE PHE A . n 
A 1 57  GLU 57  554 554 GLU GLU A . n 
A 1 58  ASP 58  555 555 ASP ASP A . n 
A 1 59  THR 59  556 556 THR THR A . n 
A 1 60  CYS 60  557 557 CYS CYS A . n 
A 1 61  GLY 61  558 558 GLY GLY A . n 
A 1 62  GLU 62  559 559 GLU GLU A . n 
A 1 63  LEU 63  560 560 LEU LEU A . n 
A 1 64  GLU 64  561 561 GLU GLU A . n 
A 1 65  PHE 65  562 562 PHE PHE A . n 
A 1 66  GLN 66  563 563 GLN GLN A . n 
A 1 67  ASN 67  564 564 ASN ASN A . n 
A 1 68  ASP 68  565 565 ASP ASP A . n 
A 1 69  GLU 69  566 566 GLU GLU A . n 
A 1 70  ILE 70  567 567 ILE ILE A . n 
A 1 71  VAL 71  568 568 VAL VAL A . n 
A 1 72  LYS 72  569 569 LYS LYS A . n 
A 1 73  THR 73  570 570 THR THR A . n 
A 1 74  ILE 74  571 571 ILE ILE A . n 
A 1 75  SER 75  572 572 SER SER A . n 
A 1 76  VAL 76  573 573 VAL VAL A . n 
A 1 77  LYS 77  574 574 LYS LYS A . n 
A 1 78  VAL 78  575 575 VAL VAL A . n 
A 1 79  ILE 79  576 576 ILE ILE A . n 
A 1 80  ASP 80  577 577 ASP ASP A . n 
A 1 81  ASP 81  578 578 ASP ASP A . n 
A 1 82  GLU 82  579 579 GLU GLU A . n 
A 1 83  GLU 83  580 580 GLU GLU A . n 
A 1 84  TYR 84  581 581 TYR TYR A . n 
A 1 85  GLU 85  582 582 GLU GLU A . n 
A 1 86  LYS 86  583 583 LYS LYS A . n 
A 1 87  ASN 87  584 584 ASN ASN A . n 
A 1 88  LYS 88  585 585 LYS LYS A . n 
A 1 89  THR 89  586 586 THR THR A . n 
A 1 90  PHE 90  587 587 PHE PHE A . n 
A 1 91  PHE 91  588 588 PHE PHE A . n 
A 1 92  LEU 92  589 589 LEU LEU A . n 
A 1 93  GLU 93  590 590 GLU GLU A . n 
A 1 94  ILE 94  591 591 ILE ILE A . n 
A 1 95  GLY 95  592 592 GLY GLY A . n 
A 1 96  GLU 96  593 593 GLU GLU A . n 
A 1 97  PRO 97  594 594 PRO PRO A . n 
A 1 98  ARG 98  595 595 ARG ARG A . n 
A 1 99  LEU 99  596 596 LEU LEU A . n 
A 1 100 VAL 100 597 597 VAL VAL A . n 
A 1 101 GLU 101 597 ?   ?   ?   A A n 
A 1 102 MET 102 597 ?   ?   ?   A B n 
A 1 103 SER 103 597 ?   ?   ?   A C n 
A 1 104 GLU 104 597 ?   ?   ?   A D n 
A 1 105 LYS 105 597 ?   ?   ?   A E n 
A 1 106 LYS 106 597 ?   ?   ?   A F n 
A 1 107 ALA 107 597 ?   ?   ?   A G n 
A 1 108 LEU 108 597 ?   ?   ?   A H n 
A 1 109 LEU 109 597 ?   ?   ?   A I n 
A 1 110 LEU 110 597 ?   ?   ?   A J n 
A 1 111 ASN 111 597 ?   ?   ?   A K n 
A 1 112 GLU 112 597 ?   ?   ?   A L n 
A 1 113 LEU 113 597 ?   ?   ?   A M n 
A 1 114 GLY 114 597 ?   ?   ?   A N n 
A 1 115 GLY 115 597 ?   ?   ?   A O n 
A 1 116 PHE 116 597 ?   ?   ?   A P n 
A 1 117 THR 117 597 ?   ?   ?   A Q n 
A 1 118 ILE 118 597 ?   ?   ?   A R n 
A 1 119 THR 119 597 ?   ?   ?   A S n 
A 1 120 GLY 120 597 ?   ?   ?   A T n 
A 1 121 LYS 121 597 ?   ?   ?   A U n 
A 1 122 TYR 122 597 ?   ?   ?   A V n 
A 1 123 LEU 123 597 ?   ?   ?   A W n 
A 1 124 TYR 124 597 ?   ?   ?   A X n 
A 1 125 GLY 125 597 ?   ?   ?   A Y n 
A 1 126 GLN 126 597 ?   ?   ?   A Z n 
A 1 127 PRO 127 598 ?   ?   ?   A A n 
A 1 128 VAL 128 598 ?   ?   ?   A B n 
A 1 129 PHE 129 598 ?   ?   ?   A C n 
A 1 130 ARG 130 598 ?   ?   ?   A D n 
A 1 131 LYS 131 598 ?   ?   ?   A E n 
A 1 132 VAL 132 598 ?   ?   ?   A F n 
A 1 133 HIS 133 598 ?   ?   ?   A G n 
A 1 134 ALA 134 598 ?   ?   ?   A H n 
A 1 135 ARG 135 598 ?   ?   ?   A I n 
A 1 136 GLU 136 598 ?   ?   ?   A J n 
A 1 137 HIS 137 598 ?   ?   ?   A K n 
A 1 138 PRO 138 598 ?   ?   ?   A L n 
A 1 139 ILE 139 598 ?   ?   ?   A M n 
A 1 140 PRO 140 598 ?   ?   ?   A N n 
A 1 141 SER 141 598 ?   ?   ?   A O n 
A 1 142 THR 142 598 ?   ?   ?   A P n 
A 1 143 VAL 143 598 ?   ?   ?   A Q n 
A 1 144 ILE 144 598 ?   ?   ?   A R n 
A 1 145 THR 145 598 ?   ?   ?   A S n 
A 1 146 ILE 146 598 ?   ?   ?   A T n 
A 1 147 ALA 147 598 ?   ?   ?   A U n 
A 1 148 GLU 148 598 ?   ?   ?   A V n 
A 1 149 GLU 149 598 ?   ?   ?   A W n 
A 1 150 TYR 150 598 ?   ?   ?   A X n 
A 1 151 ASP 151 598 ?   ?   ?   A Y n 
A 1 152 ASP 152 598 ?   ?   ?   A Z n 
A 1 153 LYS 153 599 ?   ?   ?   A A n 
A 1 154 GLN 154 599 ?   ?   ?   A B n 
A 1 155 PRO 155 599 ?   ?   ?   A C n 
A 1 156 LEU 156 599 ?   ?   ?   A D n 
A 1 157 THR 157 599 ?   ?   ?   A E n 
A 1 158 SER 158 599 ?   ?   ?   A F n 
A 1 159 LYS 159 599 ?   ?   ?   A G n 
A 1 160 GLU 160 599 ?   ?   ?   A H n 
A 1 161 GLU 161 599 ?   ?   ?   A I n 
A 1 162 GLU 162 599 ?   ?   ?   A J n 
A 1 163 GLU 163 599 ?   ?   ?   A K n 
A 1 164 ARG 164 599 ?   ?   ?   A L n 
A 1 165 ARG 165 599 ?   ?   ?   A M n 
A 1 166 ILE 166 599 ?   ?   ?   A N n 
A 1 167 ALA 167 599 ?   ?   ?   A O n 
A 1 168 GLU 168 599 ?   ?   ?   A P n 
A 1 169 MET 169 599 ?   ?   ?   A Q n 
A 1 170 GLY 170 632 632 GLY GLY A . n 
A 1 171 ARG 171 633 633 ARG ARG A . n 
A 1 172 PRO 172 634 634 PRO PRO A . n 
A 1 173 ILE 173 635 635 ILE ILE A . n 
A 1 174 LEU 174 636 636 LEU LEU A . n 
A 1 175 GLY 175 637 637 GLY GLY A . n 
A 1 176 GLU 176 638 638 GLU GLU A . n 
A 1 177 HIS 177 639 639 HIS HIS A . n 
A 1 178 THR 178 640 640 THR THR A . n 
A 1 179 LYS 179 641 641 LYS LYS A . n 
A 1 180 LEU 180 642 642 LEU LEU A . n 
A 1 181 GLU 181 643 643 GLU GLU A . n 
A 1 182 VAL 182 644 644 VAL VAL A . n 
A 1 183 ILE 183 645 645 ILE ILE A . n 
A 1 184 ILE 184 646 646 ILE ILE A . n 
A 1 185 GLU 185 647 647 GLU GLU A . n 
A 1 186 GLU 186 648 648 GLU GLU A . n 
A 1 187 SER 187 649 649 SER SER A . n 
A 1 188 TYR 188 650 650 TYR TYR A . n 
A 1 189 GLU 189 651 ?   ?   ?   A . n 
A 1 190 PHE 190 652 ?   ?   ?   A . n 
A 1 191 LYS 191 653 ?   ?   ?   A . n 
A 1 192 SER 192 654 ?   ?   ?   A . n 
# 
loop_
_pdbx_nonpoly_scheme.asym_id 
_pdbx_nonpoly_scheme.entity_id 
_pdbx_nonpoly_scheme.mon_id 
_pdbx_nonpoly_scheme.ndb_seq_num 
_pdbx_nonpoly_scheme.pdb_seq_num 
_pdbx_nonpoly_scheme.auth_seq_num 
_pdbx_nonpoly_scheme.pdb_mon_id 
_pdbx_nonpoly_scheme.auth_mon_id 
_pdbx_nonpoly_scheme.pdb_strand_id 
_pdbx_nonpoly_scheme.pdb_ins_code 
B 2 CA  1   1001 1001 CA  CA  A . 
C 2 CA  1   1002 1002 CA  CA  A . 
D 3 HOH 1   1    1    HOH HOH A . 
D 3 HOH 2   2    2    HOH HOH A . 
D 3 HOH 3   3    3    HOH HOH A . 
D 3 HOH 4   4    4    HOH HOH A . 
D 3 HOH 5   5    5    HOH HOH A . 
D 3 HOH 6   6    6    HOH HOH A . 
D 3 HOH 7   7    7    HOH HOH A . 
D 3 HOH 8   8    8    HOH HOH A . 
D 3 HOH 9   9    9    HOH HOH A . 
D 3 HOH 10  10   10   HOH HOH A . 
D 3 HOH 11  11   11   HOH HOH A . 
D 3 HOH 12  12   12   HOH HOH A . 
D 3 HOH 13  13   13   HOH HOH A . 
D 3 HOH 14  14   14   HOH HOH A . 
D 3 HOH 15  15   15   HOH HOH A . 
D 3 HOH 16  16   16   HOH HOH A . 
D 3 HOH 17  17   17   HOH HOH A . 
D 3 HOH 18  18   18   HOH HOH A . 
D 3 HOH 19  19   19   HOH HOH A . 
D 3 HOH 20  20   20   HOH HOH A . 
D 3 HOH 21  21   21   HOH HOH A . 
D 3 HOH 22  22   22   HOH HOH A . 
D 3 HOH 23  23   23   HOH HOH A . 
D 3 HOH 24  24   24   HOH HOH A . 
D 3 HOH 25  25   25   HOH HOH A . 
D 3 HOH 26  26   26   HOH HOH A . 
D 3 HOH 27  27   27   HOH HOH A . 
D 3 HOH 28  28   28   HOH HOH A . 
D 3 HOH 29  29   29   HOH HOH A . 
D 3 HOH 30  30   30   HOH HOH A . 
D 3 HOH 31  31   31   HOH HOH A . 
D 3 HOH 32  32   32   HOH HOH A . 
D 3 HOH 33  33   33   HOH HOH A . 
D 3 HOH 34  34   34   HOH HOH A . 
D 3 HOH 35  35   35   HOH HOH A . 
D 3 HOH 36  36   36   HOH HOH A . 
D 3 HOH 37  37   37   HOH HOH A . 
D 3 HOH 38  38   38   HOH HOH A . 
D 3 HOH 39  39   39   HOH HOH A . 
D 3 HOH 40  40   40   HOH HOH A . 
D 3 HOH 41  41   41   HOH HOH A . 
D 3 HOH 42  42   42   HOH HOH A . 
D 3 HOH 43  43   43   HOH HOH A . 
D 3 HOH 44  44   44   HOH HOH A . 
D 3 HOH 45  45   45   HOH HOH A . 
D 3 HOH 46  46   46   HOH HOH A . 
D 3 HOH 47  47   47   HOH HOH A . 
D 3 HOH 48  48   48   HOH HOH A . 
D 3 HOH 49  49   49   HOH HOH A . 
D 3 HOH 50  50   50   HOH HOH A . 
D 3 HOH 51  51   51   HOH HOH A . 
D 3 HOH 52  52   52   HOH HOH A . 
D 3 HOH 53  53   53   HOH HOH A . 
D 3 HOH 54  54   54   HOH HOH A . 
D 3 HOH 55  55   55   HOH HOH A . 
D 3 HOH 56  56   56   HOH HOH A . 
D 3 HOH 57  57   57   HOH HOH A . 
D 3 HOH 58  58   58   HOH HOH A . 
D 3 HOH 59  59   59   HOH HOH A . 
D 3 HOH 60  60   60   HOH HOH A . 
D 3 HOH 61  61   61   HOH HOH A . 
D 3 HOH 62  62   62   HOH HOH A . 
D 3 HOH 63  63   63   HOH HOH A . 
D 3 HOH 64  64   64   HOH HOH A . 
D 3 HOH 65  65   65   HOH HOH A . 
D 3 HOH 66  66   66   HOH HOH A . 
D 3 HOH 67  67   67   HOH HOH A . 
D 3 HOH 68  68   68   HOH HOH A . 
D 3 HOH 69  69   69   HOH HOH A . 
D 3 HOH 70  70   70   HOH HOH A . 
D 3 HOH 71  71   71   HOH HOH A . 
D 3 HOH 72  72   72   HOH HOH A . 
D 3 HOH 73  73   73   HOH HOH A . 
D 3 HOH 74  74   74   HOH HOH A . 
D 3 HOH 75  75   75   HOH HOH A . 
D 3 HOH 76  76   76   HOH HOH A . 
D 3 HOH 77  77   77   HOH HOH A . 
D 3 HOH 78  78   78   HOH HOH A . 
D 3 HOH 79  79   79   HOH HOH A . 
D 3 HOH 80  80   80   HOH HOH A . 
D 3 HOH 81  81   81   HOH HOH A . 
D 3 HOH 82  82   82   HOH HOH A . 
D 3 HOH 83  83   83   HOH HOH A . 
D 3 HOH 84  84   84   HOH HOH A . 
D 3 HOH 85  85   85   HOH HOH A . 
D 3 HOH 86  86   86   HOH HOH A . 
D 3 HOH 87  87   87   HOH HOH A . 
D 3 HOH 88  88   88   HOH HOH A . 
D 3 HOH 89  89   89   HOH HOH A . 
D 3 HOH 90  90   90   HOH HOH A . 
D 3 HOH 91  91   91   HOH HOH A . 
D 3 HOH 92  92   92   HOH HOH A . 
D 3 HOH 93  93   93   HOH HOH A . 
D 3 HOH 94  94   94   HOH HOH A . 
D 3 HOH 95  95   95   HOH HOH A . 
D 3 HOH 96  96   96   HOH HOH A . 
D 3 HOH 97  97   97   HOH HOH A . 
D 3 HOH 98  98   98   HOH HOH A . 
D 3 HOH 99  99   99   HOH HOH A . 
D 3 HOH 100 100  100  HOH HOH A . 
D 3 HOH 101 101  101  HOH HOH A . 
D 3 HOH 102 102  102  HOH HOH A . 
D 3 HOH 103 103  103  HOH HOH A . 
D 3 HOH 104 104  104  HOH HOH A . 
D 3 HOH 105 105  105  HOH HOH A . 
# 
loop_
_pdbx_struct_assembly.id 
_pdbx_struct_assembly.details 
_pdbx_struct_assembly.method_details 
_pdbx_struct_assembly.oligomeric_details 
_pdbx_struct_assembly.oligomeric_count 
1 author_defined_assembly   ?    monomeric 1 
2 software_defined_assembly PISA dimeric   2 
# 
loop_
_pdbx_struct_assembly_gen.assembly_id 
_pdbx_struct_assembly_gen.oper_expression 
_pdbx_struct_assembly_gen.asym_id_list 
1 1   A,B,C,D 
2 1,2 A,B,C,D 
# 
_pdbx_struct_assembly_prop.biol_id   2 
_pdbx_struct_assembly_prop.type      'ABSA (A^2)' 
_pdbx_struct_assembly_prop.value     1390 
_pdbx_struct_assembly_prop.details   ? 
# 
loop_
_pdbx_struct_oper_list.id 
_pdbx_struct_oper_list.type 
_pdbx_struct_oper_list.name 
_pdbx_struct_oper_list.symmetry_operation 
_pdbx_struct_oper_list.matrix[1][1] 
_pdbx_struct_oper_list.matrix[1][2] 
_pdbx_struct_oper_list.matrix[1][3] 
_pdbx_struct_oper_list.vector[1] 
_pdbx_struct_oper_list.matrix[2][1] 
_pdbx_struct_oper_list.matrix[2][2] 
_pdbx_struct_oper_list.matrix[2][3] 
_pdbx_struct_oper_list.vector[2] 
_pdbx_struct_oper_list.matrix[3][1] 
_pdbx_struct_oper_list.matrix[3][2] 
_pdbx_struct_oper_list.matrix[3][3] 
_pdbx_struct_oper_list.vector[3] 
1 'identity operation'         1_555 x,y,z     1.0000000000 0.0000000000  0.0000000000  0.0000000000 0.0000000000  1.0000000000  0.0000000000 0.0000000000 0.0000000000  0.0000000000 1.0000000000  0.0000000000   
2 'crystal symmetry operation' 2_565 -x,-y+1,z 0.3121598974 -0.9392670531 -0.1425959376 0.4361136604 -0.9392670531 -0.3276561807 0.1020726714 4.8223148643 -0.1425959376 0.1020726714 -0.9845037168 -27.7510753994 
# 
loop_
_pdbx_struct_conn_angle.id 
_pdbx_struct_conn_angle.ptnr1_label_atom_id 
_pdbx_struct_conn_angle.ptnr1_label_alt_id 
_pdbx_struct_conn_angle.ptnr1_label_asym_id 
_pdbx_struct_conn_angle.ptnr1_label_comp_id 
_pdbx_struct_conn_angle.ptnr1_label_seq_id 
_pdbx_struct_conn_angle.ptnr1_auth_atom_id 
_pdbx_struct_conn_angle.ptnr1_auth_asym_id 
_pdbx_struct_conn_angle.ptnr1_auth_comp_id 
_pdbx_struct_conn_angle.ptnr1_auth_seq_id 
_pdbx_struct_conn_angle.ptnr1_PDB_ins_code 
_pdbx_struct_conn_angle.ptnr1_symmetry 
_pdbx_struct_conn_angle.ptnr2_label_atom_id 
_pdbx_struct_conn_angle.ptnr2_label_alt_id 
_pdbx_struct_conn_angle.ptnr2_label_asym_id 
_pdbx_struct_conn_angle.ptnr2_label_comp_id 
_pdbx_struct_conn_angle.ptnr2_label_seq_id 
_pdbx_struct_conn_angle.ptnr2_auth_atom_id 
_pdbx_struct_conn_angle.ptnr2_auth_asym_id 
_pdbx_struct_conn_angle.ptnr2_auth_comp_id 
_pdbx_struct_conn_angle.ptnr2_auth_seq_id 
_pdbx_struct_conn_angle.ptnr2_PDB_ins_code 
_pdbx_struct_conn_angle.ptnr2_symmetry 
_pdbx_struct_conn_angle.ptnr3_label_atom_id 
_pdbx_struct_conn_angle.ptnr3_label_alt_id 
_pdbx_struct_conn_angle.ptnr3_label_asym_id 
_pdbx_struct_conn_angle.ptnr3_label_comp_id 
_pdbx_struct_conn_angle.ptnr3_label_seq_id 
_pdbx_struct_conn_angle.ptnr3_auth_atom_id 
_pdbx_struct_conn_angle.ptnr3_auth_asym_id 
_pdbx_struct_conn_angle.ptnr3_auth_comp_id 
_pdbx_struct_conn_angle.ptnr3_auth_seq_id 
_pdbx_struct_conn_angle.ptnr3_PDB_ins_code 
_pdbx_struct_conn_angle.ptnr3_symmetry 
_pdbx_struct_conn_angle.value 
_pdbx_struct_conn_angle.value_esd 
1  O   ? D HOH .   ? A HOH 6   ? 1_555 CA ? C CA . ? A CA 1002 ? 1_555 O   ? D HOH .   ? A HOH 9   ? 1_555 74.5  ? 
2  O   ? D HOH .   ? A HOH 6   ? 1_555 CA ? C CA . ? A CA 1002 ? 1_555 O   ? D HOH .   ? A HOH 11  ? 1_555 140.6 ? 
3  O   ? D HOH .   ? A HOH 9   ? 1_555 CA ? C CA . ? A CA 1002 ? 1_555 O   ? D HOH .   ? A HOH 11  ? 1_555 69.9  ? 
4  O   ? D HOH .   ? A HOH 6   ? 1_555 CA ? C CA . ? A CA 1002 ? 1_555 O   ? D HOH .   ? A HOH 26  ? 1_555 76.6  ? 
5  O   ? D HOH .   ? A HOH 9   ? 1_555 CA ? C CA . ? A CA 1002 ? 1_555 O   ? D HOH .   ? A HOH 26  ? 1_555 148.8 ? 
6  O   ? D HOH .   ? A HOH 11  ? 1_555 CA ? C CA . ? A CA 1002 ? 1_555 O   ? D HOH .   ? A HOH 26  ? 1_555 141.0 ? 
7  O   ? D HOH .   ? A HOH 6   ? 1_555 CA ? C CA . ? A CA 1002 ? 1_555 O   ? D HOH .   ? A HOH 30  ? 1_555 140.9 ? 
8  O   ? D HOH .   ? A HOH 9   ? 1_555 CA ? C CA . ? A CA 1002 ? 1_555 O   ? D HOH .   ? A HOH 30  ? 1_555 144.2 ? 
9  O   ? D HOH .   ? A HOH 11  ? 1_555 CA ? C CA . ? A CA 1002 ? 1_555 O   ? D HOH .   ? A HOH 30  ? 1_555 77.0  ? 
10 O   ? D HOH .   ? A HOH 26  ? 1_555 CA ? C CA . ? A CA 1002 ? 1_555 O   ? D HOH .   ? A HOH 30  ? 1_555 64.5  ? 
11 O   ? D HOH .   ? A HOH 6   ? 1_555 CA ? C CA . ? A CA 1002 ? 1_555 OD1 ? A ASP 55  ? A ASP 552 ? 1_555 81.0  ? 
12 O   ? D HOH .   ? A HOH 9   ? 1_555 CA ? C CA . ? A CA 1002 ? 1_555 OD1 ? A ASP 55  ? A ASP 552 ? 1_555 98.2  ? 
13 O   ? D HOH .   ? A HOH 11  ? 1_555 CA ? C CA . ? A CA 1002 ? 1_555 OD1 ? A ASP 55  ? A ASP 552 ? 1_555 87.7  ? 
14 O   ? D HOH .   ? A HOH 26  ? 1_555 CA ? C CA . ? A CA 1002 ? 1_555 OD1 ? A ASP 55  ? A ASP 552 ? 1_555 88.8  ? 
15 O   ? D HOH .   ? A HOH 30  ? 1_555 CA ? C CA . ? A CA 1002 ? 1_555 OD1 ? A ASP 55  ? A ASP 552 ? 1_555 93.7  ? 
16 O   ? D HOH .   ? A HOH 6   ? 1_555 CA ? C CA . ? A CA 1002 ? 1_555 OD2 ? A ASP 81  ? A ASP 578 ? 1_555 88.6  ? 
17 O   ? D HOH .   ? A HOH 9   ? 1_555 CA ? C CA . ? A CA 1002 ? 1_555 OD2 ? A ASP 81  ? A ASP 578 ? 1_555 81.2  ? 
18 O   ? D HOH .   ? A HOH 11  ? 1_555 CA ? C CA . ? A CA 1002 ? 1_555 OD2 ? A ASP 81  ? A ASP 578 ? 1_555 102.0 ? 
19 O   ? D HOH .   ? A HOH 26  ? 1_555 CA ? C CA . ? A CA 1002 ? 1_555 OD2 ? A ASP 81  ? A ASP 578 ? 1_555 86.4  ? 
20 O   ? D HOH .   ? A HOH 30  ? 1_555 CA ? C CA . ? A CA 1002 ? 1_555 OD2 ? A ASP 81  ? A ASP 578 ? 1_555 92.8  ? 
21 OD1 ? A ASP 55  ? A ASP 552 ? 1_555 CA ? C CA . ? A CA 1002 ? 1_555 OD2 ? A ASP 81  ? A ASP 578 ? 1_555 169.3 ? 
22 O   ? D HOH .   ? A HOH 8   ? 1_555 CA ? B CA . ? A CA 1001 ? 1_555 O   ? D HOH .   ? A HOH 15  ? 1_555 156.3 ? 
23 O   ? D HOH .   ? A HOH 8   ? 1_555 CA ? B CA . ? A CA 1001 ? 1_555 OE1 ? A GLU 19  ? A GLU 516 ? 1_555 112.6 ? 
24 O   ? D HOH .   ? A HOH 15  ? 1_555 CA ? B CA . ? A CA 1001 ? 1_555 OE1 ? A GLU 19  ? A GLU 516 ? 1_555 80.1  ? 
25 O   ? D HOH .   ? A HOH 8   ? 1_555 CA ? B CA . ? A CA 1001 ? 1_555 OE2 ? A GLU 19  ? A GLU 516 ? 1_555 80.9  ? 
26 O   ? D HOH .   ? A HOH 15  ? 1_555 CA ? B CA . ? A CA 1001 ? 1_555 OE2 ? A GLU 19  ? A GLU 516 ? 1_555 93.2  ? 
27 OE1 ? A GLU 19  ? A GLU 516 ? 1_555 CA ? B CA . ? A CA 1001 ? 1_555 OE2 ? A GLU 19  ? A GLU 516 ? 1_555 51.8  ? 
28 O   ? D HOH .   ? A HOH 8   ? 1_555 CA ? B CA . ? A CA 1001 ? 1_555 OD1 ? A ASP 81  ? A ASP 578 ? 1_555 78.4  ? 
29 O   ? D HOH .   ? A HOH 15  ? 1_555 CA ? B CA . ? A CA 1001 ? 1_555 OD1 ? A ASP 81  ? A ASP 578 ? 1_555 77.9  ? 
30 OE1 ? A GLU 19  ? A GLU 516 ? 1_555 CA ? B CA . ? A CA 1001 ? 1_555 OD1 ? A ASP 81  ? A ASP 578 ? 1_555 117.8 ? 
31 OE2 ? A GLU 19  ? A GLU 516 ? 1_555 CA ? B CA . ? A CA 1001 ? 1_555 OD1 ? A ASP 81  ? A ASP 578 ? 1_555 72.3  ? 
32 O   ? D HOH .   ? A HOH 8   ? 1_555 CA ? B CA . ? A CA 1001 ? 1_555 O   ? A GLU 83  ? A GLU 580 ? 1_555 87.1  ? 
33 O   ? D HOH .   ? A HOH 15  ? 1_555 CA ? B CA . ? A CA 1001 ? 1_555 O   ? A GLU 83  ? A GLU 580 ? 1_555 89.0  ? 
34 OE1 ? A GLU 19  ? A GLU 516 ? 1_555 CA ? B CA . ? A CA 1001 ? 1_555 O   ? A GLU 83  ? A GLU 580 ? 1_555 152.5 ? 
35 OE2 ? A GLU 19  ? A GLU 516 ? 1_555 CA ? B CA . ? A CA 1001 ? 1_555 O   ? A GLU 83  ? A GLU 580 ? 1_555 154.9 ? 
36 OD1 ? A ASP 81  ? A ASP 578 ? 1_555 CA ? B CA . ? A CA 1001 ? 1_555 O   ? A GLU 83  ? A GLU 580 ? 1_555 83.8  ? 
37 O   ? D HOH .   ? A HOH 8   ? 1_555 CA ? B CA . ? A CA 1001 ? 1_555 OE1 ? A GLU 186 ? A GLU 648 ? 1_555 77.9  ? 
38 O   ? D HOH .   ? A HOH 15  ? 1_555 CA ? B CA . ? A CA 1001 ? 1_555 OE1 ? A GLU 186 ? A GLU 648 ? 1_555 125.0 ? 
39 OE1 ? A GLU 19  ? A GLU 516 ? 1_555 CA ? B CA . ? A CA 1001 ? 1_555 OE1 ? A GLU 186 ? A GLU 648 ? 1_555 80.8  ? 
40 OE2 ? A GLU 19  ? A GLU 516 ? 1_555 CA ? B CA . ? A CA 1001 ? 1_555 OE1 ? A GLU 186 ? A GLU 648 ? 1_555 113.4 ? 
41 OD1 ? A ASP 81  ? A ASP 578 ? 1_555 CA ? B CA . ? A CA 1001 ? 1_555 OE1 ? A GLU 186 ? A GLU 648 ? 1_555 154.3 ? 
42 O   ? A GLU 83  ? A GLU 580 ? 1_555 CA ? B CA . ? A CA 1001 ? 1_555 OE1 ? A GLU 186 ? A GLU 648 ? 1_555 85.2  ? 
43 O   ? D HOH .   ? A HOH 8   ? 1_555 CA ? B CA . ? A CA 1001 ? 1_555 OE2 ? A GLU 186 ? A GLU 648 ? 1_555 127.0 ? 
44 O   ? D HOH .   ? A HOH 15  ? 1_555 CA ? B CA . ? A CA 1001 ? 1_555 OE2 ? A GLU 186 ? A GLU 648 ? 1_555 74.8  ? 
45 OE1 ? A GLU 19  ? A GLU 516 ? 1_555 CA ? B CA . ? A CA 1001 ? 1_555 OE2 ? A GLU 186 ? A GLU 648 ? 1_555 74.3  ? 
46 OE2 ? A GLU 19  ? A GLU 516 ? 1_555 CA ? B CA . ? A CA 1001 ? 1_555 OE2 ? A GLU 186 ? A GLU 648 ? 1_555 126.1 ? 
47 OD1 ? A ASP 81  ? A ASP 578 ? 1_555 CA ? B CA . ? A CA 1001 ? 1_555 OE2 ? A GLU 186 ? A GLU 648 ? 1_555 147.5 ? 
48 O   ? A GLU 83  ? A GLU 580 ? 1_555 CA ? B CA . ? A CA 1001 ? 1_555 OE2 ? A GLU 186 ? A GLU 648 ? 1_555 78.5  ? 
49 OE1 ? A GLU 186 ? A GLU 648 ? 1_555 CA ? B CA . ? A CA 1001 ? 1_555 OE2 ? A GLU 186 ? A GLU 648 ? 1_555 50.5  ? 
# 
loop_
_pdbx_audit_revision_history.ordinal 
_pdbx_audit_revision_history.data_content_type 
_pdbx_audit_revision_history.major_revision 
_pdbx_audit_revision_history.minor_revision 
_pdbx_audit_revision_history.revision_date 
1 'Structure model' 1 0 2007-11-13 
2 'Structure model' 1 1 2011-07-13 
3 'Structure model' 1 2 2023-08-30 
# 
_pdbx_audit_revision_details.ordinal             1 
_pdbx_audit_revision_details.revision_ordinal    1 
_pdbx_audit_revision_details.data_content_type   'Structure model' 
_pdbx_audit_revision_details.provider            repository 
_pdbx_audit_revision_details.type                'Initial release' 
_pdbx_audit_revision_details.description         ? 
_pdbx_audit_revision_details.details             ? 
# 
loop_
_pdbx_audit_revision_group.ordinal 
_pdbx_audit_revision_group.revision_ordinal 
_pdbx_audit_revision_group.data_content_type 
_pdbx_audit_revision_group.group 
1 2 'Structure model' 'Version format compliance' 
2 3 'Structure model' 'Data collection'           
3 3 'Structure model' 'Database references'       
4 3 'Structure model' 'Derived calculations'      
5 3 'Structure model' 'Refinement description'    
# 
loop_
_pdbx_audit_revision_category.ordinal 
_pdbx_audit_revision_category.revision_ordinal 
_pdbx_audit_revision_category.data_content_type 
_pdbx_audit_revision_category.category 
1 3 'Structure model' chem_comp_atom                
2 3 'Structure model' chem_comp_bond                
3 3 'Structure model' database_2                    
4 3 'Structure model' pdbx_initial_refinement_model 
5 3 'Structure model' pdbx_struct_conn_angle        
6 3 'Structure model' struct_conn                   
7 3 'Structure model' struct_ref_seq_dif            
8 3 'Structure model' struct_site                   
# 
loop_
_pdbx_audit_revision_item.ordinal 
_pdbx_audit_revision_item.revision_ordinal 
_pdbx_audit_revision_item.data_content_type 
_pdbx_audit_revision_item.item 
1  3 'Structure model' '_database_2.pdbx_DOI'                        
2  3 'Structure model' '_database_2.pdbx_database_accession'         
3  3 'Structure model' '_pdbx_struct_conn_angle.ptnr1_auth_comp_id'  
4  3 'Structure model' '_pdbx_struct_conn_angle.ptnr1_auth_seq_id'   
5  3 'Structure model' '_pdbx_struct_conn_angle.ptnr1_label_asym_id' 
6  3 'Structure model' '_pdbx_struct_conn_angle.ptnr1_label_atom_id' 
7  3 'Structure model' '_pdbx_struct_conn_angle.ptnr1_label_comp_id' 
8  3 'Structure model' '_pdbx_struct_conn_angle.ptnr1_label_seq_id'  
9  3 'Structure model' '_pdbx_struct_conn_angle.ptnr2_auth_seq_id'   
10 3 'Structure model' '_pdbx_struct_conn_angle.ptnr2_label_asym_id' 
11 3 'Structure model' '_pdbx_struct_conn_angle.ptnr3_auth_comp_id'  
12 3 'Structure model' '_pdbx_struct_conn_angle.ptnr3_auth_seq_id'   
13 3 'Structure model' '_pdbx_struct_conn_angle.ptnr3_label_asym_id' 
14 3 'Structure model' '_pdbx_struct_conn_angle.ptnr3_label_atom_id' 
15 3 'Structure model' '_pdbx_struct_conn_angle.ptnr3_label_comp_id' 
16 3 'Structure model' '_pdbx_struct_conn_angle.ptnr3_label_seq_id'  
17 3 'Structure model' '_pdbx_struct_conn_angle.value'               
18 3 'Structure model' '_struct_conn.pdbx_dist_value'                
19 3 'Structure model' '_struct_conn.ptnr1_auth_comp_id'             
20 3 'Structure model' '_struct_conn.ptnr1_auth_seq_id'              
21 3 'Structure model' '_struct_conn.ptnr1_label_asym_id'            
22 3 'Structure model' '_struct_conn.ptnr1_label_atom_id'            
23 3 'Structure model' '_struct_conn.ptnr1_label_comp_id'            
24 3 'Structure model' '_struct_conn.ptnr1_label_seq_id'             
25 3 'Structure model' '_struct_conn.ptnr2_auth_comp_id'             
26 3 'Structure model' '_struct_conn.ptnr2_auth_seq_id'              
27 3 'Structure model' '_struct_conn.ptnr2_label_asym_id'            
28 3 'Structure model' '_struct_conn.ptnr2_label_atom_id'            
29 3 'Structure model' '_struct_conn.ptnr2_label_comp_id'            
30 3 'Structure model' '_struct_ref_seq_dif.details'                 
31 3 'Structure model' '_struct_site.pdbx_auth_asym_id'              
32 3 'Structure model' '_struct_site.pdbx_auth_comp_id'              
33 3 'Structure model' '_struct_site.pdbx_auth_seq_id'               
# 
loop_
_software.name 
_software.classification 
_software.version 
_software.citation_id 
_software.pdbx_ordinal 
HKL-2000  'data collection' .   ? 1 
PHASER    phasing           .   ? 2 
REFMAC    refinement        5.2 ? 3 
DENZO     'data reduction'  .   ? 4 
SCALEPACK 'data scaling'    .   ? 5 
# 
loop_
_pdbx_validate_torsion.id 
_pdbx_validate_torsion.PDB_model_num 
_pdbx_validate_torsion.auth_comp_id 
_pdbx_validate_torsion.auth_asym_id 
_pdbx_validate_torsion.auth_seq_id 
_pdbx_validate_torsion.PDB_ins_code 
_pdbx_validate_torsion.label_alt_id 
_pdbx_validate_torsion.phi 
_pdbx_validate_torsion.psi 
1 1 GLU A 551 ? ? -75.52 -73.05 
2 1 GLU A 551 ? ? -76.37 -72.19 
# 
loop_
_pdbx_unobs_or_zero_occ_residues.id 
_pdbx_unobs_or_zero_occ_residues.PDB_model_num 
_pdbx_unobs_or_zero_occ_residues.polymer_flag 
_pdbx_unobs_or_zero_occ_residues.occupancy_flag 
_pdbx_unobs_or_zero_occ_residues.auth_asym_id 
_pdbx_unobs_or_zero_occ_residues.auth_comp_id 
_pdbx_unobs_or_zero_occ_residues.auth_seq_id 
_pdbx_unobs_or_zero_occ_residues.PDB_ins_code 
_pdbx_unobs_or_zero_occ_residues.label_asym_id 
_pdbx_unobs_or_zero_occ_residues.label_comp_id 
_pdbx_unobs_or_zero_occ_residues.label_seq_id 
1  1 Y 1 A GLY 498 ? A GLY 1   
2  1 Y 1 A PRO 499 ? A PRO 2   
3  1 Y 1 A GLY 500 ? A GLY 3   
4  1 Y 1 A GLU 597 A A GLU 101 
5  1 Y 1 A MET 597 B A MET 102 
6  1 Y 1 A SER 597 C A SER 103 
7  1 Y 1 A GLU 597 D A GLU 104 
8  1 Y 1 A LYS 597 E A LYS 105 
9  1 Y 1 A LYS 597 F A LYS 106 
10 1 Y 1 A ALA 597 G A ALA 107 
11 1 Y 1 A LEU 597 H A LEU 108 
12 1 Y 1 A LEU 597 I A LEU 109 
13 1 Y 1 A LEU 597 J A LEU 110 
14 1 Y 1 A ASN 597 K A ASN 111 
15 1 Y 1 A GLU 597 L A GLU 112 
16 1 Y 1 A LEU 597 M A LEU 113 
17 1 Y 1 A GLY 597 N A GLY 114 
18 1 Y 1 A GLY 597 O A GLY 115 
19 1 Y 1 A PHE 597 P A PHE 116 
20 1 Y 1 A THR 597 Q A THR 117 
21 1 Y 1 A ILE 597 R A ILE 118 
22 1 Y 1 A THR 597 S A THR 119 
23 1 Y 1 A GLY 597 T A GLY 120 
24 1 Y 1 A LYS 597 U A LYS 121 
25 1 Y 1 A TYR 597 V A TYR 122 
26 1 Y 1 A LEU 597 W A LEU 123 
27 1 Y 1 A TYR 597 X A TYR 124 
28 1 Y 1 A GLY 597 Y A GLY 125 
29 1 Y 1 A GLN 597 Z A GLN 126 
30 1 Y 1 A PRO 598 A A PRO 127 
31 1 Y 1 A VAL 598 B A VAL 128 
32 1 Y 1 A PHE 598 C A PHE 129 
33 1 Y 1 A ARG 598 D A ARG 130 
34 1 Y 1 A LYS 598 E A LYS 131 
35 1 Y 1 A VAL 598 F A VAL 132 
36 1 Y 1 A HIS 598 G A HIS 133 
37 1 Y 1 A ALA 598 H A ALA 134 
38 1 Y 1 A ARG 598 I A ARG 135 
39 1 Y 1 A GLU 598 J A GLU 136 
40 1 Y 1 A HIS 598 K A HIS 137 
41 1 Y 1 A PRO 598 L A PRO 138 
42 1 Y 1 A ILE 598 M A ILE 139 
43 1 Y 1 A PRO 598 N A PRO 140 
44 1 Y 1 A SER 598 O A SER 141 
45 1 Y 1 A THR 598 P A THR 142 
46 1 Y 1 A VAL 598 Q A VAL 143 
47 1 Y 1 A ILE 598 R A ILE 144 
48 1 Y 1 A THR 598 S A THR 145 
49 1 Y 1 A ILE 598 T A ILE 146 
50 1 Y 1 A ALA 598 U A ALA 147 
51 1 Y 1 A GLU 598 V A GLU 148 
52 1 Y 1 A GLU 598 W A GLU 149 
53 1 Y 1 A TYR 598 X A TYR 150 
54 1 Y 1 A ASP 598 Y A ASP 151 
55 1 Y 1 A ASP 598 Z A ASP 152 
56 1 Y 1 A LYS 599 A A LYS 153 
57 1 Y 1 A GLN 599 B A GLN 154 
58 1 Y 1 A PRO 599 C A PRO 155 
59 1 Y 1 A LEU 599 D A LEU 156 
60 1 Y 1 A THR 599 E A THR 157 
61 1 Y 1 A SER 599 F A SER 158 
62 1 Y 1 A LYS 599 G A LYS 159 
63 1 Y 1 A GLU 599 H A GLU 160 
64 1 Y 1 A GLU 599 I A GLU 161 
65 1 Y 1 A GLU 599 J A GLU 162 
66 1 Y 1 A GLU 599 K A GLU 163 
67 1 Y 1 A ARG 599 L A ARG 164 
68 1 Y 1 A ARG 599 M A ARG 165 
69 1 Y 1 A ILE 599 N A ILE 166 
70 1 Y 1 A ALA 599 O A ALA 167 
71 1 Y 1 A GLU 599 P A GLU 168 
72 1 Y 1 A MET 599 Q A MET 169 
73 1 Y 1 A GLU 651 ? A GLU 189 
74 1 Y 1 A PHE 652 ? A PHE 190 
75 1 Y 1 A LYS 653 ? A LYS 191 
76 1 Y 1 A SER 654 ? A SER 192 
# 
loop_
_chem_comp_atom.comp_id 
_chem_comp_atom.atom_id 
_chem_comp_atom.type_symbol 
_chem_comp_atom.pdbx_aromatic_flag 
_chem_comp_atom.pdbx_stereo_config 
_chem_comp_atom.pdbx_ordinal 
ALA N    N  N N 1   
ALA CA   C  N S 2   
ALA C    C  N N 3   
ALA O    O  N N 4   
ALA CB   C  N N 5   
ALA OXT  O  N N 6   
ALA H    H  N N 7   
ALA H2   H  N N 8   
ALA HA   H  N N 9   
ALA HB1  H  N N 10  
ALA HB2  H  N N 11  
ALA HB3  H  N N 12  
ALA HXT  H  N N 13  
ARG N    N  N N 14  
ARG CA   C  N S 15  
ARG C    C  N N 16  
ARG O    O  N N 17  
ARG CB   C  N N 18  
ARG CG   C  N N 19  
ARG CD   C  N N 20  
ARG NE   N  N N 21  
ARG CZ   C  N N 22  
ARG NH1  N  N N 23  
ARG NH2  N  N N 24  
ARG OXT  O  N N 25  
ARG H    H  N N 26  
ARG H2   H  N N 27  
ARG HA   H  N N 28  
ARG HB2  H  N N 29  
ARG HB3  H  N N 30  
ARG HG2  H  N N 31  
ARG HG3  H  N N 32  
ARG HD2  H  N N 33  
ARG HD3  H  N N 34  
ARG HE   H  N N 35  
ARG HH11 H  N N 36  
ARG HH12 H  N N 37  
ARG HH21 H  N N 38  
ARG HH22 H  N N 39  
ARG HXT  H  N N 40  
ASN N    N  N N 41  
ASN CA   C  N S 42  
ASN C    C  N N 43  
ASN O    O  N N 44  
ASN CB   C  N N 45  
ASN CG   C  N N 46  
ASN OD1  O  N N 47  
ASN ND2  N  N N 48  
ASN OXT  O  N N 49  
ASN H    H  N N 50  
ASN H2   H  N N 51  
ASN HA   H  N N 52  
ASN HB2  H  N N 53  
ASN HB3  H  N N 54  
ASN HD21 H  N N 55  
ASN HD22 H  N N 56  
ASN HXT  H  N N 57  
ASP N    N  N N 58  
ASP CA   C  N S 59  
ASP C    C  N N 60  
ASP O    O  N N 61  
ASP CB   C  N N 62  
ASP CG   C  N N 63  
ASP OD1  O  N N 64  
ASP OD2  O  N N 65  
ASP OXT  O  N N 66  
ASP H    H  N N 67  
ASP H2   H  N N 68  
ASP HA   H  N N 69  
ASP HB2  H  N N 70  
ASP HB3  H  N N 71  
ASP HD2  H  N N 72  
ASP HXT  H  N N 73  
CA  CA   CA N N 74  
CYS N    N  N N 75  
CYS CA   C  N R 76  
CYS C    C  N N 77  
CYS O    O  N N 78  
CYS CB   C  N N 79  
CYS SG   S  N N 80  
CYS OXT  O  N N 81  
CYS H    H  N N 82  
CYS H2   H  N N 83  
CYS HA   H  N N 84  
CYS HB2  H  N N 85  
CYS HB3  H  N N 86  
CYS HG   H  N N 87  
CYS HXT  H  N N 88  
GLN N    N  N N 89  
GLN CA   C  N S 90  
GLN C    C  N N 91  
GLN O    O  N N 92  
GLN CB   C  N N 93  
GLN CG   C  N N 94  
GLN CD   C  N N 95  
GLN OE1  O  N N 96  
GLN NE2  N  N N 97  
GLN OXT  O  N N 98  
GLN H    H  N N 99  
GLN H2   H  N N 100 
GLN HA   H  N N 101 
GLN HB2  H  N N 102 
GLN HB3  H  N N 103 
GLN HG2  H  N N 104 
GLN HG3  H  N N 105 
GLN HE21 H  N N 106 
GLN HE22 H  N N 107 
GLN HXT  H  N N 108 
GLU N    N  N N 109 
GLU CA   C  N S 110 
GLU C    C  N N 111 
GLU O    O  N N 112 
GLU CB   C  N N 113 
GLU CG   C  N N 114 
GLU CD   C  N N 115 
GLU OE1  O  N N 116 
GLU OE2  O  N N 117 
GLU OXT  O  N N 118 
GLU H    H  N N 119 
GLU H2   H  N N 120 
GLU HA   H  N N 121 
GLU HB2  H  N N 122 
GLU HB3  H  N N 123 
GLU HG2  H  N N 124 
GLU HG3  H  N N 125 
GLU HE2  H  N N 126 
GLU HXT  H  N N 127 
GLY N    N  N N 128 
GLY CA   C  N N 129 
GLY C    C  N N 130 
GLY O    O  N N 131 
GLY OXT  O  N N 132 
GLY H    H  N N 133 
GLY H2   H  N N 134 
GLY HA2  H  N N 135 
GLY HA3  H  N N 136 
GLY HXT  H  N N 137 
HIS N    N  N N 138 
HIS CA   C  N S 139 
HIS C    C  N N 140 
HIS O    O  N N 141 
HIS CB   C  N N 142 
HIS CG   C  Y N 143 
HIS ND1  N  Y N 144 
HIS CD2  C  Y N 145 
HIS CE1  C  Y N 146 
HIS NE2  N  Y N 147 
HIS OXT  O  N N 148 
HIS H    H  N N 149 
HIS H2   H  N N 150 
HIS HA   H  N N 151 
HIS HB2  H  N N 152 
HIS HB3  H  N N 153 
HIS HD1  H  N N 154 
HIS HD2  H  N N 155 
HIS HE1  H  N N 156 
HIS HE2  H  N N 157 
HIS HXT  H  N N 158 
HOH O    O  N N 159 
HOH H1   H  N N 160 
HOH H2   H  N N 161 
ILE N    N  N N 162 
ILE CA   C  N S 163 
ILE C    C  N N 164 
ILE O    O  N N 165 
ILE CB   C  N S 166 
ILE CG1  C  N N 167 
ILE CG2  C  N N 168 
ILE CD1  C  N N 169 
ILE OXT  O  N N 170 
ILE H    H  N N 171 
ILE H2   H  N N 172 
ILE HA   H  N N 173 
ILE HB   H  N N 174 
ILE HG12 H  N N 175 
ILE HG13 H  N N 176 
ILE HG21 H  N N 177 
ILE HG22 H  N N 178 
ILE HG23 H  N N 179 
ILE HD11 H  N N 180 
ILE HD12 H  N N 181 
ILE HD13 H  N N 182 
ILE HXT  H  N N 183 
LEU N    N  N N 184 
LEU CA   C  N S 185 
LEU C    C  N N 186 
LEU O    O  N N 187 
LEU CB   C  N N 188 
LEU CG   C  N N 189 
LEU CD1  C  N N 190 
LEU CD2  C  N N 191 
LEU OXT  O  N N 192 
LEU H    H  N N 193 
LEU H2   H  N N 194 
LEU HA   H  N N 195 
LEU HB2  H  N N 196 
LEU HB3  H  N N 197 
LEU HG   H  N N 198 
LEU HD11 H  N N 199 
LEU HD12 H  N N 200 
LEU HD13 H  N N 201 
LEU HD21 H  N N 202 
LEU HD22 H  N N 203 
LEU HD23 H  N N 204 
LEU HXT  H  N N 205 
LYS N    N  N N 206 
LYS CA   C  N S 207 
LYS C    C  N N 208 
LYS O    O  N N 209 
LYS CB   C  N N 210 
LYS CG   C  N N 211 
LYS CD   C  N N 212 
LYS CE   C  N N 213 
LYS NZ   N  N N 214 
LYS OXT  O  N N 215 
LYS H    H  N N 216 
LYS H2   H  N N 217 
LYS HA   H  N N 218 
LYS HB2  H  N N 219 
LYS HB3  H  N N 220 
LYS HG2  H  N N 221 
LYS HG3  H  N N 222 
LYS HD2  H  N N 223 
LYS HD3  H  N N 224 
LYS HE2  H  N N 225 
LYS HE3  H  N N 226 
LYS HZ1  H  N N 227 
LYS HZ2  H  N N 228 
LYS HZ3  H  N N 229 
LYS HXT  H  N N 230 
MET N    N  N N 231 
MET CA   C  N S 232 
MET C    C  N N 233 
MET O    O  N N 234 
MET CB   C  N N 235 
MET CG   C  N N 236 
MET SD   S  N N 237 
MET CE   C  N N 238 
MET OXT  O  N N 239 
MET H    H  N N 240 
MET H2   H  N N 241 
MET HA   H  N N 242 
MET HB2  H  N N 243 
MET HB3  H  N N 244 
MET HG2  H  N N 245 
MET HG3  H  N N 246 
MET HE1  H  N N 247 
MET HE2  H  N N 248 
MET HE3  H  N N 249 
MET HXT  H  N N 250 
PHE N    N  N N 251 
PHE CA   C  N S 252 
PHE C    C  N N 253 
PHE O    O  N N 254 
PHE CB   C  N N 255 
PHE CG   C  Y N 256 
PHE CD1  C  Y N 257 
PHE CD2  C  Y N 258 
PHE CE1  C  Y N 259 
PHE CE2  C  Y N 260 
PHE CZ   C  Y N 261 
PHE OXT  O  N N 262 
PHE H    H  N N 263 
PHE H2   H  N N 264 
PHE HA   H  N N 265 
PHE HB2  H  N N 266 
PHE HB3  H  N N 267 
PHE HD1  H  N N 268 
PHE HD2  H  N N 269 
PHE HE1  H  N N 270 
PHE HE2  H  N N 271 
PHE HZ   H  N N 272 
PHE HXT  H  N N 273 
PRO N    N  N N 274 
PRO CA   C  N S 275 
PRO C    C  N N 276 
PRO O    O  N N 277 
PRO CB   C  N N 278 
PRO CG   C  N N 279 
PRO CD   C  N N 280 
PRO OXT  O  N N 281 
PRO H    H  N N 282 
PRO HA   H  N N 283 
PRO HB2  H  N N 284 
PRO HB3  H  N N 285 
PRO HG2  H  N N 286 
PRO HG3  H  N N 287 
PRO HD2  H  N N 288 
PRO HD3  H  N N 289 
PRO HXT  H  N N 290 
SER N    N  N N 291 
SER CA   C  N S 292 
SER C    C  N N 293 
SER O    O  N N 294 
SER CB   C  N N 295 
SER OG   O  N N 296 
SER OXT  O  N N 297 
SER H    H  N N 298 
SER H2   H  N N 299 
SER HA   H  N N 300 
SER HB2  H  N N 301 
SER HB3  H  N N 302 
SER HG   H  N N 303 
SER HXT  H  N N 304 
THR N    N  N N 305 
THR CA   C  N S 306 
THR C    C  N N 307 
THR O    O  N N 308 
THR CB   C  N R 309 
THR OG1  O  N N 310 
THR CG2  C  N N 311 
THR OXT  O  N N 312 
THR H    H  N N 313 
THR H2   H  N N 314 
THR HA   H  N N 315 
THR HB   H  N N 316 
THR HG1  H  N N 317 
THR HG21 H  N N 318 
THR HG22 H  N N 319 
THR HG23 H  N N 320 
THR HXT  H  N N 321 
TYR N    N  N N 322 
TYR CA   C  N S 323 
TYR C    C  N N 324 
TYR O    O  N N 325 
TYR CB   C  N N 326 
TYR CG   C  Y N 327 
TYR CD1  C  Y N 328 
TYR CD2  C  Y N 329 
TYR CE1  C  Y N 330 
TYR CE2  C  Y N 331 
TYR CZ   C  Y N 332 
TYR OH   O  N N 333 
TYR OXT  O  N N 334 
TYR H    H  N N 335 
TYR H2   H  N N 336 
TYR HA   H  N N 337 
TYR HB2  H  N N 338 
TYR HB3  H  N N 339 
TYR HD1  H  N N 340 
TYR HD2  H  N N 341 
TYR HE1  H  N N 342 
TYR HE2  H  N N 343 
TYR HH   H  N N 344 
TYR HXT  H  N N 345 
VAL N    N  N N 346 
VAL CA   C  N S 347 
VAL C    C  N N 348 
VAL O    O  N N 349 
VAL CB   C  N N 350 
VAL CG1  C  N N 351 
VAL CG2  C  N N 352 
VAL OXT  O  N N 353 
VAL H    H  N N 354 
VAL H2   H  N N 355 
VAL HA   H  N N 356 
VAL HB   H  N N 357 
VAL HG11 H  N N 358 
VAL HG12 H  N N 359 
VAL HG13 H  N N 360 
VAL HG21 H  N N 361 
VAL HG22 H  N N 362 
VAL HG23 H  N N 363 
VAL HXT  H  N N 364 
# 
loop_
_chem_comp_bond.comp_id 
_chem_comp_bond.atom_id_1 
_chem_comp_bond.atom_id_2 
_chem_comp_bond.value_order 
_chem_comp_bond.pdbx_aromatic_flag 
_chem_comp_bond.pdbx_stereo_config 
_chem_comp_bond.pdbx_ordinal 
ALA N   CA   sing N N 1   
ALA N   H    sing N N 2   
ALA N   H2   sing N N 3   
ALA CA  C    sing N N 4   
ALA CA  CB   sing N N 5   
ALA CA  HA   sing N N 6   
ALA C   O    doub N N 7   
ALA C   OXT  sing N N 8   
ALA CB  HB1  sing N N 9   
ALA CB  HB2  sing N N 10  
ALA CB  HB3  sing N N 11  
ALA OXT HXT  sing N N 12  
ARG N   CA   sing N N 13  
ARG N   H    sing N N 14  
ARG N   H2   sing N N 15  
ARG CA  C    sing N N 16  
ARG CA  CB   sing N N 17  
ARG CA  HA   sing N N 18  
ARG C   O    doub N N 19  
ARG C   OXT  sing N N 20  
ARG CB  CG   sing N N 21  
ARG CB  HB2  sing N N 22  
ARG CB  HB3  sing N N 23  
ARG CG  CD   sing N N 24  
ARG CG  HG2  sing N N 25  
ARG CG  HG3  sing N N 26  
ARG CD  NE   sing N N 27  
ARG CD  HD2  sing N N 28  
ARG CD  HD3  sing N N 29  
ARG NE  CZ   sing N N 30  
ARG NE  HE   sing N N 31  
ARG CZ  NH1  sing N N 32  
ARG CZ  NH2  doub N N 33  
ARG NH1 HH11 sing N N 34  
ARG NH1 HH12 sing N N 35  
ARG NH2 HH21 sing N N 36  
ARG NH2 HH22 sing N N 37  
ARG OXT HXT  sing N N 38  
ASN N   CA   sing N N 39  
ASN N   H    sing N N 40  
ASN N   H2   sing N N 41  
ASN CA  C    sing N N 42  
ASN CA  CB   sing N N 43  
ASN CA  HA   sing N N 44  
ASN C   O    doub N N 45  
ASN C   OXT  sing N N 46  
ASN CB  CG   sing N N 47  
ASN CB  HB2  sing N N 48  
ASN CB  HB3  sing N N 49  
ASN CG  OD1  doub N N 50  
ASN CG  ND2  sing N N 51  
ASN ND2 HD21 sing N N 52  
ASN ND2 HD22 sing N N 53  
ASN OXT HXT  sing N N 54  
ASP N   CA   sing N N 55  
ASP N   H    sing N N 56  
ASP N   H2   sing N N 57  
ASP CA  C    sing N N 58  
ASP CA  CB   sing N N 59  
ASP CA  HA   sing N N 60  
ASP C   O    doub N N 61  
ASP C   OXT  sing N N 62  
ASP CB  CG   sing N N 63  
ASP CB  HB2  sing N N 64  
ASP CB  HB3  sing N N 65  
ASP CG  OD1  doub N N 66  
ASP CG  OD2  sing N N 67  
ASP OD2 HD2  sing N N 68  
ASP OXT HXT  sing N N 69  
CYS N   CA   sing N N 70  
CYS N   H    sing N N 71  
CYS N   H2   sing N N 72  
CYS CA  C    sing N N 73  
CYS CA  CB   sing N N 74  
CYS CA  HA   sing N N 75  
CYS C   O    doub N N 76  
CYS C   OXT  sing N N 77  
CYS CB  SG   sing N N 78  
CYS CB  HB2  sing N N 79  
CYS CB  HB3  sing N N 80  
CYS SG  HG   sing N N 81  
CYS OXT HXT  sing N N 82  
GLN N   CA   sing N N 83  
GLN N   H    sing N N 84  
GLN N   H2   sing N N 85  
GLN CA  C    sing N N 86  
GLN CA  CB   sing N N 87  
GLN CA  HA   sing N N 88  
GLN C   O    doub N N 89  
GLN C   OXT  sing N N 90  
GLN CB  CG   sing N N 91  
GLN CB  HB2  sing N N 92  
GLN CB  HB3  sing N N 93  
GLN CG  CD   sing N N 94  
GLN CG  HG2  sing N N 95  
GLN CG  HG3  sing N N 96  
GLN CD  OE1  doub N N 97  
GLN CD  NE2  sing N N 98  
GLN NE2 HE21 sing N N 99  
GLN NE2 HE22 sing N N 100 
GLN OXT HXT  sing N N 101 
GLU N   CA   sing N N 102 
GLU N   H    sing N N 103 
GLU N   H2   sing N N 104 
GLU CA  C    sing N N 105 
GLU CA  CB   sing N N 106 
GLU CA  HA   sing N N 107 
GLU C   O    doub N N 108 
GLU C   OXT  sing N N 109 
GLU CB  CG   sing N N 110 
GLU CB  HB2  sing N N 111 
GLU CB  HB3  sing N N 112 
GLU CG  CD   sing N N 113 
GLU CG  HG2  sing N N 114 
GLU CG  HG3  sing N N 115 
GLU CD  OE1  doub N N 116 
GLU CD  OE2  sing N N 117 
GLU OE2 HE2  sing N N 118 
GLU OXT HXT  sing N N 119 
GLY N   CA   sing N N 120 
GLY N   H    sing N N 121 
GLY N   H2   sing N N 122 
GLY CA  C    sing N N 123 
GLY CA  HA2  sing N N 124 
GLY CA  HA3  sing N N 125 
GLY C   O    doub N N 126 
GLY C   OXT  sing N N 127 
GLY OXT HXT  sing N N 128 
HIS N   CA   sing N N 129 
HIS N   H    sing N N 130 
HIS N   H2   sing N N 131 
HIS CA  C    sing N N 132 
HIS CA  CB   sing N N 133 
HIS CA  HA   sing N N 134 
HIS C   O    doub N N 135 
HIS C   OXT  sing N N 136 
HIS CB  CG   sing N N 137 
HIS CB  HB2  sing N N 138 
HIS CB  HB3  sing N N 139 
HIS CG  ND1  sing Y N 140 
HIS CG  CD2  doub Y N 141 
HIS ND1 CE1  doub Y N 142 
HIS ND1 HD1  sing N N 143 
HIS CD2 NE2  sing Y N 144 
HIS CD2 HD2  sing N N 145 
HIS CE1 NE2  sing Y N 146 
HIS CE1 HE1  sing N N 147 
HIS NE2 HE2  sing N N 148 
HIS OXT HXT  sing N N 149 
HOH O   H1   sing N N 150 
HOH O   H2   sing N N 151 
ILE N   CA   sing N N 152 
ILE N   H    sing N N 153 
ILE N   H2   sing N N 154 
ILE CA  C    sing N N 155 
ILE CA  CB   sing N N 156 
ILE CA  HA   sing N N 157 
ILE C   O    doub N N 158 
ILE C   OXT  sing N N 159 
ILE CB  CG1  sing N N 160 
ILE CB  CG2  sing N N 161 
ILE CB  HB   sing N N 162 
ILE CG1 CD1  sing N N 163 
ILE CG1 HG12 sing N N 164 
ILE CG1 HG13 sing N N 165 
ILE CG2 HG21 sing N N 166 
ILE CG2 HG22 sing N N 167 
ILE CG2 HG23 sing N N 168 
ILE CD1 HD11 sing N N 169 
ILE CD1 HD12 sing N N 170 
ILE CD1 HD13 sing N N 171 
ILE OXT HXT  sing N N 172 
LEU N   CA   sing N N 173 
LEU N   H    sing N N 174 
LEU N   H2   sing N N 175 
LEU CA  C    sing N N 176 
LEU CA  CB   sing N N 177 
LEU CA  HA   sing N N 178 
LEU C   O    doub N N 179 
LEU C   OXT  sing N N 180 
LEU CB  CG   sing N N 181 
LEU CB  HB2  sing N N 182 
LEU CB  HB3  sing N N 183 
LEU CG  CD1  sing N N 184 
LEU CG  CD2  sing N N 185 
LEU CG  HG   sing N N 186 
LEU CD1 HD11 sing N N 187 
LEU CD1 HD12 sing N N 188 
LEU CD1 HD13 sing N N 189 
LEU CD2 HD21 sing N N 190 
LEU CD2 HD22 sing N N 191 
LEU CD2 HD23 sing N N 192 
LEU OXT HXT  sing N N 193 
LYS N   CA   sing N N 194 
LYS N   H    sing N N 195 
LYS N   H2   sing N N 196 
LYS CA  C    sing N N 197 
LYS CA  CB   sing N N 198 
LYS CA  HA   sing N N 199 
LYS C   O    doub N N 200 
LYS C   OXT  sing N N 201 
LYS CB  CG   sing N N 202 
LYS CB  HB2  sing N N 203 
LYS CB  HB3  sing N N 204 
LYS CG  CD   sing N N 205 
LYS CG  HG2  sing N N 206 
LYS CG  HG3  sing N N 207 
LYS CD  CE   sing N N 208 
LYS CD  HD2  sing N N 209 
LYS CD  HD3  sing N N 210 
LYS CE  NZ   sing N N 211 
LYS CE  HE2  sing N N 212 
LYS CE  HE3  sing N N 213 
LYS NZ  HZ1  sing N N 214 
LYS NZ  HZ2  sing N N 215 
LYS NZ  HZ3  sing N N 216 
LYS OXT HXT  sing N N 217 
MET N   CA   sing N N 218 
MET N   H    sing N N 219 
MET N   H2   sing N N 220 
MET CA  C    sing N N 221 
MET CA  CB   sing N N 222 
MET CA  HA   sing N N 223 
MET C   O    doub N N 224 
MET C   OXT  sing N N 225 
MET CB  CG   sing N N 226 
MET CB  HB2  sing N N 227 
MET CB  HB3  sing N N 228 
MET CG  SD   sing N N 229 
MET CG  HG2  sing N N 230 
MET CG  HG3  sing N N 231 
MET SD  CE   sing N N 232 
MET CE  HE1  sing N N 233 
MET CE  HE2  sing N N 234 
MET CE  HE3  sing N N 235 
MET OXT HXT  sing N N 236 
PHE N   CA   sing N N 237 
PHE N   H    sing N N 238 
PHE N   H2   sing N N 239 
PHE CA  C    sing N N 240 
PHE CA  CB   sing N N 241 
PHE CA  HA   sing N N 242 
PHE C   O    doub N N 243 
PHE C   OXT  sing N N 244 
PHE CB  CG   sing N N 245 
PHE CB  HB2  sing N N 246 
PHE CB  HB3  sing N N 247 
PHE CG  CD1  doub Y N 248 
PHE CG  CD2  sing Y N 249 
PHE CD1 CE1  sing Y N 250 
PHE CD1 HD1  sing N N 251 
PHE CD2 CE2  doub Y N 252 
PHE CD2 HD2  sing N N 253 
PHE CE1 CZ   doub Y N 254 
PHE CE1 HE1  sing N N 255 
PHE CE2 CZ   sing Y N 256 
PHE CE2 HE2  sing N N 257 
PHE CZ  HZ   sing N N 258 
PHE OXT HXT  sing N N 259 
PRO N   CA   sing N N 260 
PRO N   CD   sing N N 261 
PRO N   H    sing N N 262 
PRO CA  C    sing N N 263 
PRO CA  CB   sing N N 264 
PRO CA  HA   sing N N 265 
PRO C   O    doub N N 266 
PRO C   OXT  sing N N 267 
PRO CB  CG   sing N N 268 
PRO CB  HB2  sing N N 269 
PRO CB  HB3  sing N N 270 
PRO CG  CD   sing N N 271 
PRO CG  HG2  sing N N 272 
PRO CG  HG3  sing N N 273 
PRO CD  HD2  sing N N 274 
PRO CD  HD3  sing N N 275 
PRO OXT HXT  sing N N 276 
SER N   CA   sing N N 277 
SER N   H    sing N N 278 
SER N   H2   sing N N 279 
SER CA  C    sing N N 280 
SER CA  CB   sing N N 281 
SER CA  HA   sing N N 282 
SER C   O    doub N N 283 
SER C   OXT  sing N N 284 
SER CB  OG   sing N N 285 
SER CB  HB2  sing N N 286 
SER CB  HB3  sing N N 287 
SER OG  HG   sing N N 288 
SER OXT HXT  sing N N 289 
THR N   CA   sing N N 290 
THR N   H    sing N N 291 
THR N   H2   sing N N 292 
THR CA  C    sing N N 293 
THR CA  CB   sing N N 294 
THR CA  HA   sing N N 295 
THR C   O    doub N N 296 
THR C   OXT  sing N N 297 
THR CB  OG1  sing N N 298 
THR CB  CG2  sing N N 299 
THR CB  HB   sing N N 300 
THR OG1 HG1  sing N N 301 
THR CG2 HG21 sing N N 302 
THR CG2 HG22 sing N N 303 
THR CG2 HG23 sing N N 304 
THR OXT HXT  sing N N 305 
TYR N   CA   sing N N 306 
TYR N   H    sing N N 307 
TYR N   H2   sing N N 308 
TYR CA  C    sing N N 309 
TYR CA  CB   sing N N 310 
TYR CA  HA   sing N N 311 
TYR C   O    doub N N 312 
TYR C   OXT  sing N N 313 
TYR CB  CG   sing N N 314 
TYR CB  HB2  sing N N 315 
TYR CB  HB3  sing N N 316 
TYR CG  CD1  doub Y N 317 
TYR CG  CD2  sing Y N 318 
TYR CD1 CE1  sing Y N 319 
TYR CD1 HD1  sing N N 320 
TYR CD2 CE2  doub Y N 321 
TYR CD2 HD2  sing N N 322 
TYR CE1 CZ   doub Y N 323 
TYR CE1 HE1  sing N N 324 
TYR CE2 CZ   sing Y N 325 
TYR CE2 HE2  sing N N 326 
TYR CZ  OH   sing N N 327 
TYR OH  HH   sing N N 328 
TYR OXT HXT  sing N N 329 
VAL N   CA   sing N N 330 
VAL N   H    sing N N 331 
VAL N   H2   sing N N 332 
VAL CA  C    sing N N 333 
VAL CA  CB   sing N N 334 
VAL CA  HA   sing N N 335 
VAL C   O    doub N N 336 
VAL C   OXT  sing N N 337 
VAL CB  CG1  sing N N 338 
VAL CB  CG2  sing N N 339 
VAL CB  HB   sing N N 340 
VAL CG1 HG11 sing N N 341 
VAL CG1 HG12 sing N N 342 
VAL CG1 HG13 sing N N 343 
VAL CG2 HG21 sing N N 344 
VAL CG2 HG22 sing N N 345 
VAL CG2 HG23 sing N N 346 
VAL OXT HXT  sing N N 347 
# 
loop_
_pdbx_entity_nonpoly.entity_id 
_pdbx_entity_nonpoly.name 
_pdbx_entity_nonpoly.comp_id 
2 'CALCIUM ION' CA  
3 water         HOH 
# 
_pdbx_initial_refinement_model.id               1 
_pdbx_initial_refinement_model.entity_id_list   ? 
_pdbx_initial_refinement_model.type             'experimental model' 
_pdbx_initial_refinement_model.source_name      PDB 
_pdbx_initial_refinement_model.accession_code   2QVK 
_pdbx_initial_refinement_model.details          ? 
# 
